data_8TBD
# 
_entry.id   8TBD 
# 
_audit_conform.dict_name       mmcif_pdbx.dic 
_audit_conform.dict_version    5.383 
_audit_conform.dict_location   http://mmcif.pdb.org/dictionaries/ascii/mmcif_pdbx.dic 
# 
loop_
_database_2.database_id 
_database_2.database_code 
_database_2.pdbx_database_accession 
_database_2.pdbx_DOI 
PDB   8TBD         pdb_00008tbd 10.2210/pdb8tbd/pdb 
WWPDB D_1000275284 ?            ?                   
# 
_pdbx_database_status.status_code                     REL 
_pdbx_database_status.status_code_sf                  REL 
_pdbx_database_status.status_code_mr                  ? 
_pdbx_database_status.entry_id                        8TBD 
_pdbx_database_status.recvd_initial_deposition_date   2023-06-28 
_pdbx_database_status.SG_entry                        N 
_pdbx_database_status.deposit_site                    RCSB 
_pdbx_database_status.process_site                    RCSB 
_pdbx_database_status.status_code_cs                  ? 
_pdbx_database_status.status_code_nmr_data            ? 
_pdbx_database_status.methods_development_category    ? 
_pdbx_database_status.pdb_format_compatible           Y 
# 
loop_
_audit_author.name 
_audit_author.pdbx_ordinal 
_audit_author.identifier_ORCID 
'Simmons, C.R.'      1 0000-0002-2290-6132 
'MacCulloch, T.'     2 0000-0001-5875-3361 
'Stephanopoulos, N.' 3 0000-0001-7859-410X 
'Yan, H.'            4 0000-0001-7397-9852 
# 
_citation.abstract                  ? 
_citation.abstract_id_CAS           ? 
_citation.book_id_ISBN              ? 
_citation.book_publisher            ? 
_citation.book_publisher_city       ? 
_citation.book_title                ? 
_citation.coordinate_linkage        ? 
_citation.country                   US 
_citation.database_id_Medline       ? 
_citation.details                   ? 
_citation.id                        primary 
_citation.journal_abbrev            J.Am.Chem.Soc. 
_citation.journal_id_ASTM           JACSAT 
_citation.journal_id_CSD            ? 
_citation.journal_id_ISSN           1520-5126 
_citation.journal_full              ? 
_citation.journal_issue             ? 
_citation.journal_volume            145 
_citation.language                  ? 
_citation.page_first                26075 
_citation.page_last                 26085 
_citation.title                     
;Site-Specific Arrangement and Structure Determination of Minor Groove Binding Molecules in Self-Assembled Three-Dimensional DNA Crystals.
;
_citation.year                      2023 
_citation.database_id_CSD           ? 
_citation.pdbx_database_id_DOI      10.1021/jacs.3c07802 
_citation.pdbx_database_id_PubMed   37987645 
_citation.pdbx_database_id_patent   ? 
_citation.unpublished_flag          ? 
# 
loop_
_citation_author.citation_id 
_citation_author.name 
_citation_author.ordinal 
_citation_author.identifier_ORCID 
primary 'Simmons, C.R.'      1 0000-0002-2290-6132 
primary 'Buchberger, A.'     2 ?                   
primary 'Henry, S.J.W.'      3 0000-0002-5132-3948 
primary 'Novacek, A.'        4 ?                   
primary 'Fahmi, N.E.'        5 ?                   
primary 'MacCulloch, T.'     6 ?                   
primary 'Stephanopoulos, N.' 7 0000-0001-7859-410X 
primary 'Yan, H.'            8 0000-0001-7397-9852 
# 
_cell.angle_alpha                  90.00 
_cell.angle_alpha_esd              ? 
_cell.angle_beta                   90.00 
_cell.angle_beta_esd               ? 
_cell.angle_gamma                  120.00 
_cell.angle_gamma_esd              ? 
_cell.entry_id                     8TBD 
_cell.details                      ? 
_cell.formula_units_Z              ? 
_cell.length_a                     68.345 
_cell.length_a_esd                 ? 
_cell.length_b                     68.345 
_cell.length_b_esd                 ? 
_cell.length_c                     58.400 
_cell.length_c_esd                 ? 
_cell.volume                       ? 
_cell.volume_esd                   ? 
_cell.Z_PDB                        3 
_cell.reciprocal_angle_alpha       ? 
_cell.reciprocal_angle_beta        ? 
_cell.reciprocal_angle_gamma       ? 
_cell.reciprocal_angle_alpha_esd   ? 
_cell.reciprocal_angle_beta_esd    ? 
_cell.reciprocal_angle_gamma_esd   ? 
_cell.reciprocal_length_a          ? 
_cell.reciprocal_length_b          ? 
_cell.reciprocal_length_c          ? 
_cell.reciprocal_length_a_esd      ? 
_cell.reciprocal_length_b_esd      ? 
_cell.reciprocal_length_c_esd      ? 
_cell.pdbx_unique_axis             ? 
_cell.pdbx_esd_method              ? 
# 
_symmetry.entry_id                         8TBD 
_symmetry.cell_setting                     ? 
_symmetry.Int_Tables_number                145 
_symmetry.space_group_name_Hall            ? 
_symmetry.space_group_name_H-M             'P 32' 
_symmetry.pdbx_full_space_group_name_H-M   ? 
# 
loop_
_entity.id 
_entity.type 
_entity.src_method 
_entity.pdbx_description 
_entity.formula_weight 
_entity.pdbx_number_of_molecules 
_entity.pdbx_ec 
_entity.pdbx_mutation 
_entity.pdbx_fragment 
_entity.details 
1 polymer     syn 
;DNA (5'-D(*GP*AP*GP*CP*AP*GP*AP*CP*CP*TP*GP*AP*CP*GP*AP*CP*AP*AP*TP*TP*A)-3')
;
6465.213 1 ? ? ? ? 
2 polymer     syn 
;DNA (5'-D(P*CP*GP*TP*CP*A)-3')
;
1480.012 1 ? ? ? ? 
3 polymer     syn 
;DNA (5'-D(*TP*CP*TP*AP*AP*TP*TP*GP*T*(HT1))-3')
;
2720.808 1 ? ? ? ? 
4 polymer     syn 
;DNA (5'-D(P*GP*GP*TP*CP*TP*GP*C)-3')
;
2129.409 1 ? ? ? ? 
5 non-polymer syn 'CACODYLATE ION'                                                                136.989  4 ? ? ? ? 
6 non-polymer syn 'MAGNESIUM ION'                                                                 24.305   1 ? ? ? ? 
7 non-polymer syn "2'-(4-ETHOXYPHENYL)-5-(4-METHYL-1-PIPERAZINYL)-2,5'-BI-BENZIMIDAZOLE"          452.551  1 ? ? ? ? 
8 water       nat water                                                                           18.015   3 ? ? ? ? 
# 
loop_
_entity_poly.entity_id 
_entity_poly.type 
_entity_poly.nstd_linkage 
_entity_poly.nstd_monomer 
_entity_poly.pdbx_seq_one_letter_code 
_entity_poly.pdbx_seq_one_letter_code_can 
_entity_poly.pdbx_strand_id 
_entity_poly.pdbx_target_identifier 
1 polydeoxyribonucleotide no no 
;(DG)(DA)(DG)(DC)(DA)(DG)(DA)(DC)(DC)(DT)(DG)(DA)(DC)(DG)(DA)(DC)(DA)(DA)(DT)(DT)
(DA)
;
GAGCAGACCTGACGACAATTA A ? 
2 polydeoxyribonucleotide no no '(DC)(DG)(DT)(DC)(DA)'                                                                  CGTCA B ? 
3 polydeoxyribonucleotide no no '(DT)(DC)(DT)(DA)(DA)(DT)(DT)(DG)(DT)'                                                  TCTAATTGT 
C ? 
4 polydeoxyribonucleotide no no '(DG)(DG)(DT)(DC)(DT)(DG)(DC)'                                                          GGTCTGC D 
? 
# 
loop_
_entity_poly_seq.entity_id 
_entity_poly_seq.num 
_entity_poly_seq.mon_id 
_entity_poly_seq.hetero 
1 1  DG n 
1 2  DA n 
1 3  DG n 
1 4  DC n 
1 5  DA n 
1 6  DG n 
1 7  DA n 
1 8  DC n 
1 9  DC n 
1 10 DT n 
1 11 DG n 
1 12 DA n 
1 13 DC n 
1 14 DG n 
1 15 DA n 
1 16 DC n 
1 17 DA n 
1 18 DA n 
1 19 DT n 
1 20 DT n 
1 21 DA n 
2 1  DC n 
2 2  DG n 
2 3  DT n 
2 4  DC n 
2 5  DA n 
3 1  DT n 
3 2  DC n 
3 3  DT n 
3 4  DA n 
3 5  DA n 
3 6  DT n 
3 7  DT n 
3 8  DG n 
3 9  DT n 
4 1  DG n 
4 2  DG n 
4 3  DT n 
4 4  DC n 
4 5  DT n 
4 6  DG n 
4 7  DC n 
# 
loop_
_pdbx_entity_src_syn.entity_id 
_pdbx_entity_src_syn.pdbx_src_id 
_pdbx_entity_src_syn.pdbx_alt_source_flag 
_pdbx_entity_src_syn.pdbx_beg_seq_num 
_pdbx_entity_src_syn.pdbx_end_seq_num 
_pdbx_entity_src_syn.organism_scientific 
_pdbx_entity_src_syn.organism_common_name 
_pdbx_entity_src_syn.ncbi_taxonomy_id 
_pdbx_entity_src_syn.details 
1 1 sample 1 21 'synthetic construct' ? 32630 ? 
2 1 sample 1 5  'synthetic construct' ? 32630 ? 
3 1 sample 1 9  'synthetic construct' ? 32630 ? 
4 1 sample 1 7  'synthetic construct' ? 32630 ? 
# 
loop_
_struct_ref.id 
_struct_ref.db_name 
_struct_ref.db_code 
_struct_ref.pdbx_db_accession 
_struct_ref.pdbx_db_isoform 
_struct_ref.entity_id 
_struct_ref.pdbx_seq_one_letter_code 
_struct_ref.pdbx_align_begin 
1 PDB 8TBD 8TBD ? 1 ? 1 
2 PDB 8TBD 8TBD ? 2 ? 1 
3 PDB 8TBD 8TBD ? 3 ? 1 
4 PDB 8TBD 8TBD ? 4 ? 1 
# 
loop_
_struct_ref_seq.align_id 
_struct_ref_seq.ref_id 
_struct_ref_seq.pdbx_PDB_id_code 
_struct_ref_seq.pdbx_strand_id 
_struct_ref_seq.seq_align_beg 
_struct_ref_seq.pdbx_seq_align_beg_ins_code 
_struct_ref_seq.seq_align_end 
_struct_ref_seq.pdbx_seq_align_end_ins_code 
_struct_ref_seq.pdbx_db_accession 
_struct_ref_seq.db_align_beg 
_struct_ref_seq.pdbx_db_align_beg_ins_code 
_struct_ref_seq.db_align_end 
_struct_ref_seq.pdbx_db_align_end_ins_code 
_struct_ref_seq.pdbx_auth_seq_align_beg 
_struct_ref_seq.pdbx_auth_seq_align_end 
1 1 8TBD A 1 ? 21 ? 8TBD 1  ? 21 ? 1  21 
2 2 8TBD B 1 ? 5  ? 8TBD 1  ? 5  ? 1  5  
3 3 8TBD C 1 ? 9  ? 8TBD 1  ? 9  ? 1  9  
4 4 8TBD D 1 ? 7  ? 8TBD 10 ? 16 ? 10 16 
# 
loop_
_chem_comp.id 
_chem_comp.type 
_chem_comp.mon_nstd_flag 
_chem_comp.name 
_chem_comp.pdbx_synonyms 
_chem_comp.formula 
_chem_comp.formula_weight 
CAC non-polymer   . 'CACODYLATE ION'                                                       dimethylarsinate 'C2 H6 As O2 -1'  
136.989 
DA  'DNA linking' y "2'-DEOXYADENOSINE-5'-MONOPHOSPHATE"                                   ?                'C10 H14 N5 O6 P' 
331.222 
DC  'DNA linking' y "2'-DEOXYCYTIDINE-5'-MONOPHOSPHATE"                                    ?                'C9 H14 N3 O7 P'  
307.197 
DG  'DNA linking' y "2'-DEOXYGUANOSINE-5'-MONOPHOSPHATE"                                   ?                'C10 H14 N5 O7 P' 
347.221 
DT  'DNA linking' y "THYMIDINE-5'-MONOPHOSPHATE"                                           ?                'C10 H15 N2 O8 P' 
322.208 
HOH non-polymer   . WATER                                                                  ?                'H2 O'            
18.015  
HT1 non-polymer   . "2'-(4-ETHOXYPHENYL)-5-(4-METHYL-1-PIPERAZINYL)-2,5'-BI-BENZIMIDAZOLE" 'HOECHST 33342'  'C27 H28 N6 O'    
452.551 
MG  non-polymer   . 'MAGNESIUM ION'                                                        ?                'Mg 2'            
24.305  
# 
_exptl.absorpt_coefficient_mu     ? 
_exptl.absorpt_correction_T_max   ? 
_exptl.absorpt_correction_T_min   ? 
_exptl.absorpt_correction_type    ? 
_exptl.absorpt_process_details    ? 
_exptl.entry_id                   8TBD 
_exptl.crystals_number            1 
_exptl.details                    ? 
_exptl.method                     'X-RAY DIFFRACTION' 
_exptl.method_details             ? 
# 
_exptl_crystal.colour                       ? 
_exptl_crystal.density_diffrn               ? 
_exptl_crystal.density_Matthews             6.15 
_exptl_crystal.density_method               ? 
_exptl_crystal.density_percent_sol          80.01 
_exptl_crystal.description                  ? 
_exptl_crystal.F_000                        ? 
_exptl_crystal.id                           1 
_exptl_crystal.preparation                  ? 
_exptl_crystal.size_max                     ? 
_exptl_crystal.size_mid                     ? 
_exptl_crystal.size_min                     ? 
_exptl_crystal.size_rad                     ? 
_exptl_crystal.colour_lustre                ? 
_exptl_crystal.colour_modifier              ? 
_exptl_crystal.colour_primary               ? 
_exptl_crystal.density_meas                 ? 
_exptl_crystal.density_meas_esd             ? 
_exptl_crystal.density_meas_gt              ? 
_exptl_crystal.density_meas_lt              ? 
_exptl_crystal.density_meas_temp            ? 
_exptl_crystal.density_meas_temp_esd        ? 
_exptl_crystal.density_meas_temp_gt         ? 
_exptl_crystal.density_meas_temp_lt         ? 
_exptl_crystal.pdbx_crystal_image_url       ? 
_exptl_crystal.pdbx_crystal_image_format    ? 
_exptl_crystal.pdbx_mosaicity               ? 
_exptl_crystal.pdbx_mosaicity_esd           ? 
_exptl_crystal.pdbx_mosaic_method           ? 
_exptl_crystal.pdbx_mosaic_block_size       ? 
_exptl_crystal.pdbx_mosaic_block_size_esd   ? 
# 
_exptl_crystal_grow.apparatus       ? 
_exptl_crystal_grow.atmosphere      ? 
_exptl_crystal_grow.crystal_id      1 
_exptl_crystal_grow.details         ? 
_exptl_crystal_grow.method          'VAPOR DIFFUSION, SITTING DROP' 
_exptl_crystal_grow.method_ref      ? 
_exptl_crystal_grow.pH              ? 
_exptl_crystal_grow.pressure        ? 
_exptl_crystal_grow.pressure_esd    ? 
_exptl_crystal_grow.seeding         ? 
_exptl_crystal_grow.seeding_ref     ? 
_exptl_crystal_grow.temp_details    'temperature gradient generated from 60 to 25 C at 0.3 degrees per hour' 
_exptl_crystal_grow.temp_esd        ? 
_exptl_crystal_grow.time            ? 
_exptl_crystal_grow.pdbx_details    
;0.5 mL of 0.05 M Na Cacodylate pH 6.0 with 200 mM MgCl2 and 2.5 M KCl was added to the reservoir with 2 uL added to the drop containing 4 uL of DNA stock.
;
_exptl_crystal_grow.pdbx_pH_range   ? 
_exptl_crystal_grow.temp            298 
# 
_diffrn.ambient_environment              ? 
_diffrn.ambient_temp                     100 
_diffrn.ambient_temp_details             ? 
_diffrn.ambient_temp_esd                 ? 
_diffrn.crystal_id                       1 
_diffrn.crystal_support                  ? 
_diffrn.crystal_treatment                ? 
_diffrn.details                          ? 
_diffrn.id                               1 
_diffrn.ambient_pressure                 ? 
_diffrn.ambient_pressure_esd             ? 
_diffrn.ambient_pressure_gt              ? 
_diffrn.ambient_pressure_lt              ? 
_diffrn.ambient_temp_gt                  ? 
_diffrn.ambient_temp_lt                  ? 
_diffrn.pdbx_serial_crystal_experiment   N 
# 
_diffrn_detector.details                      ? 
_diffrn_detector.detector                     PIXEL 
_diffrn_detector.diffrn_id                    1 
_diffrn_detector.type                         'DECTRIS PILATUS3 6M' 
_diffrn_detector.area_resol_mean              ? 
_diffrn_detector.dtime                        ? 
_diffrn_detector.pdbx_frames_total            ? 
_diffrn_detector.pdbx_collection_time_total   ? 
_diffrn_detector.pdbx_collection_date         2022-12-17 
_diffrn_detector.pdbx_frequency               ? 
_diffrn_detector.id                           ? 
_diffrn_detector.number_of_axes               ? 
# 
_diffrn_radiation.collimation                      ? 
_diffrn_radiation.diffrn_id                        1 
_diffrn_radiation.filter_edge                      ? 
_diffrn_radiation.inhomogeneity                    ? 
_diffrn_radiation.monochromator                    ? 
_diffrn_radiation.polarisn_norm                    ? 
_diffrn_radiation.polarisn_ratio                   ? 
_diffrn_radiation.probe                            ? 
_diffrn_radiation.type                             ? 
_diffrn_radiation.xray_symbol                      ? 
_diffrn_radiation.wavelength_id                    1 
_diffrn_radiation.pdbx_monochromatic_or_laue_m_l   M 
_diffrn_radiation.pdbx_wavelength_list             ? 
_diffrn_radiation.pdbx_wavelength                  ? 
_diffrn_radiation.pdbx_diffrn_protocol             'SINGLE WAVELENGTH' 
_diffrn_radiation.pdbx_analyzer                    ? 
_diffrn_radiation.pdbx_scattering_type             x-ray 
# 
_diffrn_radiation_wavelength.id           1 
_diffrn_radiation_wavelength.wavelength   0.92 
_diffrn_radiation_wavelength.wt           1.0 
# 
_diffrn_source.current                     ? 
_diffrn_source.details                     ? 
_diffrn_source.diffrn_id                   1 
_diffrn_source.power                       ? 
_diffrn_source.size                        ? 
_diffrn_source.source                      SYNCHROTRON 
_diffrn_source.target                      ? 
_diffrn_source.type                        'ALS BEAMLINE 5.0.2' 
_diffrn_source.voltage                     ? 
_diffrn_source.take-off_angle              ? 
_diffrn_source.pdbx_wavelength_list        0.92 
_diffrn_source.pdbx_wavelength             ? 
_diffrn_source.pdbx_synchrotron_beamline   5.0.2 
_diffrn_source.pdbx_synchrotron_site       ALS 
# 
_reflns.B_iso_Wilson_estimate                          ? 
_reflns.entry_id                                       8TBD 
_reflns.data_reduction_details                         ? 
_reflns.data_reduction_method                          ? 
_reflns.d_resolution_high                              3.00 
_reflns.d_resolution_low                               50.00 
_reflns.details                                        ? 
_reflns.limit_h_max                                    ? 
_reflns.limit_h_min                                    ? 
_reflns.limit_k_max                                    ? 
_reflns.limit_k_min                                    ? 
_reflns.limit_l_max                                    ? 
_reflns.limit_l_min                                    ? 
_reflns.number_all                                     ? 
_reflns.number_obs                                     5544 
_reflns.observed_criterion                             ? 
_reflns.observed_criterion_F_max                       ? 
_reflns.observed_criterion_F_min                       ? 
_reflns.observed_criterion_I_max                       ? 
_reflns.observed_criterion_I_min                       ? 
_reflns.observed_criterion_sigma_F                     ? 
_reflns.observed_criterion_sigma_I                     ? 
_reflns.percent_possible_obs                           91.1 
_reflns.R_free_details                                 ? 
_reflns.Rmerge_F_all                                   ? 
_reflns.Rmerge_F_obs                                   ? 
_reflns.Friedel_coverage                               ? 
_reflns.number_gt                                      ? 
_reflns.threshold_expression                           ? 
_reflns.pdbx_redundancy                                9.6 
_reflns.pdbx_netI_over_av_sigmaI                       ? 
_reflns.pdbx_netI_over_sigmaI                          8.4 
_reflns.pdbx_res_netI_over_av_sigmaI_2                 ? 
_reflns.pdbx_res_netI_over_sigmaI_2                    ? 
_reflns.pdbx_chi_squared                               1.228 
_reflns.pdbx_scaling_rejects                           ? 
_reflns.pdbx_d_res_high_opt                            ? 
_reflns.pdbx_d_res_low_opt                             ? 
_reflns.pdbx_d_res_opt_method                          ? 
_reflns.phase_calculation_details                      ? 
_reflns.pdbx_Rrim_I_all                                0.122 
_reflns.pdbx_Rpim_I_all                                0.037 
_reflns.pdbx_d_opt                                     ? 
_reflns.pdbx_number_measured_all                       53271 
_reflns.pdbx_diffrn_id                                 1 
_reflns.pdbx_ordinal                                   1 
_reflns.pdbx_CC_half                                   0.899 
_reflns.pdbx_CC_star                                   0.973 
_reflns.pdbx_R_split                                   ? 
_reflns.pdbx_Rmerge_I_obs                              0.116 
_reflns.pdbx_Rmerge_I_all                              ? 
_reflns.pdbx_Rsym_value                                ? 
_reflns.pdbx_CC_split_method                           ? 
_reflns.pdbx_aniso_diffraction_limit_axis_1_ortho[1]   ? 
_reflns.pdbx_aniso_diffraction_limit_axis_1_ortho[2]   ? 
_reflns.pdbx_aniso_diffraction_limit_axis_1_ortho[3]   ? 
_reflns.pdbx_aniso_diffraction_limit_axis_2_ortho[1]   ? 
_reflns.pdbx_aniso_diffraction_limit_axis_2_ortho[2]   ? 
_reflns.pdbx_aniso_diffraction_limit_axis_2_ortho[3]   ? 
_reflns.pdbx_aniso_diffraction_limit_axis_3_ortho[1]   ? 
_reflns.pdbx_aniso_diffraction_limit_axis_3_ortho[2]   ? 
_reflns.pdbx_aniso_diffraction_limit_axis_3_ortho[3]   ? 
_reflns.pdbx_aniso_diffraction_limit_1                 ? 
_reflns.pdbx_aniso_diffraction_limit_2                 ? 
_reflns.pdbx_aniso_diffraction_limit_3                 ? 
_reflns.pdbx_aniso_B_tensor_eigenvector_1_ortho[1]     ? 
_reflns.pdbx_aniso_B_tensor_eigenvector_1_ortho[2]     ? 
_reflns.pdbx_aniso_B_tensor_eigenvector_1_ortho[3]     ? 
_reflns.pdbx_aniso_B_tensor_eigenvector_2_ortho[1]     ? 
_reflns.pdbx_aniso_B_tensor_eigenvector_2_ortho[2]     ? 
_reflns.pdbx_aniso_B_tensor_eigenvector_2_ortho[3]     ? 
_reflns.pdbx_aniso_B_tensor_eigenvector_3_ortho[1]     ? 
_reflns.pdbx_aniso_B_tensor_eigenvector_3_ortho[2]     ? 
_reflns.pdbx_aniso_B_tensor_eigenvector_3_ortho[3]     ? 
_reflns.pdbx_aniso_B_tensor_eigenvalue_1               ? 
_reflns.pdbx_aniso_B_tensor_eigenvalue_2               ? 
_reflns.pdbx_aniso_B_tensor_eigenvalue_3               ? 
_reflns.pdbx_orthogonalization_convention              ? 
_reflns.pdbx_percent_possible_ellipsoidal              ? 
_reflns.pdbx_percent_possible_spherical                ? 
_reflns.pdbx_percent_possible_ellipsoidal_anomalous    ? 
_reflns.pdbx_percent_possible_spherical_anomalous      ? 
_reflns.pdbx_redundancy_anomalous                      ? 
_reflns.pdbx_CC_half_anomalous                         ? 
_reflns.pdbx_absDiff_over_sigma_anomalous              ? 
_reflns.pdbx_percent_possible_anomalous                ? 
_reflns.pdbx_observed_signal_threshold                 ? 
_reflns.pdbx_signal_type                               ? 
_reflns.pdbx_signal_details                            ? 
_reflns.pdbx_signal_software_id                        ? 
# 
loop_
_reflns_shell.d_res_high 
_reflns_shell.d_res_low 
_reflns_shell.meanI_over_sigI_all 
_reflns_shell.meanI_over_sigI_obs 
_reflns_shell.number_measured_all 
_reflns_shell.number_measured_obs 
_reflns_shell.number_possible 
_reflns_shell.number_unique_all 
_reflns_shell.number_unique_obs 
_reflns_shell.percent_possible_obs 
_reflns_shell.Rmerge_F_all 
_reflns_shell.Rmerge_F_obs 
_reflns_shell.meanI_over_sigI_gt 
_reflns_shell.meanI_over_uI_all 
_reflns_shell.meanI_over_uI_gt 
_reflns_shell.number_measured_gt 
_reflns_shell.number_unique_gt 
_reflns_shell.percent_possible_gt 
_reflns_shell.Rmerge_F_gt 
_reflns_shell.Rmerge_I_gt 
_reflns_shell.pdbx_redundancy 
_reflns_shell.pdbx_chi_squared 
_reflns_shell.pdbx_netI_over_sigmaI_all 
_reflns_shell.pdbx_netI_over_sigmaI_obs 
_reflns_shell.pdbx_Rrim_I_all 
_reflns_shell.pdbx_Rpim_I_all 
_reflns_shell.pdbx_rejects 
_reflns_shell.pdbx_ordinal 
_reflns_shell.pdbx_diffrn_id 
_reflns_shell.pdbx_CC_half 
_reflns_shell.pdbx_CC_star 
_reflns_shell.pdbx_R_split 
_reflns_shell.percent_possible_all 
_reflns_shell.Rmerge_I_all 
_reflns_shell.Rmerge_I_obs 
_reflns_shell.pdbx_Rsym_value 
_reflns_shell.pdbx_percent_possible_ellipsoidal 
_reflns_shell.pdbx_percent_possible_spherical 
_reflns_shell.pdbx_percent_possible_ellipsoidal_anomalous 
_reflns_shell.pdbx_percent_possible_spherical_anomalous 
_reflns_shell.pdbx_redundancy_anomalous 
_reflns_shell.pdbx_CC_half_anomalous 
_reflns_shell.pdbx_absDiff_over_sigma_anomalous 
_reflns_shell.pdbx_percent_possible_anomalous 
3.00 3.05  ? ? ? ? ? ? 171 ? ? ? ? ? ? ? ? ? ? ? 8.1  0.415 ? ? 1.219 0.411 ? 1  1 0.742 0.923 ? 59.8  ? 1.144 ? ? ? ? ? ? ? ? ? 
3.05 3.11  ? ? ? ? ? ? 205 ? ? ? ? ? ? ? ? ? ? ? 8.2  0.472 ? ? 0.461 0.155 ? 2  1 0.971 0.993 ? 63.3  ? 0.433 ? ? ? ? ? ? ? ? ? 
3.11 3.17  ? ? ? ? ? ? 200 ? ? ? ? ? ? ? ? ? ? ? 7.5  0.702 ? ? 0.143 0.048 ? 3  1 0.997 0.999 ? 69.2  ? 0.135 ? ? ? ? ? ? ? ? ? 
3.17 3.23  ? ? ? ? ? ? 236 ? ? ? ? ? ? ? ? ? ? ? 8.5  1.283 ? ? 0.094 0.029 ? 4  1 0.998 1.000 ? 75.2  ? 0.090 ? ? ? ? ? ? ? ? ? 
3.23 3.30  ? ? ? ? ? ? 248 ? ? ? ? ? ? ? ? ? ? ? 8.3  0.803 ? ? 0.102 0.032 ? 5  1 0.998 1.000 ? 83.2  ? 0.097 ? ? ? ? ? ? ? ? ? 
3.30 3.38  ? ? ? ? ? ? 276 ? ? ? ? ? ? ? ? ? ? ? 8.9  0.583 ? ? 0.207 0.067 ? 6  1 0.994 0.999 ? 89.0  ? 0.195 ? ? ? ? ? ? ? ? ? 
3.38 3.46  ? ? ? ? ? ? 291 ? ? ? ? ? ? ? ? ? ? ? 9.3  0.673 ? ? 0.155 0.049 ? 7  1 0.998 0.999 ? 90.4  ? 0.147 ? ? ? ? ? ? ? ? ? 
3.46 3.56  ? ? ? ? ? ? 276 ? ? ? ? ? ? ? ? ? ? ? 9.3  0.837 ? ? 0.128 0.040 ? 8  1 0.998 0.999 ? 96.2  ? 0.121 ? ? ? ? ? ? ? ? ? 
3.56 3.66  ? ? ? ? ? ? 280 ? ? ? ? ? ? ? ? ? ? ? 9.3  0.621 ? ? 0.201 0.064 ? 9  1 0.996 0.999 ? 96.2  ? 0.191 ? ? ? ? ? ? ? ? ? 
3.66 3.78  ? ? ? ? ? ? 324 ? ? ? ? ? ? ? ? ? ? ? 9.5  0.960 ? ? 0.536 0.196 ? 10 1 0.991 0.998 ? 99.7  ? 0.499 ? ? ? ? ? ? ? ? ? 
3.78 3.91  ? ? ? ? ? ? 297 ? ? ? ? ? ? ? ? ? ? ? 8.7  0.735 ? ? 0.150 0.049 ? 11 1 0.996 0.999 ? 99.7  ? 0.142 ? ? ? ? ? ? ? ? ? 
3.91 4.07  ? ? ? ? ? ? 303 ? ? ? ? ? ? ? ? ? ? ? 10.7 0.808 ? ? 0.144 0.044 ? 12 1 0.997 0.999 ? 100.0 ? 0.137 ? ? ? ? ? ? ? ? ? 
4.07 4.26  ? ? ? ? ? ? 316 ? ? ? ? ? ? ? ? ? ? ? 10.6 0.810 ? ? 0.124 0.038 ? 13 1 0.997 0.999 ? 100.0 ? 0.118 ? ? ? ? ? ? ? ? ? 
4.26 4.48  ? ? ? ? ? ? 297 ? ? ? ? ? ? ? ? ? ? ? 10.7 0.852 ? ? 0.126 0.038 ? 14 1 0.997 0.999 ? 100.0 ? 0.120 ? ? ? ? ? ? ? ? ? 
4.48 4.76  ? ? ? ? ? ? 302 ? ? ? ? ? ? ? ? ? ? ? 10.5 0.871 ? ? 0.102 0.031 ? 15 1 0.997 0.999 ? 100.0 ? 0.097 ? ? ? ? ? ? ? ? ? 
4.76 5.13  ? ? ? ? ? ? 304 ? ? ? ? ? ? ? ? ? ? ? 9.6  1.155 ? ? 0.082 0.026 ? 16 1 0.997 0.999 ? 99.7  ? 0.077 ? ? ? ? ? ? ? ? ? 
5.13 5.64  ? ? ? ? ? ? 310 ? ? ? ? ? ? ? ? ? ? ? 10.7 1.515 ? ? 0.074 0.023 ? 17 1 0.998 1.000 ? 100.0 ? 0.071 ? ? ? ? ? ? ? ? ? 
5.64 6.46  ? ? ? ? ? ? 299 ? ? ? ? ? ? ? ? ? ? ? 10.8 1.408 ? ? 0.071 0.021 ? 18 1 0.997 0.999 ? 100.0 ? 0.067 ? ? ? ? ? ? ? ? ? 
6.46 8.13  ? ? ? ? ? ? 306 ? ? ? ? ? ? ? ? ? ? ? 9.9  1.829 ? ? 0.058 0.018 ? 19 1 0.999 1.000 ? 99.7  ? 0.055 ? ? ? ? ? ? ? ? ? 
8.13 50.00 ? ? ? ? ? ? 303 ? ? ? ? ? ? ? ? ? ? ? 10.5 5.451 ? ? 0.129 0.038 ? 20 1 0.994 0.999 ? 99.7  ? 0.123 ? ? ? ? ? ? ? ? ? 
# 
_refine.aniso_B[1][1]                            ? 
_refine.aniso_B[1][2]                            ? 
_refine.aniso_B[1][3]                            ? 
_refine.aniso_B[2][2]                            ? 
_refine.aniso_B[2][3]                            ? 
_refine.aniso_B[3][3]                            ? 
_refine.B_iso_max                                ? 
_refine.B_iso_mean                               ? 
_refine.B_iso_min                                ? 
_refine.correlation_coeff_Fo_to_Fc               ? 
_refine.correlation_coeff_Fo_to_Fc_free          ? 
_refine.details                                  ? 
_refine.diff_density_max                         ? 
_refine.diff_density_max_esd                     ? 
_refine.diff_density_min                         ? 
_refine.diff_density_min_esd                     ? 
_refine.diff_density_rms                         ? 
_refine.diff_density_rms_esd                     ? 
_refine.entry_id                                 8TBD 
_refine.pdbx_refine_id                           'X-RAY DIFFRACTION' 
_refine.ls_abs_structure_details                 ? 
_refine.ls_abs_structure_Flack                   ? 
_refine.ls_abs_structure_Flack_esd               ? 
_refine.ls_abs_structure_Rogers                  ? 
_refine.ls_abs_structure_Rogers_esd              ? 
_refine.ls_d_res_high                            3.00 
_refine.ls_d_res_low                             41.57 
_refine.ls_extinction_coef                       ? 
_refine.ls_extinction_coef_esd                   ? 
_refine.ls_extinction_expression                 ? 
_refine.ls_extinction_method                     ? 
_refine.ls_goodness_of_fit_all                   ? 
_refine.ls_goodness_of_fit_all_esd               ? 
_refine.ls_goodness_of_fit_obs                   ? 
_refine.ls_goodness_of_fit_obs_esd               ? 
_refine.ls_hydrogen_treatment                    ? 
_refine.ls_matrix_type                           ? 
_refine.ls_number_constraints                    ? 
_refine.ls_number_parameters                     ? 
_refine.ls_number_reflns_all                     ? 
_refine.ls_number_reflns_obs                     5389 
_refine.ls_number_reflns_R_free                  328 
_refine.ls_number_reflns_R_work                  ? 
_refine.ls_number_restraints                     ? 
_refine.ls_percent_reflns_obs                    88.77 
_refine.ls_percent_reflns_R_free                 6.09 
_refine.ls_R_factor_all                          ? 
_refine.ls_R_factor_obs                          0.2467 
_refine.ls_R_factor_R_free                       0.2709 
_refine.ls_R_factor_R_free_error                 ? 
_refine.ls_R_factor_R_free_error_details         ? 
_refine.ls_R_factor_R_work                       0.2448 
_refine.ls_R_Fsqd_factor_obs                     ? 
_refine.ls_R_I_factor_obs                        ? 
_refine.ls_redundancy_reflns_all                 ? 
_refine.ls_redundancy_reflns_obs                 ? 
_refine.ls_restrained_S_all                      ? 
_refine.ls_restrained_S_obs                      ? 
_refine.ls_shift_over_esd_max                    ? 
_refine.ls_shift_over_esd_mean                   ? 
_refine.ls_structure_factor_coef                 ? 
_refine.ls_weighting_details                     ? 
_refine.ls_weighting_scheme                      ? 
_refine.ls_wR_factor_all                         ? 
_refine.ls_wR_factor_obs                         ? 
_refine.ls_wR_factor_R_free                      ? 
_refine.ls_wR_factor_R_work                      ? 
_refine.occupancy_max                            ? 
_refine.occupancy_min                            ? 
_refine.solvent_model_details                    'FLAT BULK SOLVENT MODEL' 
_refine.solvent_model_param_bsol                 ? 
_refine.solvent_model_param_ksol                 ? 
_refine.pdbx_R_complete                          ? 
_refine.ls_R_factor_gt                           ? 
_refine.ls_goodness_of_fit_gt                    ? 
_refine.ls_goodness_of_fit_ref                   ? 
_refine.ls_shift_over_su_max                     ? 
_refine.ls_shift_over_su_max_lt                  ? 
_refine.ls_shift_over_su_mean                    ? 
_refine.ls_shift_over_su_mean_lt                 ? 
_refine.pdbx_ls_sigma_I                          ? 
_refine.pdbx_ls_sigma_F                          1.96 
_refine.pdbx_ls_sigma_Fsqd                       ? 
_refine.pdbx_data_cutoff_high_absF               ? 
_refine.pdbx_data_cutoff_high_rms_absF           ? 
_refine.pdbx_data_cutoff_low_absF                ? 
_refine.pdbx_isotropic_thermal_model             ? 
_refine.pdbx_ls_cross_valid_method               THROUGHOUT 
_refine.pdbx_method_to_determine_struct          'MOLECULAR REPLACEMENT' 
_refine.pdbx_starting_model                      ? 
_refine.pdbx_stereochemistry_target_values       ML 
_refine.pdbx_R_Free_selection_details            ? 
_refine.pdbx_stereochem_target_val_spec_case     ? 
_refine.pdbx_overall_ESU_R                       ? 
_refine.pdbx_overall_ESU_R_Free                  ? 
_refine.pdbx_solvent_vdw_probe_radii             1.11 
_refine.pdbx_solvent_ion_probe_radii             ? 
_refine.pdbx_solvent_shrinkage_radii             0.90 
_refine.pdbx_real_space_R                        ? 
_refine.pdbx_density_correlation                 ? 
_refine.pdbx_pd_number_of_powder_patterns        ? 
_refine.pdbx_pd_number_of_points                 ? 
_refine.pdbx_pd_meas_number_of_points            ? 
_refine.pdbx_pd_proc_ls_prof_R_factor            ? 
_refine.pdbx_pd_proc_ls_prof_wR_factor           ? 
_refine.pdbx_pd_Marquardt_correlation_coeff      ? 
_refine.pdbx_pd_Fsqrd_R_factor                   ? 
_refine.pdbx_pd_ls_matrix_band_width             ? 
_refine.pdbx_overall_phase_error                 43.39 
_refine.pdbx_overall_SU_R_free_Cruickshank_DPI   ? 
_refine.pdbx_overall_SU_R_free_Blow_DPI          ? 
_refine.pdbx_overall_SU_R_Blow_DPI               ? 
_refine.pdbx_TLS_residual_ADP_flag               ? 
_refine.pdbx_diffrn_id                           1 
_refine.overall_SU_B                             ? 
_refine.overall_SU_ML                            0.09 
_refine.overall_SU_R_Cruickshank_DPI             ? 
_refine.overall_SU_R_free                        ? 
_refine.overall_FOM_free_R_set                   ? 
_refine.overall_FOM_work_R_set                   ? 
_refine.pdbx_average_fsc_overall                 ? 
_refine.pdbx_average_fsc_work                    ? 
_refine.pdbx_average_fsc_free                    ? 
# 
_refine_hist.pdbx_refine_id                   'X-RAY DIFFRACTION' 
_refine_hist.cycle_id                         LAST 
_refine_hist.pdbx_number_atoms_protein        0 
_refine_hist.pdbx_number_atoms_nucleic_acid   853 
_refine_hist.pdbx_number_atoms_ligand         39 
_refine_hist.number_atoms_solvent             3 
_refine_hist.number_atoms_total               895 
_refine_hist.d_res_high                       3.00 
_refine_hist.d_res_low                        41.57 
# 
loop_
_refine_ls_restr.pdbx_refine_id 
_refine_ls_restr.criterion 
_refine_ls_restr.dev_ideal 
_refine_ls_restr.dev_ideal_target 
_refine_ls_restr.number 
_refine_ls_restr.rejects 
_refine_ls_restr.type 
_refine_ls_restr.weight 
_refine_ls_restr.pdbx_restraint_function 
'X-RAY DIFFRACTION' ? 0.005  ? 993  ? f_bond_d           ? ? 
'X-RAY DIFFRACTION' ? 0.847  ? 1521 ? f_angle_d          ? ? 
'X-RAY DIFFRACTION' ? 34.249 ? 412  ? f_dihedral_angle_d ? ? 
'X-RAY DIFFRACTION' ? 0.037  ? 166  ? f_chiral_restr     ? ? 
'X-RAY DIFFRACTION' ? 0.004  ? 45   ? f_plane_restr      ? ? 
# 
loop_
_refine_ls_shell.pdbx_refine_id 
_refine_ls_shell.d_res_high 
_refine_ls_shell.d_res_low 
_refine_ls_shell.number_reflns_all 
_refine_ls_shell.number_reflns_obs 
_refine_ls_shell.number_reflns_R_free 
_refine_ls_shell.number_reflns_R_work 
_refine_ls_shell.percent_reflns_obs 
_refine_ls_shell.percent_reflns_R_free 
_refine_ls_shell.R_factor_all 
_refine_ls_shell.R_factor_obs 
_refine_ls_shell.R_factor_R_free_error 
_refine_ls_shell.R_factor_R_work 
_refine_ls_shell.redundancy_reflns_all 
_refine_ls_shell.redundancy_reflns_obs 
_refine_ls_shell.wR_factor_all 
_refine_ls_shell.wR_factor_obs 
_refine_ls_shell.wR_factor_R_free 
_refine_ls_shell.wR_factor_R_work 
_refine_ls_shell.pdbx_R_complete 
_refine_ls_shell.pdbx_total_number_of_bins_used 
_refine_ls_shell.pdbx_phase_error 
_refine_ls_shell.pdbx_fsc_work 
_refine_ls_shell.pdbx_fsc_free 
_refine_ls_shell.R_factor_R_free 
'X-RAY DIFFRACTION' 3.00 3.78  . . 136 2229 78.00  . . . . 0.4032 . . . . . . . . . . . 0.3996 
'X-RAY DIFFRACTION' 3.79 41.57 . . 192 2832 100.00 . . . . 0.2090 . . . . . . . . . . . 0.2383 
# 
_struct.entry_id                     8TBD 
_struct.title                        
;Sequence specific (AATT) orientation of Hoechst molecules at a unique minor groove binding site (position2) within a self-assembled 3D DNA lattice (4x5)
;
_struct.pdbx_model_details           ? 
_struct.pdbx_formula_weight          ? 
_struct.pdbx_formula_weight_method   ? 
_struct.pdbx_model_type_details      ? 
_struct.pdbx_CASP_flag               N 
# 
_struct_keywords.entry_id        8TBD 
_struct_keywords.text            
;Self-Assembly, DNA Nanotechnology, DNA Scaffold, Crystal Lattice, DNA, Minor Groove Binders, Netropsin, DAPI, Hoechst, ImPyPy, polyamide, host-guest
;
_struct_keywords.pdbx_keywords   DNA 
# 
loop_
_struct_asym.id 
_struct_asym.pdbx_blank_PDB_chainid_flag 
_struct_asym.pdbx_modified 
_struct_asym.entity_id 
_struct_asym.details 
A N N 1 ? 
B N N 2 ? 
C N N 3 ? 
D N N 4 ? 
E N N 5 ? 
F N N 5 ? 
G N N 5 ? 
H N N 6 ? 
I N N 7 ? 
J N N 5 ? 
K N N 8 ? 
L N N 8 ? 
# 
loop_
_struct_conn.id 
_struct_conn.conn_type_id 
_struct_conn.pdbx_leaving_atom_flag 
_struct_conn.pdbx_PDB_id 
_struct_conn.ptnr1_label_asym_id 
_struct_conn.ptnr1_label_comp_id 
_struct_conn.ptnr1_label_seq_id 
_struct_conn.ptnr1_label_atom_id 
_struct_conn.pdbx_ptnr1_label_alt_id 
_struct_conn.pdbx_ptnr1_PDB_ins_code 
_struct_conn.pdbx_ptnr1_standard_comp_id 
_struct_conn.ptnr1_symmetry 
_struct_conn.ptnr2_label_asym_id 
_struct_conn.ptnr2_label_comp_id 
_struct_conn.ptnr2_label_seq_id 
_struct_conn.ptnr2_label_atom_id 
_struct_conn.pdbx_ptnr2_label_alt_id 
_struct_conn.pdbx_ptnr2_PDB_ins_code 
_struct_conn.ptnr1_auth_asym_id 
_struct_conn.ptnr1_auth_comp_id 
_struct_conn.ptnr1_auth_seq_id 
_struct_conn.ptnr2_auth_asym_id 
_struct_conn.ptnr2_auth_comp_id 
_struct_conn.ptnr2_auth_seq_id 
_struct_conn.ptnr2_symmetry 
_struct_conn.pdbx_ptnr3_label_atom_id 
_struct_conn.pdbx_ptnr3_label_seq_id 
_struct_conn.pdbx_ptnr3_label_comp_id 
_struct_conn.pdbx_ptnr3_label_asym_id 
_struct_conn.pdbx_ptnr3_label_alt_id 
_struct_conn.pdbx_ptnr3_PDB_ins_code 
_struct_conn.details 
_struct_conn.pdbx_dist_value 
_struct_conn.pdbx_value_order 
_struct_conn.pdbx_role 
metalc1  metalc ? ? B DT 3  O2 ? ? ? 1_555 H MG . MG ? ? B DT 3  B MG 103 1_555 ? ? ? ? ? ? ?            2.801 ? ? 
hydrog1  hydrog ? ? A DG 3  N1 ? ? ? 1_555 D DC 7 N3 ? ? A DG 3  D DC 16  1_555 ? ? ? ? ? ? WATSON-CRICK ?     ? ? 
hydrog2  hydrog ? ? A DG 3  N2 ? ? ? 1_555 D DC 7 O2 ? ? A DG 3  D DC 16  1_555 ? ? ? ? ? ? WATSON-CRICK ?     ? ? 
hydrog3  hydrog ? ? A DG 3  O6 ? ? ? 1_555 D DC 7 N4 ? ? A DG 3  D DC 16  1_555 ? ? ? ? ? ? WATSON-CRICK ?     ? ? 
hydrog4  hydrog ? ? A DC 4  N3 ? ? ? 1_555 D DG 6 N1 ? ? A DC 4  D DG 15  1_555 ? ? ? ? ? ? WATSON-CRICK ?     ? ? 
hydrog5  hydrog ? ? A DC 4  N4 ? ? ? 1_555 D DG 6 O6 ? ? A DC 4  D DG 15  1_555 ? ? ? ? ? ? WATSON-CRICK ?     ? ? 
hydrog6  hydrog ? ? A DC 4  O2 ? ? ? 1_555 D DG 6 N2 ? ? A DC 4  D DG 15  1_555 ? ? ? ? ? ? WATSON-CRICK ?     ? ? 
hydrog7  hydrog ? ? A DA 5  N1 ? ? ? 1_555 D DT 5 N3 ? ? A DA 5  D DT 14  1_555 ? ? ? ? ? ? WATSON-CRICK ?     ? ? 
hydrog8  hydrog ? ? A DA 5  N6 ? ? ? 1_555 D DT 5 O4 ? ? A DA 5  D DT 14  1_555 ? ? ? ? ? ? WATSON-CRICK ?     ? ? 
hydrog9  hydrog ? ? A DG 6  N1 ? ? ? 1_555 D DC 4 N3 ? ? A DG 6  D DC 13  1_555 ? ? ? ? ? ? WATSON-CRICK ?     ? ? 
hydrog10 hydrog ? ? A DG 6  N2 ? ? ? 1_555 D DC 4 O2 ? ? A DG 6  D DC 13  1_555 ? ? ? ? ? ? WATSON-CRICK ?     ? ? 
hydrog11 hydrog ? ? A DG 6  O6 ? ? ? 1_555 D DC 4 N4 ? ? A DG 6  D DC 13  1_555 ? ? ? ? ? ? WATSON-CRICK ?     ? ? 
hydrog12 hydrog ? ? A DA 7  N1 ? ? ? 1_555 D DT 3 N3 ? ? A DA 7  D DT 12  1_555 ? ? ? ? ? ? WATSON-CRICK ?     ? ? 
hydrog13 hydrog ? ? A DA 7  N6 ? ? ? 1_555 D DT 3 O4 ? ? A DA 7  D DT 12  1_555 ? ? ? ? ? ? WATSON-CRICK ?     ? ? 
hydrog14 hydrog ? ? A DC 8  N3 ? ? ? 1_555 D DG 2 N1 ? ? A DC 8  D DG 11  1_555 ? ? ? ? ? ? WATSON-CRICK ?     ? ? 
hydrog15 hydrog ? ? A DC 8  N4 ? ? ? 1_555 D DG 2 O6 ? ? A DC 8  D DG 11  1_555 ? ? ? ? ? ? WATSON-CRICK ?     ? ? 
hydrog16 hydrog ? ? A DC 8  O2 ? ? ? 1_555 D DG 2 N2 ? ? A DC 8  D DG 11  1_555 ? ? ? ? ? ? WATSON-CRICK ?     ? ? 
hydrog17 hydrog ? ? A DC 9  N3 ? ? ? 1_555 D DG 1 N1 ? ? A DC 9  D DG 10  1_555 ? ? ? ? ? ? WATSON-CRICK ?     ? ? 
hydrog18 hydrog ? ? A DC 9  N4 ? ? ? 1_555 D DG 1 O6 ? ? A DC 9  D DG 10  1_555 ? ? ? ? ? ? WATSON-CRICK ?     ? ? 
hydrog19 hydrog ? ? A DC 9  O2 ? ? ? 1_555 D DG 1 N2 ? ? A DC 9  D DG 10  1_555 ? ? ? ? ? ? WATSON-CRICK ?     ? ? 
hydrog20 hydrog ? ? A DT 10 N3 ? ? ? 1_555 B DA 5 N1 ? ? A DT 10 B DA 5   1_555 ? ? ? ? ? ? WATSON-CRICK ?     ? ? 
hydrog21 hydrog ? ? A DT 10 O4 ? ? ? 1_555 B DA 5 N6 ? ? A DT 10 B DA 5   1_555 ? ? ? ? ? ? WATSON-CRICK ?     ? ? 
hydrog22 hydrog ? ? A DG 11 N1 ? ? ? 1_555 B DC 4 N3 ? ? A DG 11 B DC 4   1_555 ? ? ? ? ? ? WATSON-CRICK ?     ? ? 
hydrog23 hydrog ? ? A DG 11 N2 ? ? ? 1_555 B DC 4 O2 ? ? A DG 11 B DC 4   1_555 ? ? ? ? ? ? WATSON-CRICK ?     ? ? 
hydrog24 hydrog ? ? A DG 11 O6 ? ? ? 1_555 B DC 4 N4 ? ? A DG 11 B DC 4   1_555 ? ? ? ? ? ? WATSON-CRICK ?     ? ? 
hydrog25 hydrog ? ? A DA 12 N1 ? ? ? 1_555 B DT 3 N3 ? ? A DA 12 B DT 3   1_555 ? ? ? ? ? ? WATSON-CRICK ?     ? ? 
hydrog26 hydrog ? ? A DA 12 N6 ? ? ? 1_555 B DT 3 O4 ? ? A DA 12 B DT 3   1_555 ? ? ? ? ? ? WATSON-CRICK ?     ? ? 
hydrog27 hydrog ? ? A DC 13 N3 ? ? ? 1_555 B DG 2 N1 ? ? A DC 13 B DG 2   1_555 ? ? ? ? ? ? WATSON-CRICK ?     ? ? 
hydrog28 hydrog ? ? A DC 13 N4 ? ? ? 1_555 B DG 2 O6 ? ? A DC 13 B DG 2   1_555 ? ? ? ? ? ? WATSON-CRICK ?     ? ? 
hydrog29 hydrog ? ? A DC 13 O2 ? ? ? 1_555 B DG 2 N2 ? ? A DC 13 B DG 2   1_555 ? ? ? ? ? ? WATSON-CRICK ?     ? ? 
hydrog30 hydrog ? ? A DG 14 N1 ? ? ? 1_555 B DC 1 N3 ? ? A DG 14 B DC 1   1_555 ? ? ? ? ? ? WATSON-CRICK ?     ? ? 
hydrog31 hydrog ? ? A DG 14 N2 ? ? ? 1_555 B DC 1 O2 ? ? A DG 14 B DC 1   1_555 ? ? ? ? ? ? WATSON-CRICK ?     ? ? 
hydrog32 hydrog ? ? A DG 14 O6 ? ? ? 1_555 B DC 1 N4 ? ? A DG 14 B DC 1   1_555 ? ? ? ? ? ? WATSON-CRICK ?     ? ? 
hydrog33 hydrog ? ? A DA 15 N1 ? ? ? 1_555 C DG 8 N1 ? ? A DA 15 C DG 8   1_555 ? ? ? ? ? ? TYPE_8_PAIR  ?     ? ? 
hydrog34 hydrog ? ? A DA 15 N6 ? ? ? 1_555 C DG 8 O6 ? ? A DA 15 C DG 8   1_555 ? ? ? ? ? ? TYPE_8_PAIR  ?     ? ? 
hydrog35 hydrog ? ? A DA 15 N1 ? ? ? 1_555 C DT 9 N3 ? ? A DA 15 C DT 9   1_555 ? ? ? ? ? ? WATSON-CRICK ?     ? ? 
hydrog36 hydrog ? ? A DA 15 N6 ? ? ? 1_555 C DT 9 O4 ? ? A DA 15 C DT 9   1_555 ? ? ? ? ? ? WATSON-CRICK ?     ? ? 
hydrog37 hydrog ? ? A DC 16 N3 ? ? ? 1_555 C DG 8 N1 ? ? A DC 16 C DG 8   1_555 ? ? ? ? ? ? WATSON-CRICK ?     ? ? 
hydrog38 hydrog ? ? A DC 16 N4 ? ? ? 1_555 C DG 8 O6 ? ? A DC 16 C DG 8   1_555 ? ? ? ? ? ? WATSON-CRICK ?     ? ? 
hydrog39 hydrog ? ? A DC 16 O2 ? ? ? 1_555 C DG 8 N2 ? ? A DC 16 C DG 8   1_555 ? ? ? ? ? ? WATSON-CRICK ?     ? ? 
hydrog40 hydrog ? ? A DA 17 N1 ? ? ? 1_555 C DT 7 N3 ? ? A DA 17 C DT 7   1_555 ? ? ? ? ? ? WATSON-CRICK ?     ? ? 
hydrog41 hydrog ? ? A DA 17 N6 ? ? ? 1_555 C DT 7 O4 ? ? A DA 17 C DT 7   1_555 ? ? ? ? ? ? WATSON-CRICK ?     ? ? 
hydrog42 hydrog ? ? A DA 18 N1 ? ? ? 1_555 C DT 6 N3 ? ? A DA 18 C DT 6   1_555 ? ? ? ? ? ? WATSON-CRICK ?     ? ? 
hydrog43 hydrog ? ? A DA 18 N6 ? ? ? 1_555 C DT 6 O4 ? ? A DA 18 C DT 6   1_555 ? ? ? ? ? ? WATSON-CRICK ?     ? ? 
hydrog44 hydrog ? ? A DT 19 N3 ? ? ? 1_555 C DA 5 N1 ? ? A DT 19 C DA 5   1_555 ? ? ? ? ? ? WATSON-CRICK ?     ? ? 
hydrog45 hydrog ? ? A DT 19 O4 ? ? ? 1_555 C DA 5 N6 ? ? A DT 19 C DA 5   1_555 ? ? ? ? ? ? WATSON-CRICK ?     ? ? 
hydrog46 hydrog ? ? A DT 20 N3 ? ? ? 1_555 C DA 4 N1 ? ? A DT 20 C DA 4   1_555 ? ? ? ? ? ? WATSON-CRICK ?     ? ? 
hydrog47 hydrog ? ? A DT 20 O4 ? ? ? 1_555 C DA 4 N6 ? ? A DT 20 C DA 4   1_555 ? ? ? ? ? ? WATSON-CRICK ?     ? ? 
hydrog48 hydrog ? ? A DA 21 N1 ? ? ? 1_555 C DT 3 N3 ? ? A DA 21 C DT 3   1_555 ? ? ? ? ? ? WATSON-CRICK ?     ? ? 
hydrog49 hydrog ? ? A DA 21 N6 ? ? ? 1_555 C DT 3 O4 ? ? A DA 21 C DT 3   1_555 ? ? ? ? ? ? WATSON-CRICK ?     ? ? 
# 
loop_
_struct_conn_type.id 
_struct_conn_type.criteria 
_struct_conn_type.reference 
metalc ? ? 
hydrog ? ? 
# 
_atom_sites.entry_id                    8TBD 
_atom_sites.Cartn_transf_matrix[1][1]   ? 
_atom_sites.Cartn_transf_matrix[1][2]   ? 
_atom_sites.Cartn_transf_matrix[1][3]   ? 
_atom_sites.Cartn_transf_matrix[2][1]   ? 
_atom_sites.Cartn_transf_matrix[2][2]   ? 
_atom_sites.Cartn_transf_matrix[2][3]   ? 
_atom_sites.Cartn_transf_matrix[3][1]   ? 
_atom_sites.Cartn_transf_matrix[3][2]   ? 
_atom_sites.Cartn_transf_matrix[3][3]   ? 
_atom_sites.Cartn_transf_vector[1]      ? 
_atom_sites.Cartn_transf_vector[2]      ? 
_atom_sites.Cartn_transf_vector[3]      ? 
_atom_sites.fract_transf_matrix[1][1]   -0.01490129 
_atom_sites.fract_transf_matrix[1][2]   -0.00091432 
_atom_sites.fract_transf_matrix[1][3]   -0.00791074 
_atom_sites.fract_transf_matrix[2][1]   -0.01434453 
_atom_sites.fract_transf_matrix[2][2]   0.00066170 
_atom_sites.fract_transf_matrix[2][3]   0.00890156 
_atom_sites.fract_transf_matrix[3][1]   -0.00020117 
_atom_sites.fract_transf_matrix[3][2]   0.01704770 
_atom_sites.fract_transf_matrix[3][3]   -0.00159143 
_atom_sites.fract_transf_vector[1]      0.296415 
_atom_sites.fract_transf_vector[2]      -0.299893 
_atom_sites.fract_transf_vector[3]      0.201326 
_atom_sites.solution_primary            ? 
_atom_sites.solution_secondary          ? 
_atom_sites.solution_hydrogens          ? 
_atom_sites.special_details             ? 
# 
loop_
_atom_type.symbol 
AS 
C  
MG 
N  
O  
P  
# 
loop_
_atom_site.group_PDB 
_atom_site.id 
_atom_site.type_symbol 
_atom_site.label_atom_id 
_atom_site.label_alt_id 
_atom_site.label_comp_id 
_atom_site.label_asym_id 
_atom_site.label_entity_id 
_atom_site.label_seq_id 
_atom_site.pdbx_PDB_ins_code 
_atom_site.Cartn_x 
_atom_site.Cartn_y 
_atom_site.Cartn_z 
_atom_site.occupancy 
_atom_site.B_iso_or_equiv 
_atom_site.pdbx_formal_charge 
_atom_site.auth_seq_id 
_atom_site.auth_comp_id 
_atom_site.auth_asym_id 
_atom_site.auth_atom_id 
_atom_site.pdbx_PDB_model_num 
ATOM   1   C  "C5'" . DG  A 1 1  ? -36.002 -3.232  -7.640  1.00 130.12 ? 1   DG  A "C5'" 1 
ATOM   2   C  "C4'" . DG  A 1 1  ? -36.234 -1.965  -6.835  1.00 135.15 ? 1   DG  A "C4'" 1 
ATOM   3   O  "O4'" . DG  A 1 1  ? -36.765 -2.307  -5.525  1.00 128.80 ? 1   DG  A "O4'" 1 
ATOM   4   C  "C3'" . DG  A 1 1  ? -34.975 -1.126  -6.582  1.00 141.48 ? 1   DG  A "C3'" 1 
ATOM   5   O  "O3'" . DG  A 1 1  ? -35.203 0.240   -6.925  1.00 150.00 ? 1   DG  A "O3'" 1 
ATOM   6   C  "C2'" . DG  A 1 1  ? -34.725 -1.292  -5.085  1.00 135.31 ? 1   DG  A "C2'" 1 
ATOM   7   C  "C1'" . DG  A 1 1  ? -36.129 -1.511  -4.558  1.00 127.73 ? 1   DG  A "C1'" 1 
ATOM   8   N  N9    . DG  A 1 1  ? -36.142 -2.206  -3.277  1.00 122.41 ? 1   DG  A N9    1 
ATOM   9   C  C8    . DG  A 1 1  ? -36.089 -3.563  -3.063  1.00 121.55 ? 1   DG  A C8    1 
ATOM   10  N  N7    . DG  A 1 1  ? -36.097 -3.889  -1.799  1.00 120.24 ? 1   DG  A N7    1 
ATOM   11  C  C5    . DG  A 1 1  ? -36.147 -2.669  -1.134  1.00 121.71 ? 1   DG  A C5    1 
ATOM   12  C  C6    . DG  A 1 1  ? -36.175 -2.385  0.253   1.00 122.58 ? 1   DG  A C6    1 
ATOM   13  O  O6    . DG  A 1 1  ? -36.161 -3.183  1.203   1.00 123.19 ? 1   DG  A O6    1 
ATOM   14  N  N1    . DG  A 1 1  ? -36.227 -1.012  0.495   1.00 121.17 ? 1   DG  A N1    1 
ATOM   15  C  C2    . DG  A 1 1  ? -36.246 -0.040  -0.479  1.00 121.07 ? 1   DG  A C2    1 
ATOM   16  N  N2    . DG  A 1 1  ? -36.294 1.230   -0.052  1.00 119.98 ? 1   DG  A N2    1 
ATOM   17  N  N3    . DG  A 1 1  ? -36.217 -0.294  -1.780  1.00 121.05 ? 1   DG  A N3    1 
ATOM   18  C  C4    . DG  A 1 1  ? -36.168 -1.626  -2.033  1.00 121.54 ? 1   DG  A C4    1 
ATOM   19  P  P     . DA  A 1 2  ? -33.963 1.255   -7.079  1.00 151.49 ? 2   DA  A P     1 
ATOM   20  O  OP1   . DA  A 1 2  ? -33.907 1.676   -8.497  1.00 151.62 ? 2   DA  A OP1   1 
ATOM   21  O  OP2   . DA  A 1 2  ? -32.772 0.637   -6.453  1.00 140.91 ? 2   DA  A OP2   1 
ATOM   22  O  "O5'" . DA  A 1 2  ? -34.383 2.515   -6.183  1.00 138.69 ? 2   DA  A "O5'" 1 
ATOM   23  C  "C5'" . DA  A 1 2  ? -35.033 2.313   -4.934  1.00 135.69 ? 2   DA  A "C5'" 1 
ATOM   24  C  "C4'" . DA  A 1 2  ? -34.560 3.324   -3.907  1.00 132.46 ? 2   DA  A "C4'" 1 
ATOM   25  O  "O4'" . DA  A 1 2  ? -34.568 2.700   -2.599  1.00 132.73 ? 2   DA  A "O4'" 1 
ATOM   26  C  "C3'" . DA  A 1 2  ? -33.132 3.811   -4.106  1.00 127.43 ? 2   DA  A "C3'" 1 
ATOM   27  O  "O3'" . DA  A 1 2  ? -32.961 5.104   -3.519  1.00 127.91 ? 2   DA  A "O3'" 1 
ATOM   28  C  "C2'" . DA  A 1 2  ? -32.335 2.754   -3.360  1.00 124.24 ? 2   DA  A "C2'" 1 
ATOM   29  C  "C1'" . DA  A 1 2  ? -33.238 2.491   -2.158  1.00 125.90 ? 2   DA  A "C1'" 1 
ATOM   30  N  N9    . DA  A 1 2  ? -33.119 1.132   -1.637  1.00 126.21 ? 2   DA  A N9    1 
ATOM   31  C  C8    . DA  A 1 2  ? -33.041 -0.024  -2.363  1.00 126.36 ? 2   DA  A C8    1 
ATOM   32  N  N7    . DA  A 1 2  ? -32.931 -1.106  -1.627  1.00 126.91 ? 2   DA  A N7    1 
ATOM   33  C  C5    . DA  A 1 2  ? -32.934 -0.626  -0.327  1.00 126.60 ? 2   DA  A C5    1 
ATOM   34  C  C6    . DA  A 1 2  ? -32.846 -1.270  0.928   1.00 125.25 ? 2   DA  A C6    1 
ATOM   35  N  N6    . DA  A 1 2  ? -32.733 -2.595  1.071   1.00 125.51 ? 2   DA  A N6    1 
ATOM   36  N  N1    . DA  A 1 2  ? -32.878 -0.494  2.032   1.00 122.91 ? 2   DA  A N1    1 
ATOM   37  C  C2    . DA  A 1 2  ? -32.993 0.832   1.886   1.00 123.70 ? 2   DA  A C2    1 
ATOM   38  N  N3    . DA  A 1 2  ? -33.081 1.549   0.766   1.00 124.27 ? 2   DA  A N3    1 
ATOM   39  C  C4    . DA  A 1 2  ? -33.046 0.752   -0.314  1.00 125.79 ? 2   DA  A C4    1 
ATOM   40  P  P     . DG  A 1 3  ? -31.807 6.087   -4.057  1.00 131.60 ? 3   DG  A P     1 
ATOM   41  O  OP1   . DG  A 1 3  ? -32.453 7.306   -4.594  1.00 133.34 ? 3   DG  A OP1   1 
ATOM   42  O  OP2   . DG  A 1 3  ? -30.917 5.291   -4.928  1.00 130.39 ? 3   DG  A OP2   1 
ATOM   43  O  "O5'" . DG  A 1 3  ? -30.986 6.481   -2.742  1.00 114.54 ? 3   DG  A "O5'" 1 
ATOM   44  C  "C5'" . DG  A 1 3  ? -31.545 7.382   -1.804  1.00 111.27 ? 3   DG  A "C5'" 1 
ATOM   45  C  "C4'" . DG  A 1 3  ? -31.097 7.031   -0.401  1.00 111.19 ? 3   DG  A "C4'" 1 
ATOM   46  O  "O4'" . DG  A 1 3  ? -31.306 5.617   -0.172  1.00 112.62 ? 3   DG  A "O4'" 1 
ATOM   47  C  "C3'" . DG  A 1 3  ? -29.616 7.299   -0.111  1.00 113.66 ? 3   DG  A "C3'" 1 
ATOM   48  O  "O3'" . DG  A 1 3  ? -29.495 8.202   0.985   1.00 119.68 ? 3   DG  A "O3'" 1 
ATOM   49  C  "C2'" . DG  A 1 3  ? -29.034 5.915   0.218   1.00 115.87 ? 3   DG  A "C2'" 1 
ATOM   50  C  "C1'" . DG  A 1 3  ? -30.268 5.132   0.636   1.00 116.19 ? 3   DG  A "C1'" 1 
ATOM   51  N  N9    . DG  A 1 3  ? -30.148 3.688   0.428   1.00 117.67 ? 3   DG  A N9    1 
ATOM   52  C  C8    . DG  A 1 3  ? -30.190 3.016   -0.768  1.00 119.27 ? 3   DG  A C8    1 
ATOM   53  N  N7    . DG  A 1 3  ? -30.059 1.722   -0.645  1.00 119.13 ? 3   DG  A N7    1 
ATOM   54  C  C5    . DG  A 1 3  ? -29.919 1.524   0.723   1.00 118.49 ? 3   DG  A C5    1 
ATOM   55  C  C6    . DG  A 1 3  ? -29.740 0.326   1.461   1.00 121.28 ? 3   DG  A C6    1 
ATOM   56  O  O6    . DG  A 1 3  ? -29.675 -0.837  1.042   1.00 123.42 ? 3   DG  A O6    1 
ATOM   57  N  N1    . DG  A 1 3  ? -29.647 0.572   2.828   1.00 121.46 ? 3   DG  A N1    1 
ATOM   58  C  C2    . DG  A 1 3  ? -29.713 1.816   3.410   1.00 122.82 ? 3   DG  A C2    1 
ATOM   59  N  N2    . DG  A 1 3  ? -29.598 1.857   4.748   1.00 124.82 ? 3   DG  A N2    1 
ATOM   60  N  N3    . DG  A 1 3  ? -29.878 2.945   2.731   1.00 121.41 ? 3   DG  A N3    1 
ATOM   61  C  C4    . DG  A 1 3  ? -29.976 2.724   1.397   1.00 119.13 ? 3   DG  A C4    1 
ATOM   62  P  P     . DC  A 1 4  ? -28.049 8.699   1.486   1.00 129.51 ? 4   DC  A P     1 
ATOM   63  O  OP1   . DC  A 1 4  ? -28.163 10.116  1.900   1.00 129.02 ? 4   DC  A OP1   1 
ATOM   64  O  OP2   . DC  A 1 4  ? -27.051 8.320   0.462   1.00 123.83 ? 4   DC  A OP2   1 
ATOM   65  O  "O5'" . DC  A 1 4  ? -27.777 7.813   2.787   1.00 121.52 ? 4   DC  A "O5'" 1 
ATOM   66  C  "C5'" . DC  A 1 4  ? -26.839 8.246   3.754   1.00 122.50 ? 4   DC  A "C5'" 1 
ATOM   67  C  "C4'" . DC  A 1 4  ? -26.841 7.320   4.953   1.00 126.46 ? 4   DC  A "C4'" 1 
ATOM   68  O  "O4'" . DC  A 1 4  ? -27.514 6.093   4.613   1.00 124.78 ? 4   DC  A "O4'" 1 
ATOM   69  C  "C3'" . DC  A 1 4  ? -25.461 6.930   5.438   1.00 125.28 ? 4   DC  A "C3'" 1 
ATOM   70  O  "O3'" . DC  A 1 4  ? -25.091 7.800   6.496   1.00 131.40 ? 4   DC  A "O3'" 1 
ATOM   71  C  "C2'" . DC  A 1 4  ? -25.619 5.482   5.924   1.00 123.16 ? 4   DC  A "C2'" 1 
ATOM   72  C  "C1'" . DC  A 1 4  ? -26.909 4.992   5.262   1.00 124.61 ? 4   DC  A "C1'" 1 
ATOM   73  N  N1    . DC  A 1 4  ? -26.740 3.900   4.236   1.00 127.38 ? 4   DC  A N1    1 
ATOM   74  C  C2    . DC  A 1 4  ? -26.499 2.562   4.624   1.00 128.35 ? 4   DC  A C2    1 
ATOM   75  O  O2    . DC  A 1 4  ? -26.376 2.273   5.825   1.00 125.73 ? 4   DC  A O2    1 
ATOM   76  N  N3    . DC  A 1 4  ? -26.390 1.613   3.651   1.00 127.70 ? 4   DC  A N3    1 
ATOM   77  C  C4    . DC  A 1 4  ? -26.526 1.947   2.364   1.00 124.20 ? 4   DC  A C4    1 
ATOM   78  N  N4    . DC  A 1 4  ? -26.413 0.978   1.447   1.00 121.13 ? 4   DC  A N4    1 
ATOM   79  C  C5    . DC  A 1 4  ? -26.785 3.288   1.959   1.00 124.69 ? 4   DC  A C5    1 
ATOM   80  C  C6    . DC  A 1 4  ? -26.891 4.216   2.915   1.00 126.16 ? 4   DC  A C6    1 
ATOM   81  P  P     . DA  A 1 5  ? -23.550 8.148   6.769   1.00 147.71 ? 5   DA  A P     1 
ATOM   82  O  OP1   . DA  A 1 5  ? -23.513 9.410   7.546   1.00 145.01 ? 5   DA  A OP1   1 
ATOM   83  O  OP2   . DA  A 1 5  ? -22.833 8.063   5.476   1.00 139.59 ? 5   DA  A OP2   1 
ATOM   84  O  "O5'" . DA  A 1 5  ? -23.060 6.942   7.700   1.00 137.03 ? 5   DA  A "O5'" 1 
ATOM   85  C  "C5'" . DA  A 1 5  ? -23.869 6.525   8.797   1.00 133.29 ? 5   DA  A "C5'" 1 
ATOM   86  C  "C4'" . DA  A 1 5  ? -23.448 5.156   9.302   1.00 133.04 ? 5   DA  A "C4'" 1 
ATOM   87  O  "O4'" . DA  A 1 5  ? -23.836 4.131   8.352   1.00 126.56 ? 5   DA  A "O4'" 1 
ATOM   88  C  "C3'" . DA  A 1 5  ? -21.953 4.991   9.539   1.00 131.77 ? 5   DA  A "C3'" 1 
ATOM   89  O  "O3'" . DA  A 1 5  ? -21.737 4.381   10.801  1.00 132.86 ? 5   DA  A "O3'" 1 
ATOM   90  C  "C2'" . DA  A 1 5  ? -21.485 4.104   8.380   1.00 128.22 ? 5   DA  A "C2'" 1 
ATOM   91  C  "C1'" . DA  A 1 5  ? -22.735 3.303   8.038   1.00 125.21 ? 5   DA  A "C1'" 1 
ATOM   92  N  N9    . DA  A 1 5  ? -22.835 2.970   6.620   1.00 124.33 ? 5   DA  A N9    1 
ATOM   93  C  C8    . DA  A 1 5  ? -22.913 3.857   5.588   1.00 125.31 ? 5   DA  A C8    1 
ATOM   94  N  N7    . DA  A 1 5  ? -23.018 3.299   4.410   1.00 125.63 ? 5   DA  A N7    1 
ATOM   95  C  C5    . DA  A 1 5  ? -23.001 1.944   4.679   1.00 126.05 ? 5   DA  A C5    1 
ATOM   96  C  C6    . DA  A 1 5  ? -23.074 0.813   3.841   1.00 125.17 ? 5   DA  A C6    1 
ATOM   97  N  N6    . DA  A 1 5  ? -23.180 0.893   2.509   1.00 120.95 ? 5   DA  A N6    1 
ATOM   98  N  N1    . DA  A 1 5  ? -23.031 -0.404  4.423   1.00 126.32 ? 5   DA  A N1    1 
ATOM   99  C  C2    . DA  A 1 5  ? -22.927 -0.478  5.761   1.00 127.17 ? 5   DA  A C2    1 
ATOM   100 N  N3    . DA  A 1 5  ? -22.848 0.517   6.655   1.00 127.19 ? 5   DA  A N3    1 
ATOM   101 C  C4    . DA  A 1 5  ? -22.895 1.714   6.042   1.00 126.45 ? 5   DA  A C4    1 
ATOM   102 P  P     . DG  A 1 6  ? -20.248 4.220   11.378  1.00 139.24 ? 6   DG  A P     1 
ATOM   103 O  OP1   . DG  A 1 6  ? -20.331 4.259   12.858  1.00 135.47 ? 6   DG  A OP1   1 
ATOM   104 O  OP2   . DG  A 1 6  ? -19.406 5.218   10.679  1.00 138.16 ? 6   DG  A OP2   1 
ATOM   105 O  "O5'" . DG  A 1 6  ? -19.821 2.751   10.893  1.00 133.35 ? 6   DG  A "O5'" 1 
ATOM   106 C  "C5'" . DG  A 1 6  ? -20.764 1.676   10.981  1.00 127.61 ? 6   DG  A "C5'" 1 
ATOM   107 C  "C4'" . DG  A 1 6  ? -20.274 0.426   10.256  1.00 126.01 ? 6   DG  A "C4'" 1 
ATOM   108 O  "O4'" . DG  A 1 6  ? -20.632 0.480   8.855   1.00 122.74 ? 6   DG  A "O4'" 1 
ATOM   109 C  "C3'" . DG  A 1 6  ? -18.765 0.167   10.307  1.00 124.94 ? 6   DG  A "C3'" 1 
ATOM   110 O  "O3'" . DG  A 1 6  ? -18.535 -1.138  10.835  1.00 126.50 ? 6   DG  A "O3'" 1 
ATOM   111 C  "C2'" . DG  A 1 6  ? -18.318 0.278   8.838   1.00 121.19 ? 6   DG  A "C2'" 1 
ATOM   112 C  "C1'" . DG  A 1 6  ? -19.591 -0.091  8.099   1.00 119.94 ? 6   DG  A "C1'" 1 
ATOM   113 N  N9    . DG  A 1 6  ? -19.682 0.439   6.740   1.00 120.80 ? 6   DG  A N9    1 
ATOM   114 C  C8    . DG  A 1 6  ? -19.755 1.761   6.372   1.00 121.64 ? 6   DG  A C8    1 
ATOM   115 N  N7    . DG  A 1 6  ? -19.861 1.939   5.084   1.00 121.06 ? 6   DG  A N7    1 
ATOM   116 C  C5    . DG  A 1 6  ? -19.866 0.653   4.559   1.00 119.95 ? 6   DG  A C5    1 
ATOM   117 C  C6    . DG  A 1 6  ? -19.959 0.215   3.213   1.00 116.73 ? 6   DG  A C6    1 
ATOM   118 O  O6    . DG  A 1 6  ? -20.057 0.903   2.186   1.00 116.28 ? 6   DG  A O6    1 
ATOM   119 N  N1    . DG  A 1 6  ? -19.929 -1.173  3.118   1.00 114.68 ? 6   DG  A N1    1 
ATOM   120 C  C2    . DG  A 1 6  ? -19.823 -2.033  4.189   1.00 117.97 ? 6   DG  A C2    1 
ATOM   121 N  N2    . DG  A 1 6  ? -19.808 -3.343  3.903   1.00 118.22 ? 6   DG  A N2    1 
ATOM   122 N  N3    . DG  A 1 6  ? -19.735 -1.637  5.456   1.00 119.69 ? 6   DG  A N3    1 
ATOM   123 C  C4    . DG  A 1 6  ? -19.760 -0.285  5.566   1.00 120.23 ? 6   DG  A C4    1 
ATOM   124 P  P     . DA  A 1 7  ? -17.046 -1.724  10.972  1.00 130.64 ? 7   DA  A P     1 
ATOM   125 O  OP1   . DA  A 1 7  ? -17.037 -2.681  12.101  1.00 124.08 ? 7   DA  A OP1   1 
ATOM   126 O  OP2   . DA  A 1 7  ? -16.104 -0.582  10.976  1.00 127.48 ? 7   DA  A OP2   1 
ATOM   127 O  "O5'" . DA  A 1 7  ? -16.838 -2.539  9.615   1.00 118.17 ? 7   DA  A "O5'" 1 
ATOM   128 C  "C5'" . DA  A 1 7  ? -17.811 -3.488  9.204   1.00 114.08 ? 7   DA  A "C5'" 1 
ATOM   129 C  "C4'" . DA  A 1 7  ? -17.265 -4.364  8.095   1.00 114.92 ? 7   DA  A "C4'" 1 
ATOM   130 O  "O4'" . DA  A 1 7  ? -17.572 -3.769  6.808   1.00 115.08 ? 7   DA  A "O4'" 1 
ATOM   131 C  "C3'" . DA  A 1 7  ? -15.753 -4.558  8.120   1.00 114.35 ? 7   DA  A "C3'" 1 
ATOM   132 O  "O3'" . DA  A 1 7  ? -15.436 -5.882  7.723   1.00 116.16 ? 7   DA  A "O3'" 1 
ATOM   133 C  "C2'" . DA  A 1 7  ? -15.264 -3.533  7.101   1.00 112.23 ? 7   DA  A "C2'" 1 
ATOM   134 C  "C1'" . DA  A 1 7  ? -16.380 -3.586  6.071   1.00 113.28 ? 7   DA  A "C1'" 1 
ATOM   135 N  N9    . DA  A 1 7  ? -16.521 -2.363  5.280   1.00 112.63 ? 7   DA  A N9    1 
ATOM   136 C  C8    . DA  A 1 7  ? -16.568 -1.080  5.748   1.00 112.58 ? 7   DA  A C8    1 
ATOM   137 N  N7    . DA  A 1 7  ? -16.717 -0.177  4.807   1.00 111.03 ? 7   DA  A N7    1 
ATOM   138 C  C5    . DA  A 1 7  ? -16.779 -0.920  3.639   1.00 110.85 ? 7   DA  A C5    1 
ATOM   139 C  C6    . DA  A 1 7  ? -16.931 -0.549  2.287   1.00 108.18 ? 7   DA  A C6    1 
ATOM   140 N  N6    . DA  A 1 7  ? -17.056 0.718   1.883   1.00 104.55 ? 7   DA  A N6    1 
ATOM   141 N  N1    . DA  A 1 7  ? -16.953 -1.537  1.364   1.00 106.50 ? 7   DA  A N1    1 
ATOM   142 C  C2    . DA  A 1 7  ? -16.830 -2.805  1.775   1.00 107.55 ? 7   DA  A C2    1 
ATOM   143 N  N3    . DA  A 1 7  ? -16.680 -3.275  3.017   1.00 109.00 ? 7   DA  A N3    1 
ATOM   144 C  C4    . DA  A 1 7  ? -16.663 -2.270  3.910   1.00 110.78 ? 7   DA  A C4    1 
ATOM   145 P  P     . DC  A 1 8  ? -13.988 -6.499  8.038   1.00 127.44 ? 8   DC  A P     1 
ATOM   146 O  OP1   . DC  A 1 8  ? -14.196 -7.817  8.680   1.00 127.03 ? 8   DC  A OP1   1 
ATOM   147 O  OP2   . DC  A 1 8  ? -13.198 -5.455  8.731   1.00 123.41 ? 8   DC  A OP2   1 
ATOM   148 O  "O5'" . DC  A 1 8  ? -13.349 -6.731  6.587   1.00 119.93 ? 8   DC  A "O5'" 1 
ATOM   149 C  "C5'" . DC  A 1 8  ? -13.908 -7.708  5.718   1.00 117.03 ? 8   DC  A "C5'" 1 
ATOM   150 C  "C4'" . DC  A 1 8  ? -13.631 -7.372  4.261   1.00 113.79 ? 8   DC  A "C4'" 1 
ATOM   151 O  "O4'" . DC  A 1 8  ? -14.113 -6.039  3.960   1.00 112.81 ? 8   DC  A "O4'" 1 
ATOM   152 C  "C3'" . DC  A 1 8  ? -12.152 -7.395  3.846   1.00 105.57 ? 8   DC  A "C3'" 1 
ATOM   153 O  "O3'" . DC  A 1 8  ? -11.968 -8.311  2.775   1.00 102.37 ? 8   DC  A "O3'" 1 
ATOM   154 C  "C2'" . DC  A 1 8  ? -11.864 -5.954  3.412   1.00 103.96 ? 8   DC  A "C2'" 1 
ATOM   155 C  "C1'" . DC  A 1 8  ? -13.245 -5.454  3.028   1.00 107.97 ? 8   DC  A "C1'" 1 
ATOM   156 N  N1    . DC  A 1 8  ? -13.370 -3.977  3.117   1.00 107.50 ? 8   DC  A N1    1 
ATOM   157 C  C2    . DC  A 1 8  ? -13.528 -3.221  1.948   1.00 105.00 ? 8   DC  A C2    1 
ATOM   158 O  O2    . DC  A 1 8  ? -13.576 -3.803  0.856   1.00 102.96 ? 8   DC  A O2    1 
ATOM   159 N  N3    . DC  A 1 8  ? -13.627 -1.870  2.052   1.00 102.53 ? 8   DC  A N3    1 
ATOM   160 C  C4    . DC  A 1 8  ? -13.569 -1.288  3.254   1.00 102.64 ? 8   DC  A C4    1 
ATOM   161 N  N4    . DC  A 1 8  ? -13.673 0.042   3.314   1.00 101.86 ? 8   DC  A N4    1 
ATOM   162 C  C5    . DC  A 1 8  ? -13.404 -2.045  4.450   1.00 103.74 ? 8   DC  A C5    1 
ATOM   163 C  C6    . DC  A 1 8  ? -13.305 -3.370  4.335   1.00 106.41 ? 8   DC  A C6    1 
ATOM   164 P  P     . DC  A 1 9  ? -10.617 -8.291  1.903   1.00 107.74 ? 9   DC  A P     1 
ATOM   165 O  OP1   . DC  A 1 9  ? -10.478 -9.634  1.296   1.00 110.32 ? 9   DC  A OP1   1 
ATOM   166 O  OP2   . DC  A 1 9  ? -9.520  -7.756  2.743   1.00 100.80 ? 9   DC  A OP2   1 
ATOM   167 O  "O5'" . DC  A 1 9  ? -10.932 -7.252  0.727   1.00 95.80  ? 9   DC  A "O5'" 1 
ATOM   168 C  "C5'" . DC  A 1 9  ? -11.908 -7.578  -0.254  1.00 95.60  ? 9   DC  A "C5'" 1 
ATOM   169 C  "C4'" . DC  A 1 9  ? -11.675 -6.796  -1.536  1.00 97.71  ? 9   DC  A "C4'" 1 
ATOM   170 O  "O4'" . DC  A 1 9  ? -11.893 -5.380  -1.292  1.00 98.01  ? 9   DC  A "O4'" 1 
ATOM   171 C  "C3'" . DC  A 1 9  ? -10.269 -6.906  -2.123  1.00 95.70  ? 9   DC  A "C3'" 1 
ATOM   172 O  "O3'" . DC  A 1 9  ? -10.346 -6.897  -3.550  1.00 100.35 ? 9   DC  A "O3'" 1 
ATOM   173 C  "C2'" . DC  A 1 9  ? -9.594  -5.645  -1.594  1.00 96.63  ? 9   DC  A "C2'" 1 
ATOM   174 C  "C1'" . DC  A 1 9  ? -10.744 -4.655  -1.679  1.00 96.61  ? 9   DC  A "C1'" 1 
ATOM   175 N  N1    . DC  A 1 9  ? -10.602 -3.478  -0.772  1.00 96.51  ? 9   DC  A N1    1 
ATOM   176 C  C2    . DC  A 1 9  ? -10.552 -2.183  -1.313  1.00 92.60  ? 9   DC  A C2    1 
ATOM   177 O  O2    . DC  A 1 9  ? -10.627 -2.039  -2.540  1.00 90.02  ? 9   DC  A O2    1 
ATOM   178 N  N3    . DC  A 1 9  ? -10.433 -1.126  -0.469  1.00 89.73  ? 9   DC  A N3    1 
ATOM   179 C  C4    . DC  A 1 9  ? -10.362 -1.328  0.848   1.00 92.25  ? 9   DC  A C4    1 
ATOM   180 N  N4    . DC  A 1 9  ? -10.242 -0.259  1.643   1.00 88.39  ? 9   DC  A N4    1 
ATOM   181 C  C5    . DC  A 1 9  ? -10.406 -2.638  1.413   1.00 98.68  ? 9   DC  A C5    1 
ATOM   182 C  C6    . DC  A 1 9  ? -10.528 -3.672  0.575   1.00 97.42  ? 9   DC  A C6    1 
ATOM   183 P  P     . DT  A 1 10 ? -9.009  -6.957  -4.442  1.00 107.50 ? 10  DT  A P     1 
ATOM   184 O  OP1   . DT  A 1 10 ? -9.379  -7.410  -5.805  1.00 107.02 ? 10  DT  A OP1   1 
ATOM   185 O  OP2   . DT  A 1 10 ? -8.009  -7.718  -3.658  1.00 102.66 ? 10  DT  A OP2   1 
ATOM   186 O  "O5'" . DT  A 1 10 ? -8.527  -5.430  -4.524  1.00 97.93  ? 10  DT  A "O5'" 1 
ATOM   187 C  "C5'" . DT  A 1 10 ? -9.403  -4.418  -5.034  1.00 96.38  ? 10  DT  A "C5'" 1 
ATOM   188 C  "C4'" . DT  A 1 10 ? -8.749  -3.670  -6.184  1.00 97.11  ? 10  DT  A "C4'" 1 
ATOM   189 O  "O4'" . DT  A 1 10 ? -8.585  -2.269  -5.836  1.00 99.39  ? 10  DT  A "O4'" 1 
ATOM   190 C  "C3'" . DT  A 1 10 ? -7.364  -4.160  -6.549  1.00 94.27  ? 10  DT  A "C3'" 1 
ATOM   191 O  "O3'" . DT  A 1 10 ? -7.125  -3.949  -7.926  1.00 92.71  ? 10  DT  A "O3'" 1 
ATOM   192 C  "C2'" . DT  A 1 10 ? -6.455  -3.296  -5.674  1.00 96.44  ? 10  DT  A "C2'" 1 
ATOM   193 C  "C1'" . DT  A 1 10 ? -7.216  -1.971  -5.601  1.00 95.02  ? 10  DT  A "C1'" 1 
ATOM   194 N  N1    . DT  A 1 10 ? -7.116  -1.286  -4.261  1.00 89.99  ? 10  DT  A N1    1 
ATOM   195 C  C2    . DT  A 1 10 ? -7.009  0.094   -4.194  1.00 87.09  ? 10  DT  A C2    1 
ATOM   196 O  O2    . DT  A 1 10 ? -6.972  0.815   -5.179  1.00 87.08  ? 10  DT  A O2    1 
ATOM   197 N  N3    . DT  A 1 10 ? -6.941  0.596   -2.913  1.00 82.29  ? 10  DT  A N3    1 
ATOM   198 C  C4    . DT  A 1 10 ? -6.975  -0.123  -1.730  1.00 82.65  ? 10  DT  A C4    1 
ATOM   199 O  O4    . DT  A 1 10 ? -6.907  0.409   -0.628  1.00 79.90  ? 10  DT  A O4    1 
ATOM   200 C  C5    . DT  A 1 10 ? -7.091  -1.547  -1.878  1.00 88.49  ? 10  DT  A C5    1 
ATOM   201 C  C7    . DT  A 1 10 ? -7.134  -2.422  -0.662  1.00 93.12  ? 10  DT  A C7    1 
ATOM   202 C  C6    . DT  A 1 10 ? -7.157  -2.054  -3.117  1.00 88.49  ? 10  DT  A C6    1 
ATOM   203 P  P     . DG  A 1 11 ? -5.928  -4.728  -8.658  1.00 107.72 ? 11  DG  A P     1 
ATOM   204 O  OP1   . DG  A 1 11 ? -6.457  -5.277  -9.927  1.00 106.60 ? 11  DG  A OP1   1 
ATOM   205 O  OP2   . DG  A 1 11 ? -5.313  -5.637  -7.662  1.00 105.40 ? 11  DG  A OP2   1 
ATOM   206 O  "O5'" . DG  A 1 11 ? -4.879  -3.569  -8.992  1.00 96.92  ? 11  DG  A "O5'" 1 
ATOM   207 C  "C5'" . DG  A 1 11 ? -5.282  -2.466  -9.789  1.00 93.79  ? 11  DG  A "C5'" 1 
ATOM   208 C  "C4'" . DG  A 1 11 ? -4.418  -1.255  -9.504  1.00 91.61  ? 11  DG  A "C4'" 1 
ATOM   209 O  "O4'" . DG  A 1 11 ? -4.663  -0.795  -8.154  1.00 88.13  ? 11  DG  A "O4'" 1 
ATOM   210 C  "C3'" . DG  A 1 11 ? -2.906  -1.493  -9.616  1.00 85.73  ? 11  DG  A "C3'" 1 
ATOM   211 O  "O3'" . DG  A 1 11 ? -2.350  -0.574  -10.559 1.00 88.64  ? 11  DG  A "O3'" 1 
ATOM   212 C  "C2'" . DG  A 1 11 ? -2.384  -1.256  -8.193  1.00 79.36  ? 11  DG  A "C2'" 1 
ATOM   213 C  "C1'" . DG  A 1 11 ? -3.453  -0.360  -7.598  1.00 83.03  ? 11  DG  A "C1'" 1 
ATOM   214 N  N9    . DG  A 1 11 ? -3.545  -0.463  -6.148  1.00 84.75  ? 11  DG  A N9    1 
ATOM   215 C  C8    . DG  A 1 11 ? -3.654  -1.610  -5.400  1.00 83.32  ? 11  DG  A C8    1 
ATOM   216 N  N7    . DG  A 1 11 ? -3.716  -1.388  -4.117  1.00 76.80  ? 11  DG  A N7    1 
ATOM   217 C  C5    . DG  A 1 11 ? -3.632  -0.007  -4.009  1.00 77.32  ? 11  DG  A C5    1 
ATOM   218 C  C6    . DG  A 1 11 ? -3.644  0.821   -2.866  1.00 78.35  ? 11  DG  A C6    1 
ATOM   219 O  O6    . DG  A 1 11 ? -3.733  0.484   -1.681  1.00 80.46  ? 11  DG  A O6    1 
ATOM   220 N  N1    . DG  A 1 11 ? -3.536  2.168   -3.202  1.00 77.49  ? 11  DG  A N1    1 
ATOM   221 C  C2    . DG  A 1 11 ? -3.434  2.651   -4.487  1.00 80.90  ? 11  DG  A C2    1 
ATOM   222 N  N2    . DG  A 1 11 ? -3.338  3.980   -4.625  1.00 82.30  ? 11  DG  A N2    1 
ATOM   223 N  N3    . DG  A 1 11 ? -3.424  1.883   -5.564  1.00 82.12  ? 11  DG  A N3    1 
ATOM   224 C  C4    . DG  A 1 11 ? -3.525  0.573   -5.252  1.00 81.31  ? 11  DG  A C4    1 
ATOM   225 P  P     . DA  A 1 12 ? -0.759  -0.415  -10.743 1.00 91.42  ? 12  DA  A P     1 
ATOM   226 O  OP1   . DA  A 1 12 ? -0.521  -0.219  -12.192 1.00 83.45  ? 12  DA  A OP1   1 
ATOM   227 O  OP2   . DA  A 1 12 ? -0.049  -1.510  -10.042 1.00 85.89  ? 12  DA  A OP2   1 
ATOM   228 O  "O5'" . DA  A 1 12 ? -0.445  0.965   -10.001 1.00 83.22  ? 12  DA  A "O5'" 1 
ATOM   229 C  "C5'" . DA  A 1 12 ? -1.313  2.075   -10.212 1.00 85.89  ? 12  DA  A "C5'" 1 
ATOM   230 C  "C4'" . DA  A 1 12 ? -0.717  3.366   -9.674  1.00 83.29  ? 12  DA  A "C4'" 1 
ATOM   231 O  "O4'" . DA  A 1 12 ? -0.964  3.469   -8.253  1.00 82.04  ? 12  DA  A "O4'" 1 
ATOM   232 C  "C3'" . DA  A 1 12 ? 0.784   3.525   -9.851  1.00 79.02  ? 12  DA  A "C3'" 1 
ATOM   233 O  "O3'" . DA  A 1 12 ? 1.092   4.896   -10.039 1.00 77.14  ? 12  DA  A "O3'" 1 
ATOM   234 C  "C2'" . DA  A 1 12 ? 1.343   2.992   -8.532  1.00 78.32  ? 12  DA  A "C2'" 1 
ATOM   235 C  "C1'" . DA  A 1 12 ? 0.246   3.353   -7.533  1.00 78.91  ? 12  DA  A "C1'" 1 
ATOM   236 N  N9    . DA  A 1 12 ? 0.052   2.341   -6.503  1.00 79.75  ? 12  DA  A N9    1 
ATOM   237 C  C8    . DA  A 1 12 ? -0.057  0.990   -6.685  1.00 79.95  ? 12  DA  A C8    1 
ATOM   238 N  N7    . DA  A 1 12 ? -0.236  0.320   -5.570  1.00 78.71  ? 12  DA  A N7    1 
ATOM   239 C  C5    . DA  A 1 12 ? -0.253  1.302   -4.594  1.00 77.29  ? 12  DA  A C5    1 
ATOM   240 C  C6    . DA  A 1 12 ? -0.406  1.246   -3.196  1.00 78.00  ? 12  DA  A C6    1 
ATOM   241 N  N6    . DA  A 1 12 ? -0.582  0.107   -2.521  1.00 77.38  ? 12  DA  A N6    1 
ATOM   242 N  N1    . DA  A 1 12 ? -0.372  2.414   -2.516  1.00 81.02  ? 12  DA  A N1    1 
ATOM   243 C  C2    . DA  A 1 12 ? -0.199  3.551   -3.198  1.00 82.92  ? 12  DA  A C2    1 
ATOM   244 N  N3    . DA  A 1 12 ? -0.038  3.727   -4.507  1.00 81.79  ? 12  DA  A N3    1 
ATOM   245 C  C4    . DA  A 1 12 ? -0.081  2.554   -5.154  1.00 79.34  ? 12  DA  A C4    1 
ATOM   246 P  P     . DC  A 1 13 ? 2.618   5.389   -10.091 1.00 86.77  ? 13  DC  A P     1 
ATOM   247 O  OP1   . DC  A 1 13 ? 2.643   6.647   -10.869 1.00 85.45  ? 13  DC  A OP1   1 
ATOM   248 O  OP2   . DC  A 1 13 ? 3.459   4.249   -10.524 1.00 85.91  ? 13  DC  A OP2   1 
ATOM   249 O  "O5'" . DC  A 1 13 ? 2.950   5.730   -8.565  1.00 80.39  ? 13  DC  A "O5'" 1 
ATOM   250 C  "C5'" . DC  A 1 13 ? 2.077   6.582   -7.842  1.00 79.49  ? 13  DC  A "C5'" 1 
ATOM   251 C  "C4'" . DC  A 1 13 ? 2.573   6.814   -6.425  1.00 84.50  ? 13  DC  A "C4'" 1 
ATOM   252 O  "O4'" . DC  A 1 13 ? 2.175   5.710   -5.568  1.00 81.86  ? 13  DC  A "O4'" 1 
ATOM   253 C  "C3'" . DC  A 1 13 ? 4.093   6.945   -6.267  1.00 80.35  ? 13  DC  A "C3'" 1 
ATOM   254 O  "O3'" . DC  A 1 13 ? 4.378   7.979   -5.335  1.00 80.05  ? 13  DC  A "O3'" 1 
ATOM   255 C  "C2'" . DC  A 1 13 ? 4.479   5.582   -5.706  1.00 78.43  ? 13  DC  A "C2'" 1 
ATOM   256 C  "C1'" . DC  A 1 13 ? 3.290   5.316   -4.807  1.00 76.74  ? 13  DC  A "C1'" 1 
ATOM   257 N  N1    . DC  A 1 13 ? 3.140   3.897   -4.438  1.00 75.02  ? 13  DC  A N1    1 
ATOM   258 C  C2    . DC  A 1 13 ? 2.986   3.548   -3.092  1.00 81.09  ? 13  DC  A C2    1 
ATOM   259 O  O2    . DC  A 1 13 ? 2.959   4.444   -2.238  1.00 84.01  ? 13  DC  A O2    1 
ATOM   260 N  N3    . DC  A 1 13 ? 2.852   2.237   -2.768  1.00 80.65  ? 13  DC  A N3    1 
ATOM   261 C  C4    . DC  A 1 13 ? 2.882   1.310   -3.728  1.00 80.07  ? 13  DC  A C4    1 
ATOM   262 N  N4    . DC  A 1 13 ? 2.750   0.029   -3.367  1.00 84.09  ? 13  DC  A N4    1 
ATOM   263 C  C5    . DC  A 1 13 ? 3.047   1.651   -5.104  1.00 78.15  ? 13  DC  A C5    1 
ATOM   264 C  C6    . DC  A 1 13 ? 3.173   2.944   -5.409  1.00 75.39  ? 13  DC  A C6    1 
ATOM   265 P  P     . DG  A 1 14 ? 5.878   8.522   -5.126  1.00 93.84  ? 14  DG  A P     1 
ATOM   266 O  OP1   . DG  A 1 14 ? 6.079   9.630   -6.085  1.00 97.50  ? 14  DG  A OP1   1 
ATOM   267 O  OP2   . DG  A 1 14 ? 6.833   7.391   -5.118  1.00 90.08  ? 14  DG  A OP2   1 
ATOM   268 O  "O5'" . DG  A 1 14 ? 5.847   9.102   -3.638  1.00 84.28  ? 14  DG  A "O5'" 1 
ATOM   269 C  "C5'" . DG  A 1 14 ? 4.697   8.895   -2.826  1.00 83.04  ? 14  DG  A "C5'" 1 
ATOM   270 C  "C4'" . DG  A 1 14 ? 5.093   8.473   -1.421  1.00 86.28  ? 14  DG  A "C4'" 1 
ATOM   271 O  "O4'" . DG  A 1 14 ? 4.842   7.051   -1.250  1.00 87.07  ? 14  DG  A "O4'" 1 
ATOM   272 C  "C3'" . DG  A 1 14 ? 6.567   8.681   -1.069  1.00 84.45  ? 14  DG  A "C3'" 1 
ATOM   273 O  "O3'" . DG  A 1 14 ? 6.688   9.053   0.302   1.00 84.07  ? 14  DG  A "O3'" 1 
ATOM   274 C  "C2'" . DG  A 1 14 ? 7.158   7.300   -1.316  1.00 85.48  ? 14  DG  A "C2'" 1 
ATOM   275 C  "C1'" . DG  A 1 14 ? 6.028   6.420   -0.816  1.00 84.10  ? 14  DG  A "C1'" 1 
ATOM   276 N  N9    . DG  A 1 14 ? 6.064   5.068   -1.356  1.00 81.36  ? 14  DG  A N9    1 
ATOM   277 C  C8    . DG  A 1 14 ? 6.082   4.708   -2.681  1.00 84.96  ? 14  DG  A C8    1 
ATOM   278 N  N7    . DG  A 1 14 ? 6.116   3.418   -2.867  1.00 84.98  ? 14  DG  A N7    1 
ATOM   279 C  C5    . DG  A 1 14 ? 6.122   2.891   -1.583  1.00 79.59  ? 14  DG  A C5    1 
ATOM   280 C  C6    . DG  A 1 14 ? 6.154   1.545   -1.152  1.00 78.64  ? 14  DG  A C6    1 
ATOM   281 O  O6    . DG  A 1 14 ? 6.184   0.521   -1.844  1.00 79.38  ? 14  DG  A O6    1 
ATOM   282 N  N1    . DG  A 1 14 ? 6.150   1.449   0.236   1.00 77.49  ? 14  DG  A N1    1 
ATOM   283 C  C2    . DG  A 1 14 ? 6.114   2.518   1.099   1.00 78.97  ? 14  DG  A C2    1 
ATOM   284 N  N2    . DG  A 1 14 ? 6.119   2.232   2.408   1.00 79.81  ? 14  DG  A N2    1 
ATOM   285 N  N3    . DG  A 1 14 ? 6.086   3.784   0.707   1.00 79.16  ? 14  DG  A N3    1 
ATOM   286 C  C4    . DG  A 1 14 ? 6.091   3.894   -0.642  1.00 77.58  ? 14  DG  A C4    1 
ATOM   287 P  P     . DA  A 1 15 ? 8.090   9.584   0.889   1.00 92.64  ? 15  DA  A P     1 
ATOM   288 O  OP1   . DA  A 1 15 ? 7.849   10.956  1.390   1.00 91.04  ? 15  DA  A OP1   1 
ATOM   289 O  OP2   . DA  A 1 15 ? 9.154   9.343   -0.115  1.00 83.75  ? 15  DA  A OP2   1 
ATOM   290 O  "O5'" . DA  A 1 15 ? 8.365   8.636   2.151   1.00 79.72  ? 15  DA  A "O5'" 1 
ATOM   291 C  "C5'" . DA  A 1 15 ? 7.501   8.690   3.282   1.00 81.11  ? 15  DA  A "C5'" 1 
ATOM   292 C  "C4'" . DA  A 1 15 ? 7.945   7.715   4.365   1.00 86.27  ? 15  DA  A "C4'" 1 
ATOM   293 O  "O4'" . DA  A 1 15 ? 7.776   6.348   3.904   1.00 87.43  ? 15  DA  A "O4'" 1 
ATOM   294 C  "C3'" . DA  A 1 15 ? 9.399   7.836   4.800   1.00 85.09  ? 15  DA  A "C3'" 1 
ATOM   295 O  "O3'" . DA  A 1 15 ? 9.505   7.569   6.194   1.00 88.47  ? 15  DA  A "O3'" 1 
ATOM   296 C  "C2'" . DA  A 1 15 ? 10.101  6.769   3.960   1.00 84.10  ? 15  DA  A "C2'" 1 
ATOM   297 C  "C1'" . DA  A 1 15 ? 9.028   5.689   3.838   1.00 84.35  ? 15  DA  A "C1'" 1 
ATOM   298 N  N9    . DA  A 1 15 ? 9.082   4.952   2.574   1.00 85.45  ? 15  DA  A N9    1 
ATOM   299 C  C8    . DA  A 1 15 ? 8.999   5.479   1.314   1.00 86.81  ? 15  DA  A C8    1 
ATOM   300 N  N7    . DA  A 1 15 ? 9.070   4.583   0.357   1.00 84.85  ? 15  DA  A N7    1 
ATOM   301 C  C5    . DA  A 1 15 ? 9.206   3.384   1.034   1.00 81.95  ? 15  DA  A C5    1 
ATOM   302 C  C6    . DA  A 1 15 ? 9.328   2.055   0.589   1.00 79.69  ? 15  DA  A C6    1 
ATOM   303 N  N6    . DA  A 1 15 ? 9.336   1.713   -0.704  1.00 80.90  ? 15  DA  A N6    1 
ATOM   304 N  N1    . DA  A 1 15 ? 9.445   1.089   1.523   1.00 80.21  ? 15  DA  A N1    1 
ATOM   305 C  C2    . DA  A 1 15 ? 9.437   1.437   2.817   1.00 82.17  ? 15  DA  A C2    1 
ATOM   306 N  N3    . DA  A 1 15 ? 9.327   2.651   3.358   1.00 82.73  ? 15  DA  A N3    1 
ATOM   307 C  C4    . DA  A 1 15 ? 9.212   3.590   2.404   1.00 82.96  ? 15  DA  A C4    1 
ATOM   308 P  P     . DC  A 1 16 ? 10.912  7.740   6.950   1.00 90.79  ? 16  DC  A P     1 
ATOM   309 O  OP1   . DC  A 1 16 ? 10.624  7.952   8.390   1.00 81.02  ? 16  DC  A OP1   1 
ATOM   310 O  OP2   . DC  A 1 16 ? 11.700  8.747   6.202   1.00 84.31  ? 16  DC  A OP2   1 
ATOM   311 O  "O5'" . DC  A 1 16 ? 11.609  6.310   6.765   1.00 85.22  ? 16  DC  A "O5'" 1 
ATOM   312 C  "C5'" . DC  A 1 16 ? 10.852  5.126   6.998   1.00 85.36  ? 16  DC  A "C5'" 1 
ATOM   313 C  "C4'" . DC  A 1 16 ? 11.716  3.886   6.863   1.00 85.83  ? 16  DC  A "C4'" 1 
ATOM   314 O  "O4'" . DC  A 1 16 ? 11.516  3.273   5.561   1.00 83.91  ? 16  DC  A "O4'" 1 
ATOM   315 C  "C3'" . DC  A 1 16 ? 13.224  4.124   6.986   1.00 83.21  ? 16  DC  A "C3'" 1 
ATOM   316 O  "O3'" . DC  A 1 16 ? 13.791  3.099   7.771   1.00 84.73  ? 16  DC  A "O3'" 1 
ATOM   317 C  "C2'" . DC  A 1 16 ? 13.696  4.022   5.542   1.00 78.75  ? 16  DC  A "C2'" 1 
ATOM   318 C  "C1'" . DC  A 1 16 ? 12.776  2.929   5.046   1.00 80.14  ? 16  DC  A "C1'" 1 
ATOM   319 N  N1    . DC  A 1 16 ? 12.697  2.836   3.574   1.00 81.53  ? 16  DC  A N1    1 
ATOM   320 C  C2    . DC  A 1 16 ? 12.762  1.581   2.965   1.00 83.14  ? 16  DC  A C2    1 
ATOM   321 O  O2    . DC  A 1 16 ? 12.873  0.576   3.676   1.00 85.52  ? 16  DC  A O2    1 
ATOM   322 N  N3    . DC  A 1 16 ? 12.699  1.501   1.614   1.00 80.71  ? 16  DC  A N3    1 
ATOM   323 C  C4    . DC  A 1 16 ? 12.579  2.615   0.886   1.00 83.79  ? 16  DC  A C4    1 
ATOM   324 N  N4    . DC  A 1 16 ? 12.516  2.492   -0.445  1.00 84.53  ? 16  DC  A N4    1 
ATOM   325 C  C5    . DC  A 1 16 ? 12.516  3.905   1.493   1.00 83.09  ? 16  DC  A C5    1 
ATOM   326 C  C6    . DC  A 1 16 ? 12.582  3.967   2.827   1.00 81.53  ? 16  DC  A C6    1 
ATOM   327 P  P     . DA  A 1 17 ? 15.186  3.327   8.528   1.00 90.06  ? 17  DA  A P     1 
ATOM   328 O  OP1   . DA  A 1 17 ? 14.873  3.823   9.891   1.00 83.09  ? 17  DA  A OP1   1 
ATOM   329 O  OP2   . DA  A 1 17 ? 16.074  4.096   7.623   1.00 84.00  ? 17  DA  A OP2   1 
ATOM   330 O  "O5'" . DA  A 1 17 ? 15.782  1.851   8.654   1.00 84.18  ? 17  DA  A "O5'" 1 
ATOM   331 C  "C5'" . DA  A 1 17 ? 14.911  0.761   8.902   1.00 79.33  ? 17  DA  A "C5'" 1 
ATOM   332 C  "C4'" . DA  A 1 17 ? 15.204  -0.377  7.947   1.00 81.10  ? 17  DA  A "C4'" 1 
ATOM   333 O  "O4'" . DA  A 1 17 ? 14.868  0.021   6.594   1.00 81.32  ? 17  DA  A "O4'" 1 
ATOM   334 C  "C3'" . DA  A 1 17 ? 16.672  -0.818  7.909   1.00 81.69  ? 17  DA  A "C3'" 1 
ATOM   335 O  "O3'" . DA  A 1 17 ? 16.756  -2.217  8.104   1.00 82.40  ? 17  DA  A "O3'" 1 
ATOM   336 C  "C2'" . DA  A 1 17 ? 17.140  -0.414  6.508   1.00 79.06  ? 17  DA  A "C2'" 1 
ATOM   337 C  "C1'" . DA  A 1 17 ? 15.843  -0.490  5.726   1.00 78.45  ? 17  DA  A "C1'" 1 
ATOM   338 N  N9    . DA  A 1 17 ? 15.840  0.298   4.499   1.00 77.63  ? 17  DA  A N9    1 
ATOM   339 C  C8    . DA  A 1 17 ? 15.860  1.661   4.388   1.00 79.78  ? 17  DA  A C8    1 
ATOM   340 N  N7    . DA  A 1 17 ? 15.841  2.090   3.145   1.00 81.65  ? 17  DA  A N7    1 
ATOM   341 C  C5    . DA  A 1 17 ? 15.809  0.925   2.391   1.00 82.10  ? 17  DA  A C5    1 
ATOM   342 C  C6    . DA  A 1 17 ? 15.776  0.689   0.998   1.00 84.38  ? 17  DA  A C6    1 
ATOM   343 N  N6    . DA  A 1 17 ? 15.775  1.664   0.083   1.00 87.08  ? 17  DA  A N6    1 
ATOM   344 N  N1    . DA  A 1 17 ? 15.747  -0.596  0.582   1.00 83.49  ? 17  DA  A N1    1 
ATOM   345 C  C2    . DA  A 1 17 ? 15.739  -1.568  1.499   1.00 86.00  ? 17  DA  A C2    1 
ATOM   346 N  N3    . DA  A 1 17 ? 15.775  -1.470  2.829   1.00 86.48  ? 17  DA  A N3    1 
ATOM   347 C  C4    . DA  A 1 17 ? 15.803  -0.184  3.213   1.00 81.82  ? 17  DA  A C4    1 
ATOM   348 P  P     . DA  A 1 18 ? 18.140  -2.886  8.569   1.00 97.59  ? 18  DA  A P     1 
ATOM   349 O  OP1   . DA  A 1 18 ? 17.874  -3.671  9.797   1.00 90.36  ? 18  DA  A OP1   1 
ATOM   350 O  OP2   . DA  A 1 18 ? 19.192  -1.844  8.562   1.00 90.07  ? 18  DA  A OP2   1 
ATOM   351 O  "O5'" . DA  A 1 18 ? 18.474  -3.890  7.384   1.00 78.18  ? 18  DA  A "O5'" 1 
ATOM   352 C  "C5'" . DA  A 1 18 ? 17.450  -4.678  6.842   1.00 76.97  ? 18  DA  A "C5'" 1 
ATOM   353 C  "C4'" . DA  A 1 18 ? 17.812  -5.084  5.439   1.00 79.33  ? 18  DA  A "C4'" 1 
ATOM   354 O  "O4'" . DA  A 1 18 ? 17.618  -3.962  4.551   1.00 81.68  ? 18  DA  A "O4'" 1 
ATOM   355 C  "C3'" . DA  A 1 18 ? 19.263  -5.529  5.261   1.00 77.74  ? 18  DA  A "C3'" 1 
ATOM   356 O  "O3'" . DA  A 1 18 ? 19.283  -6.813  4.683   1.00 74.05  ? 18  DA  A "O3'" 1 
ATOM   357 C  "C2'" . DA  A 1 18 ? 19.873  -4.466  4.332   1.00 82.73  ? 18  DA  A "C2'" 1 
ATOM   358 C  "C1'" . DA  A 1 18 ? 18.646  -3.952  3.599   1.00 81.88  ? 18  DA  A "C1'" 1 
ATOM   359 N  N9    . DA  A 1 18 ? 18.756  -2.590  3.063   1.00 82.92  ? 18  DA  A N9    1 
ATOM   360 C  C8    . DA  A 1 18 ? 18.783  -1.416  3.771   1.00 82.98  ? 18  DA  A C8    1 
ATOM   361 N  N7    . DA  A 1 18 ? 18.851  -0.342  3.014   1.00 82.34  ? 18  DA  A N7    1 
ATOM   362 C  C5    . DA  A 1 18 ? 18.856  -0.844  1.720   1.00 85.33  ? 18  DA  A C5    1 
ATOM   363 C  C6    . DA  A 1 18 ? 18.911  -0.218  0.451   1.00 90.65  ? 18  DA  A C6    1 
ATOM   364 N  N6    . DA  A 1 18 ? 18.978  1.106   0.281   1.00 93.55  ? 18  DA  A N6    1 
ATOM   365 N  N1    . DA  A 1 18 ? 18.894  -1.015  -0.639  1.00 90.90  ? 18  DA  A N1    1 
ATOM   366 C  C2    . DA  A 1 18 ? 18.827  -2.340  -0.469  1.00 91.55  ? 18  DA  A C2    1 
ATOM   367 N  N3    . DA  A 1 18 ? 18.771  -3.040  0.666   1.00 89.73  ? 18  DA  A N3    1 
ATOM   368 C  C4    . DA  A 1 18 ? 18.794  -2.226  1.733   1.00 85.09  ? 18  DA  A C4    1 
ATOM   369 P  P     . DT  A 1 19 ? 20.568  -7.759  4.848   1.00 85.50  ? 19  DT  A P     1 
ATOM   370 O  OP1   . DT  A 1 19 ? 20.072  -9.123  5.132   1.00 77.57  ? 19  DT  A OP1   1 
ATOM   371 O  OP2   . DT  A 1 19 ? 21.503  -7.113  5.801   1.00 87.63  ? 19  DT  A OP2   1 
ATOM   372 O  "O5'" . DT  A 1 19 ? 21.194  -7.757  3.382   1.00 76.11  ? 19  DT  A "O5'" 1 
ATOM   373 C  "C5'" . DT  A 1 19 ? 20.341  -8.005  2.285   1.00 78.38  ? 19  DT  A "C5'" 1 
ATOM   374 C  "C4'" . DT  A 1 19 ? 20.908  -7.436  1.002   1.00 86.20  ? 19  DT  A "C4'" 1 
ATOM   375 O  "O4'" . DT  A 1 19 ? 20.842  -5.998  1.010   1.00 89.42  ? 19  DT  A "O4'" 1 
ATOM   376 C  "C3'" . DT  A 1 19 ? 22.363  -7.789  0.715   1.00 87.59  ? 19  DT  A "C3'" 1 
ATOM   377 O  "O3'" . DT  A 1 19 ? 22.396  -8.666  -0.394  1.00 88.24  ? 19  DT  A "O3'" 1 
ATOM   378 C  "C2'" . DT  A 1 19 ? 23.037  -6.429  0.404   1.00 93.46  ? 19  DT  A "C2'" 1 
ATOM   379 C  "C1'" . DT  A 1 19 ? 21.840  -5.521  0.151   1.00 91.06  ? 19  DT  A "C1'" 1 
ATOM   380 N  N1    . DT  A 1 19 ? 22.039  -4.060  0.451   1.00 90.94  ? 19  DT  A N1    1 
ATOM   381 C  C2    . DT  A 1 19 ? 22.112  -3.157  -0.590  1.00 96.45  ? 19  DT  A C2    1 
ATOM   382 O  O2    . DT  A 1 19 ? 22.080  -3.485  -1.761  1.00 97.71  ? 19  DT  A O2    1 
ATOM   383 N  N3    . DT  A 1 19 ? 22.246  -1.843  -0.202  1.00 97.39  ? 19  DT  A N3    1 
ATOM   384 C  C4    . DT  A 1 19 ? 22.296  -1.353  1.089   1.00 96.70  ? 19  DT  A C4    1 
ATOM   385 O  O4    . DT  A 1 19 ? 22.420  -0.156  1.337   1.00 98.45  ? 19  DT  A O4    1 
ATOM   386 C  C5    . DT  A 1 19 ? 22.195  -2.348  2.128   1.00 92.70  ? 19  DT  A C5    1 
ATOM   387 C  C7    . DT  A 1 19 ? 22.238  -1.931  3.567   1.00 94.76  ? 19  DT  A C7    1 
ATOM   388 C  C6    . DT  A 1 19 ? 22.060  -3.636  1.765   1.00 89.42  ? 19  DT  A C6    1 
ATOM   389 P  P     . DT  A 1 20 ? 23.746  -9.426  -0.801  1.00 96.65  ? 20  DT  A P     1 
ATOM   390 O  OP1   . DT  A 1 20 ? 23.366  -10.770 -1.296  1.00 90.07  ? 20  DT  A OP1   1 
ATOM   391 O  OP2   . DT  A 1 20 ? 24.686  -9.300  0.340   1.00 94.00  ? 20  DT  A OP2   1 
ATOM   392 O  "O5'" . DT  A 1 20 ? 24.286  -8.559  -2.034  1.00 95.60  ? 20  DT  A "O5'" 1 
ATOM   393 C  "C5'" . DT  A 1 20 ? 23.353  -7.967  -2.937  1.00 96.70  ? 20  DT  A "C5'" 1 
ATOM   394 C  "C4'" . DT  A 1 20 ? 24.062  -7.137  -3.997  1.00 104.07 ? 20  DT  A "C4'" 1 
ATOM   395 O  "O4'" . DT  A 1 20 ? 24.032  -5.728  -3.631  1.00 104.71 ? 20  DT  A "O4'" 1 
ATOM   396 C  "C3'" . DT  A 1 20 ? 25.531  -7.476  -4.217  1.00 110.03 ? 20  DT  A "C3'" 1 
ATOM   397 O  "O3'" . DT  A 1 20 ? 25.843  -7.331  -5.593  1.00 113.84 ? 20  DT  A "O3'" 1 
ATOM   398 C  "C2'" . DT  A 1 20 ? 26.243  -6.422  -3.370  1.00 111.13 ? 20  DT  A "C2'" 1 
ATOM   399 C  "C1'" . DT  A 1 20 ? 25.352  -5.216  -3.617  1.00 109.37 ? 20  DT  A "C1'" 1 
ATOM   400 N  N1    . DT  A 1 20 ? 25.431  -4.156  -2.555  1.00 108.37 ? 20  DT  A N1    1 
ATOM   401 C  C2    . DT  A 1 20 ? 25.499  -2.818  -2.926  1.00 112.08 ? 20  DT  A C2    1 
ATOM   402 O  O2    . DT  A 1 20 ? 25.514  -2.440  -4.090  1.00 114.73 ? 20  DT  A O2    1 
ATOM   403 N  N3    . DT  A 1 20 ? 25.550  -1.936  -1.871  1.00 111.01 ? 20  DT  A N3    1 
ATOM   404 C  C4    . DT  A 1 20 ? 25.538  -2.244  -0.519  1.00 107.97 ? 20  DT  A C4    1 
ATOM   405 O  O4    . DT  A 1 20 ? 25.590  -1.381  0.354   1.00 109.65 ? 20  DT  A O4    1 
ATOM   406 C  C5    . DT  A 1 20 ? 25.464  -3.652  -0.203  1.00 104.22 ? 20  DT  A C5    1 
ATOM   407 C  C7    . DT  A 1 20 ? 25.450  -4.095  1.233   1.00 100.72 ? 20  DT  A C7    1 
ATOM   408 C  C6    . DT  A 1 20 ? 25.412  -4.531  -1.222  1.00 103.79 ? 20  DT  A C6    1 
ATOM   409 P  P     . DA  A 1 21 ? 26.993  -8.228  -6.263  1.00 119.88 ? 21  DA  A P     1 
ATOM   410 O  OP1   . DA  A 1 21 ? 26.336  -9.275  -7.082  1.00 110.95 ? 21  DA  A OP1   1 
ATOM   411 O  OP2   . DA  A 1 21 ? 27.927  -8.612  -5.177  1.00 116.66 ? 21  DA  A OP2   1 
ATOM   412 O  "O5'" . DA  A 1 21 ? 27.764  -7.200  -7.221  1.00 114.07 ? 21  DA  A "O5'" 1 
ATOM   413 C  "C5'" . DA  A 1 21 ? 27.033  -6.333  -8.085  1.00 109.03 ? 21  DA  A "C5'" 1 
ATOM   414 C  "C4'" . DA  A 1 21 ? 27.776  -5.022  -8.286  1.00 112.33 ? 21  DA  A "C4'" 1 
ATOM   415 O  "O4'" . DA  A 1 21 ? 27.624  -4.181  -7.110  1.00 112.32 ? 21  DA  A "O4'" 1 
ATOM   416 C  "C3'" . DA  A 1 21 ? 29.283  -5.157  -8.523  1.00 120.68 ? 21  DA  A "C3'" 1 
ATOM   417 O  "O3'" . DA  A 1 21 ? 29.683  -4.306  -9.592  1.00 122.10 ? 21  DA  A "O3'" 1 
ATOM   418 C  "C2'" . DA  A 1 21 ? 29.895  -4.721  -7.187  1.00 119.85 ? 21  DA  A "C2'" 1 
ATOM   419 C  "C1'" . DA  A 1 21 ? 28.886  -3.689  -6.709  1.00 116.86 ? 21  DA  A "C1'" 1 
ATOM   420 N  N9    . DA  A 1 21 ? 28.861  -3.504  -5.256  1.00 116.26 ? 21  DA  A N9    1 
ATOM   421 C  C8    . DA  A 1 21 ? 28.755  -4.481  -4.305  1.00 115.10 ? 21  DA  A C8    1 
ATOM   422 N  N7    . DA  A 1 21 ? 28.735  -4.025  -3.074  1.00 116.06 ? 21  DA  A N7    1 
ATOM   423 C  C5    . DA  A 1 21 ? 28.833  -2.651  -3.225  1.00 117.82 ? 21  DA  A C5    1 
ATOM   424 C  C6    . DA  A 1 21 ? 28.868  -1.591  -2.292  1.00 119.17 ? 21  DA  A C6    1 
ATOM   425 N  N6    . DA  A 1 21 ? 28.804  -1.773  -0.967  1.00 118.62 ? 21  DA  A N6    1 
ATOM   426 N  N1    . DA  A 1 21 ? 28.971  -0.335  -2.774  1.00 118.83 ? 21  DA  A N1    1 
ATOM   427 C  C2    . DA  A 1 21 ? 29.029  -0.154  -4.101  1.00 119.64 ? 21  DA  A C2    1 
ATOM   428 N  N3    . DA  A 1 21 ? 29.011  -1.069  -5.074  1.00 119.22 ? 21  DA  A N3    1 
ATOM   429 C  C4    . DA  A 1 21 ? 28.907  -2.310  -4.564  1.00 118.28 ? 21  DA  A C4    1 
ATOM   430 P  P     . DC  B 2 1  ? 2.464   -7.071  4.416   1.00 77.82  ? 1   DC  B P     1 
ATOM   431 O  OP1   . DC  B 2 1  ? 3.053   -8.329  4.932   1.00 67.71  ? 1   DC  B OP1   1 
ATOM   432 O  OP2   . DC  B 2 1  ? 2.010   -7.013  3.007   1.00 68.77  ? 1   DC  B OP2   1 
ATOM   433 O  "O5'" . DC  B 2 1  ? 3.544   -5.902  4.591   1.00 65.05  ? 1   DC  B "O5'" 1 
ATOM   434 C  "C5'" . DC  B 2 1  ? 4.560   -6.010  5.583   1.00 67.42  ? 1   DC  B "C5'" 1 
ATOM   435 C  "C4'" . DC  B 2 1  ? 5.085   -4.634  5.956   1.00 67.81  ? 1   DC  B "C4'" 1 
ATOM   436 O  "O4'" . DC  B 2 1  ? 5.990   -4.179  4.932   1.00 67.01  ? 1   DC  B "O4'" 1 
ATOM   437 C  "C3'" . DC  B 2 1  ? 4.006   -3.572  6.087   1.00 67.13  ? 1   DC  B "C3'" 1 
ATOM   438 O  "O3'" . DC  B 2 1  ? 3.690   -3.393  7.457   1.00 67.98  ? 1   DC  B "O3'" 1 
ATOM   439 C  "C2'" . DC  B 2 1  ? 4.622   -2.304  5.484   1.00 65.36  ? 1   DC  B "C2'" 1 
ATOM   440 C  "C1'" . DC  B 2 1  ? 5.831   -2.799  4.691   1.00 65.03  ? 1   DC  B "C1'" 1 
ATOM   441 N  N1    . DC  B 2 1  ? 5.731   -2.608  3.210   1.00 67.17  ? 1   DC  B N1    1 
ATOM   442 C  C2    . DC  B 2 1  ? 5.852   -1.329  2.654   1.00 70.84  ? 1   DC  B C2    1 
ATOM   443 O  O2    . DC  B 2 1  ? 6.011   -0.359  3.403   1.00 74.41  ? 1   DC  B O2    1 
ATOM   444 N  N3    . DC  B 2 1  ? 5.781   -1.192  1.304   1.00 70.47  ? 1   DC  B N3    1 
ATOM   445 C  C4    . DC  B 2 1  ? 5.608   -2.266  0.531   1.00 69.80  ? 1   DC  B C4    1 
ATOM   446 N  N4    . DC  B 2 1  ? 5.542   -2.086  -0.792  1.00 71.23  ? 1   DC  B N4    1 
ATOM   447 C  C5    . DC  B 2 1  ? 5.494   -3.574  1.080   1.00 71.77  ? 1   DC  B C5    1 
ATOM   448 C  C6    . DC  B 2 1  ? 5.565   -3.698  2.408   1.00 69.16  ? 1   DC  B C6    1 
ATOM   449 P  P     . DG  B 2 2  ? 2.206   -2.965  7.894   1.00 80.23  ? 2   DG  B P     1 
ATOM   450 O  OP1   . DG  B 2 2  ? 2.137   -3.090  9.367   1.00 77.99  ? 2   DG  B OP1   1 
ATOM   451 O  OP2   . DG  B 2 2  ? 1.236   -3.699  7.046   1.00 69.96  ? 2   DG  B OP2   1 
ATOM   452 O  "O5'" . DG  B 2 2  ? 2.136   -1.417  7.511   1.00 67.34  ? 2   DG  B "O5'" 1 
ATOM   453 C  "C5'" . DG  B 2 2  ? 3.091   -0.512  8.051   1.00 68.96  ? 2   DG  B "C5'" 1 
ATOM   454 C  "C4'" . DG  B 2 2  ? 2.963   0.842   7.391   1.00 74.33  ? 2   DG  B "C4'" 1 
ATOM   455 O  "O4'" . DG  B 2 2  ? 3.371   0.746   5.998   1.00 76.98  ? 2   DG  B "O4'" 1 
ATOM   456 C  "C3'" . DG  B 2 2  ? 1.545   1.405   7.383   1.00 75.47  ? 2   DG  B "C3'" 1 
ATOM   457 O  "O3'" . DG  B 2 2  ? 1.571   2.787   7.704   1.00 82.66  ? 2   DG  B "O3'" 1 
ATOM   458 C  "C2'" . DG  B 2 2  ? 1.079   1.161   5.949   1.00 75.37  ? 2   DG  B "C2'" 1 
ATOM   459 C  "C1'" . DG  B 2 2  ? 2.375   1.308   5.171   1.00 75.08  ? 2   DG  B "C1'" 1 
ATOM   460 N  N9    . DG  B 2 2  ? 2.364   0.586   3.898   1.00 74.20  ? 2   DG  B N9    1 
ATOM   461 C  C8    . DG  B 2 2  ? 2.208   -0.767  3.724   1.00 76.23  ? 2   DG  B C8    1 
ATOM   462 N  N7    . DG  B 2 2  ? 2.232   -1.141  2.477   1.00 74.94  ? 2   DG  B N7    1 
ATOM   463 C  C5    . DG  B 2 2  ? 2.413   0.036   1.770   1.00 72.90  ? 2   DG  B C5    1 
ATOM   464 C  C6    . DG  B 2 2  ? 2.517   0.246   0.377   1.00 77.96  ? 2   DG  B C6    1 
ATOM   465 O  O6    . DG  B 2 2  ? 2.467   -0.600  -0.529  1.00 79.91  ? 2   DG  B O6    1 
ATOM   466 N  N1    . DG  B 2 2  ? 2.694   1.592   0.067   1.00 79.88  ? 2   DG  B N1    1 
ATOM   467 C  C2    . DG  B 2 2  ? 2.763   2.611   0.994   1.00 81.26  ? 2   DG  B C2    1 
ATOM   468 N  N2    . DG  B 2 2  ? 2.939   3.851   0.508   1.00 83.18  ? 2   DG  B N2    1 
ATOM   469 N  N3    . DG  B 2 2  ? 2.668   2.425   2.311   1.00 78.16  ? 2   DG  B N3    1 
ATOM   470 C  C4    . DG  B 2 2  ? 2.494   1.116   2.625   1.00 74.33  ? 2   DG  B C4    1 
ATOM   471 P  P     . DT  B 2 3  ? 0.213   3.560   8.088   1.00 95.49  ? 3   DT  B P     1 
ATOM   472 O  OP1   . DT  B 2 3  ? 0.373   4.098   9.459   1.00 90.60  ? 3   DT  B OP1   1 
ATOM   473 O  OP2   . DT  B 2 3  ? -0.931  2.670   7.785   1.00 85.24  ? 3   DT  B OP2   1 
ATOM   474 O  "O5'" . DT  B 2 3  ? 0.169   4.775   7.047   1.00 84.65  ? 3   DT  B "O5'" 1 
ATOM   475 C  "C5'" . DT  B 2 3  ? 0.471   4.538   5.680   1.00 79.10  ? 3   DT  B "C5'" 1 
ATOM   476 C  "C4'" . DT  B 2 3  ? 0.376   5.809   4.863   1.00 79.81  ? 3   DT  B "C4'" 1 
ATOM   477 O  "O4'" . DT  B 2 3  ? 0.630   5.489   3.474   1.00 82.07  ? 3   DT  B "O4'" 1 
ATOM   478 C  "C3'" . DT  B 2 3  ? -0.992  6.468   4.860   1.00 73.24  ? 3   DT  B "C3'" 1 
ATOM   479 O  "O3'" . DT  B 2 3  ? -0.869  7.839   4.499   1.00 72.41  ? 3   DT  B "O3'" 1 
ATOM   480 C  "C2'" . DT  B 2 3  ? -1.714  5.675   3.784   1.00 71.52  ? 3   DT  B "C2'" 1 
ATOM   481 C  "C1'" . DT  B 2 3  ? -0.596  5.426   2.768   1.00 77.06  ? 3   DT  B "C1'" 1 
ATOM   482 N  N1    . DT  B 2 3  ? -0.698  4.100   2.112   1.00 75.38  ? 3   DT  B N1    1 
ATOM   483 C  C2    . DT  B 2 3  ? -0.621  4.015   0.738   1.00 77.49  ? 3   DT  B C2    1 
ATOM   484 O  O2    . DT  B 2 3  ? -0.459  4.984   0.014   1.00 76.92  ? 3   DT  B O2    1 
ATOM   485 N  N3    . DT  B 2 3  ? -0.739  2.744   0.242   1.00 78.66  ? 3   DT  B N3    1 
ATOM   486 C  C4    . DT  B 2 3  ? -0.924  1.579   0.961   1.00 79.49  ? 3   DT  B C4    1 
ATOM   487 O  O4    . DT  B 2 3  ? -1.018  0.481   0.423   1.00 85.42  ? 3   DT  B O4    1 
ATOM   488 C  C5    . DT  B 2 3  ? -1.000  1.744   2.392   1.00 74.42  ? 3   DT  B C5    1 
ATOM   489 C  C7    . DT  B 2 3  ? -1.199  0.551   3.276   1.00 75.79  ? 3   DT  B C7    1 
ATOM   490 C  C6    . DT  B 2 3  ? -0.887  2.980   2.891   1.00 72.24  ? 3   DT  B C6    1 
ATOM   491 P  P     . DC  B 2 4  ? -2.177  8.749   4.284   1.00 74.24  ? 4   DC  B P     1 
ATOM   492 O  OP1   . DC  B 2 4  ? -1.796  10.141  4.622   1.00 69.06  ? 4   DC  B OP1   1 
ATOM   493 O  OP2   . DC  B 2 4  ? -3.302  8.105   5.000   1.00 67.28  ? 4   DC  B OP2   1 
ATOM   494 O  "O5'" . DC  B 2 4  ? -2.459  8.655   2.706   1.00 69.33  ? 4   DC  B "O5'" 1 
ATOM   495 C  "C5'" . DC  B 2 4  ? -1.379  8.809   1.781   1.00 72.43  ? 4   DC  B "C5'" 1 
ATOM   496 C  "C4'" . DC  B 2 4  ? -1.872  9.180   0.384   1.00 73.44  ? 4   DC  B "C4'" 1 
ATOM   497 O  "O4'" . DC  B 2 4  ? -2.025  7.992   -0.431  1.00 72.97  ? 4   DC  B "O4'" 1 
ATOM   498 C  "C3'" . DC  B 2 4  ? -3.213  9.884   0.312   1.00 65.63  ? 4   DC  B "C3'" 1 
ATOM   499 O  "O3'" . DC  B 2 4  ? -3.240  10.690  -0.856  1.00 60.97  ? 4   DC  B "O3'" 1 
ATOM   500 C  "C2'" . DC  B 2 4  ? -4.189  8.710   0.201   1.00 67.91  ? 4   DC  B "C2'" 1 
ATOM   501 C  "C1'" . DC  B 2 4  ? -3.402  7.734   -0.670  1.00 68.68  ? 4   DC  B "C1'" 1 
ATOM   502 N  N1    . DC  B 2 4  ? -3.631  6.307   -0.346  1.00 68.47  ? 4   DC  B N1    1 
ATOM   503 C  C2    . DC  B 2 4  ? -3.717  5.369   -1.381  1.00 72.89  ? 4   DC  B C2    1 
ATOM   504 O  O2    . DC  B 2 4  ? -3.643  5.759   -2.551  1.00 75.79  ? 4   DC  B O2    1 
ATOM   505 N  N3    . DC  B 2 4  ? -3.892  4.062   -1.068  1.00 70.25  ? 4   DC  B N3    1 
ATOM   506 C  C4    . DC  B 2 4  ? -3.963  3.689   0.209   1.00 73.58  ? 4   DC  B C4    1 
ATOM   507 N  N4    . DC  B 2 4  ? -4.136  2.391   0.474   1.00 77.96  ? 4   DC  B N4    1 
ATOM   508 C  C5    . DC  B 2 4  ? -3.867  4.631   1.276   1.00 71.08  ? 4   DC  B C5    1 
ATOM   509 C  C6    . DC  B 2 4  ? -3.694  5.915   0.954   1.00 66.88  ? 4   DC  B C6    1 
ATOM   510 P  P     . DA  B 2 5  ? -4.258  11.924  -0.980  1.00 67.45  ? 5   DA  B P     1 
ATOM   511 O  OP1   . DA  B 2 5  ? -3.478  13.174  -0.845  1.00 59.58  ? 5   DA  B OP1   1 
ATOM   512 O  OP2   . DA  B 2 5  ? -5.398  11.665  -0.071  1.00 66.95  ? 5   DA  B OP2   1 
ATOM   513 O  "O5'" . DA  B 2 5  ? -4.780  11.818  -2.488  1.00 66.75  ? 5   DA  B "O5'" 1 
ATOM   514 C  "C5'" . DA  B 2 5  ? -4.660  10.586  -3.191  1.00 69.45  ? 5   DA  B "C5'" 1 
ATOM   515 C  "C4'" . DA  B 2 5  ? -5.984  10.204  -3.819  1.00 67.71  ? 5   DA  B "C4'" 1 
ATOM   516 O  "O4'" . DA  B 2 5  ? -6.207  8.775   -3.642  1.00 73.51  ? 5   DA  B "O4'" 1 
ATOM   517 C  "C3'" . DA  B 2 5  ? -7.191  10.889  -3.184  1.00 66.36  ? 5   DA  B "C3'" 1 
ATOM   518 O  "O3'" . DA  B 2 5  ? -8.188  11.089  -4.138  1.00 58.47  ? 5   DA  B "O3'" 1 
ATOM   519 C  "C2'" . DA  B 2 5  ? -7.637  9.868   -2.160  1.00 65.87  ? 5   DA  B "C2'" 1 
ATOM   520 C  "C1'" . DA  B 2 5  ? -7.412  8.582   -2.932  1.00 69.16  ? 5   DA  B "C1'" 1 
ATOM   521 N  N9    . DA  B 2 5  ? -7.298  7.426   -2.050  1.00 68.83  ? 5   DA  B N9    1 
ATOM   522 C  C8    . DA  B 2 5  ? -7.283  7.456   -0.684  1.00 69.90  ? 5   DA  B C8    1 
ATOM   523 N  N7    . DA  B 2 5  ? -7.196  6.278   -0.127  1.00 68.91  ? 5   DA  B N7    1 
ATOM   524 C  C5    . DA  B 2 5  ? -7.168  5.408   -1.197  1.00 68.85  ? 5   DA  B C5    1 
ATOM   525 C  C6    . DA  B 2 5  ? -7.085  4.011   -1.265  1.00 74.28  ? 5   DA  B C6    1 
ATOM   526 N  N6    . DA  B 2 5  ? -7.011  3.238   -0.181  1.00 76.90  ? 5   DA  B N6    1 
ATOM   527 N  N1    . DA  B 2 5  ? -7.078  3.438   -2.488  1.00 78.00  ? 5   DA  B N1    1 
ATOM   528 C  C2    . DA  B 2 5  ? -7.152  4.229   -3.569  1.00 78.83  ? 5   DA  B C2    1 
ATOM   529 N  N3    . DA  B 2 5  ? -7.234  5.562   -3.629  1.00 75.32  ? 5   DA  B N3    1 
ATOM   530 C  C4    . DA  B 2 5  ? -7.239  6.093   -2.396  1.00 69.63  ? 5   DA  B C4    1 
ATOM   531 C  "C5'" . DT  C 3 1  ? 36.501  0.964   8.767   1.00 124.62 ? 1   DT  C "C5'" 1 
ATOM   532 C  "C4'" . DT  C 3 1  ? 35.999  1.777   7.588   1.00 125.90 ? 1   DT  C "C4'" 1 
ATOM   533 O  "O4'" . DT  C 3 1  ? 36.186  1.024   6.367   1.00 125.56 ? 1   DT  C "O4'" 1 
ATOM   534 C  "C3'" . DT  C 3 1  ? 34.506  2.139   7.637   1.00 125.56 ? 1   DT  C "C3'" 1 
ATOM   535 O  "O3'" . DT  C 3 1  ? 34.335  3.557   7.689   1.00 132.13 ? 1   DT  C "O3'" 1 
ATOM   536 C  "C2'" . DT  C 3 1  ? 33.929  1.551   6.343   1.00 121.54 ? 1   DT  C "C2'" 1 
ATOM   537 C  "C1'" . DT  C 3 1  ? 35.166  1.382   5.479   1.00 121.91 ? 1   DT  C "C1'" 1 
ATOM   538 N  N1    . DT  C 3 1  ? 35.010  0.323   4.446   1.00 121.27 ? 1   DT  C N1    1 
ATOM   539 C  C2    . DT  C 3 1  ? 35.218  0.641   3.125   1.00 123.41 ? 1   DT  C C2    1 
ATOM   540 O  O2    . DT  C 3 1  ? 35.557  1.750   2.752   1.00 126.04 ? 1   DT  C O2    1 
ATOM   541 N  N3    . DT  C 3 1  ? 35.027  -0.393  2.247   1.00 121.35 ? 1   DT  C N3    1 
ATOM   542 C  C4    . DT  C 3 1  ? 34.645  -1.685  2.552   1.00 120.33 ? 1   DT  C C4    1 
ATOM   543 O  O4    . DT  C 3 1  ? 34.499  -2.547  1.689   1.00 116.73 ? 1   DT  C O4    1 
ATOM   544 C  C5    . DT  C 3 1  ? 34.431  -1.949  3.957   1.00 121.23 ? 1   DT  C C5    1 
ATOM   545 C  C7    . DT  C 3 1  ? 34.012  -3.314  4.411   1.00 123.82 ? 1   DT  C C7    1 
ATOM   546 C  C6    . DT  C 3 1  ? 34.614  -0.942  4.825   1.00 119.76 ? 1   DT  C C6    1 
ATOM   547 P  P     . DC  C 3 2  ? 32.856  4.191   7.756   1.00 140.85 ? 2   DC  C P     1 
ATOM   548 O  OP1   . DC  C 3 2  ? 32.956  5.539   8.360   1.00 137.85 ? 2   DC  C OP1   1 
ATOM   549 O  OP2   . DC  C 3 2  ? 31.964  3.184   8.373   1.00 135.06 ? 2   DC  C OP2   1 
ATOM   550 O  "O5'" . DC  C 3 2  ? 32.431  4.345   6.220   1.00 123.83 ? 2   DC  C "O5'" 1 
ATOM   551 C  "C5'" . DC  C 3 2  ? 32.289  5.638   5.645   1.00 120.64 ? 2   DC  C "C5'" 1 
ATOM   552 C  "C4'" . DC  C 3 2  ? 32.591  5.602   4.157   1.00 120.34 ? 2   DC  C "C4'" 1 
ATOM   553 O  "O4'" . DC  C 3 2  ? 33.036  4.284   3.791   1.00 120.62 ? 2   DC  C "O4'" 1 
ATOM   554 C  "C3'" . DC  C 3 2  ? 31.403  5.866   3.254   1.00 119.82 ? 2   DC  C "C3'" 1 
ATOM   555 O  "O3'" . DC  C 3 2  ? 31.248  7.263   3.060   1.00 120.05 ? 2   DC  C "O3'" 1 
ATOM   556 C  "C2'" . DC  C 3 2  ? 31.800  5.164   1.953   1.00 116.15 ? 2   DC  C "C2'" 1 
ATOM   557 C  "C1'" . DC  C 3 2  ? 32.771  4.068   2.419   1.00 119.76 ? 2   DC  C "C1'" 1 
ATOM   558 N  N1    . DC  C 3 2  ? 32.253  2.670   2.242   1.00 119.96 ? 2   DC  C N1    1 
ATOM   559 C  C2    . DC  C 3 2  ? 32.122  2.131   0.954   1.00 121.36 ? 2   DC  C C2    1 
ATOM   560 O  O2    . DC  C 3 2  ? 32.427  2.821   -0.027  1.00 122.14 ? 2   DC  C O2    1 
ATOM   561 N  N3    . DC  C 3 2  ? 31.659  0.862   0.817   1.00 120.98 ? 2   DC  C N3    1 
ATOM   562 C  C4    . DC  C 3 2  ? 31.339  0.146   1.896   1.00 121.58 ? 2   DC  C C4    1 
ATOM   563 N  N4    . DC  C 3 2  ? 30.886  -1.099  1.708   1.00 120.27 ? 2   DC  C N4    1 
ATOM   564 C  C5    . DC  C 3 2  ? 31.469  0.676   3.215   1.00 119.90 ? 2   DC  C C5    1 
ATOM   565 C  C6    . DC  C 3 2  ? 31.927  1.927   3.340   1.00 118.52 ? 2   DC  C C6    1 
ATOM   566 P  P     . DT  C 3 3  ? 29.871  7.988   3.453   1.00 127.34 ? 3   DT  C P     1 
ATOM   567 O  OP1   . DT  C 3 3  ? 30.208  9.177   4.270   1.00 116.89 ? 3   DT  C OP1   1 
ATOM   568 O  OP2   . DT  C 3 3  ? 28.964  6.955   4.003   1.00 125.13 ? 3   DT  C OP2   1 
ATOM   569 O  "O5'" . DT  C 3 3  ? 29.274  8.469   2.047   1.00 119.12 ? 3   DT  C "O5'" 1 
ATOM   570 C  "C5'" . DT  C 3 3  ? 28.488  7.579   1.266   1.00 114.53 ? 3   DT  C "C5'" 1 
ATOM   571 C  "C4'" . DT  C 3 3  ? 28.975  7.545   -0.172  1.00 116.27 ? 3   DT  C "C4'" 1 
ATOM   572 O  "O4'" . DT  C 3 3  ? 29.922  6.466   -0.328  1.00 117.58 ? 3   DT  C "O4'" 1 
ATOM   573 C  "C3'" . DT  C 3 3  ? 27.875  7.319   -1.202  1.00 120.01 ? 3   DT  C "C3'" 1 
ATOM   574 O  "O3'" . DT  C 3 3  ? 27.574  8.545   -1.835  1.00 122.58 ? 3   DT  C "O3'" 1 
ATOM   575 C  "C2'" . DT  C 3 3  ? 28.468  6.322   -2.198  1.00 117.15 ? 3   DT  C "C2'" 1 
ATOM   576 C  "C1'" . DT  C 3 3  ? 29.564  5.631   -1.409  1.00 119.93 ? 3   DT  C "C1'" 1 
ATOM   577 N  N1    . DT  C 3 3  ? 29.210  4.277   -0.869  1.00 121.60 ? 3   DT  C N1    1 
ATOM   578 C  C2    . DT  C 3 3  ? 29.318  3.173   -1.688  1.00 121.63 ? 3   DT  C C2    1 
ATOM   579 O  O2    . DT  C 3 3  ? 29.654  3.237   -2.862  1.00 119.92 ? 3   DT  C O2    1 
ATOM   580 N  N3    . DT  C 3 3  ? 29.009  1.980   -1.083  1.00 119.12 ? 3   DT  C N3    1 
ATOM   581 C  C4    . DT  C 3 3  ? 28.620  1.787   0.235   1.00 116.62 ? 3   DT  C C4    1 
ATOM   582 O  O4    . DT  C 3 3  ? 28.362  0.676   0.688   1.00 114.48 ? 3   DT  C O4    1 
ATOM   583 C  C5    . DT  C 3 3  ? 28.539  2.984   1.037   1.00 115.58 ? 3   DT  C C5    1 
ATOM   584 C  C7    . DT  C 3 3  ? 28.129  2.900   2.477   1.00 114.16 ? 3   DT  C C7    1 
ATOM   585 C  C6    . DT  C 3 3  ? 28.839  4.154   0.455   1.00 117.05 ? 3   DT  C C6    1 
ATOM   586 P  P     . DA  C 3 4  ? 26.189  9.296   -1.531  1.00 132.73 ? 4   DA  C P     1 
ATOM   587 O  OP1   . DA  C 3 4  ? 26.509  10.534  -0.781  1.00 128.15 ? 4   DA  C OP1   1 
ATOM   588 O  OP2   . DA  C 3 4  ? 25.261  8.306   -0.938  1.00 127.32 ? 4   DA  C OP2   1 
ATOM   589 O  "O5'" . DA  C 3 4  ? 25.646  9.680   -2.987  1.00 122.04 ? 4   DA  C "O5'" 1 
ATOM   590 C  "C5'" . DA  C 3 4  ? 24.576  8.949   -3.559  1.00 114.69 ? 4   DA  C "C5'" 1 
ATOM   591 C  "C4'" . DA  C 3 4  ? 25.069  7.983   -4.624  1.00 109.71 ? 4   DA  C "C4'" 1 
ATOM   592 O  "O4'" . DA  C 3 4  ? 26.027  7.071   -4.047  1.00 108.36 ? 4   DA  C "O4'" 1 
ATOM   593 C  "C3'" . DA  C 3 4  ? 23.971  7.129   -5.237  1.00 110.09 ? 4   DA  C "C3'" 1 
ATOM   594 O  "O3'" . DA  C 3 4  ? 23.571  7.706   -6.476  1.00 113.38 ? 4   DA  C "O3'" 1 
ATOM   595 C  "C2'" . DA  C 3 4  ? 24.613  5.754   -5.440  1.00 108.00 ? 4   DA  C "C2'" 1 
ATOM   596 C  "C1'" . DA  C 3 4  ? 25.772  5.740   -4.458  1.00 110.28 ? 4   DA  C "C1'" 1 
ATOM   597 N  N9    . DA  C 3 4  ? 25.566  4.917   -3.264  1.00 112.15 ? 4   DA  C N9    1 
ATOM   598 C  C8    . DA  C 3 4  ? 25.299  5.367   -2.002  1.00 112.72 ? 4   DA  C C8    1 
ATOM   599 N  N7    . DA  C 3 4  ? 25.210  4.415   -1.107  1.00 111.20 ? 4   DA  C N7    1 
ATOM   600 C  C5    . DA  C 3 4  ? 25.432  3.252   -1.830  1.00 111.49 ? 4   DA  C C5    1 
ATOM   601 C  C6    . DA  C 3 4  ? 25.463  1.893   -1.449  1.00 111.32 ? 4   DA  C C6    1 
ATOM   602 N  N6    . DA  C 3 4  ? 25.257  1.486   -0.194  1.00 110.01 ? 4   DA  C N6    1 
ATOM   603 N  N1    . DA  C 3 4  ? 25.712  0.971   -2.409  1.00 113.68 ? 4   DA  C N1    1 
ATOM   604 C  C2    . DA  C 3 4  ? 25.917  1.392   -3.666  1.00 113.29 ? 4   DA  C C2    1 
ATOM   605 N  N3    . DA  C 3 4  ? 25.912  2.645   -4.145  1.00 111.94 ? 4   DA  C N3    1 
ATOM   606 C  C4    . DA  C 3 4  ? 25.661  3.537   -3.162  1.00 112.29 ? 4   DA  C C4    1 
ATOM   607 P  P     . DA  C 3 5  ? 22.603  6.907   -7.480  1.00 123.49 ? 5   DA  C P     1 
ATOM   608 O  OP1   . DA  C 3 5  ? 22.046  7.889   -8.440  1.00 122.26 ? 5   DA  C OP1   1 
ATOM   609 O  OP2   . DA  C 3 5  ? 21.691  6.076   -6.662  1.00 112.08 ? 5   DA  C OP2   1 
ATOM   610 O  "O5'" . DA  C 3 5  ? 23.597  5.935   -8.274  1.00 114.30 ? 5   DA  C "O5'" 1 
ATOM   611 C  "C5'" . DA  C 3 5  ? 23.094  5.081   -9.280  1.00 109.58 ? 5   DA  C "C5'" 1 
ATOM   612 C  "C4'" . DA  C 3 5  ? 22.920  3.660   -8.764  1.00 107.26 ? 5   DA  C "C4'" 1 
ATOM   613 O  "O4'" . DA  C 3 5  ? 23.154  3.593   -7.335  1.00 107.37 ? 5   DA  C "O4'" 1 
ATOM   614 C  "C3'" . DA  C 3 5  ? 21.529  3.058   -8.989  1.00 99.89  ? 5   DA  C "C3'" 1 
ATOM   615 O  "O3'" . DA  C 3 5  ? 21.647  1.892   -9.764  1.00 101.98 ? 5   DA  C "O3'" 1 
ATOM   616 C  "C2'" . DA  C 3 5  ? 21.022  2.741   -7.575  1.00 98.73  ? 5   DA  C "C2'" 1 
ATOM   617 C  "C1'" . DA  C 3 5  ? 22.324  2.584   -6.819  1.00 102.28 ? 5   DA  C "C1'" 1 
ATOM   618 N  N9    . DA  C 3 5  ? 22.217  2.742   -5.366  1.00 102.01 ? 5   DA  C N9    1 
ATOM   619 C  C8    . DA  C 3 5  ? 21.993  3.895   -4.666  1.00 102.31 ? 5   DA  C C8    1 
ATOM   620 N  N7    . DA  C 3 5  ? 21.965  3.728   -3.364  1.00 98.80  ? 5   DA  C N7    1 
ATOM   621 C  C5    . DA  C 3 5  ? 22.189  2.371   -3.199  1.00 99.37  ? 5   DA  C C5    1 
ATOM   622 C  C6    . DA  C 3 5  ? 22.278  1.552   -2.053  1.00 101.78 ? 5   DA  C C6    1 
ATOM   623 N  N6    . DA  C 3 5  ? 22.145  2.015   -0.806  1.00 103.85 ? 5   DA  C N6    1 
ATOM   624 N  N1    . DA  C 3 5  ? 22.510  0.232   -2.242  1.00 101.52 ? 5   DA  C N1    1 
ATOM   625 C  C2    . DA  C 3 5  ? 22.644  -0.223  -3.492  1.00 102.52 ? 5   DA  C C2    1 
ATOM   626 N  N3    . DA  C 3 5  ? 22.580  0.448   -4.640  1.00 102.39 ? 5   DA  C N3    1 
ATOM   627 C  C4    . DA  C 3 5  ? 22.349  1.751   -4.422  1.00 100.56 ? 5   DA  C C4    1 
ATOM   628 P  P     . DT  C 3 6  ? 20.451  1.461   -10.737 1.00 106.87 ? 6   DT  C P     1 
ATOM   629 O  OP1   . DT  C 3 6  ? 21.032  0.712   -11.876 1.00 104.60 ? 6   DT  C OP1   1 
ATOM   630 O  OP2   . DT  C 3 6  ? 19.644  2.679   -10.978 1.00 102.19 ? 6   DT  C OP2   1 
ATOM   631 O  "O5'" . DT  C 3 6  ? 19.575  0.469   -9.839  1.00 101.79 ? 6   DT  C "O5'" 1 
ATOM   632 C  "C5'" . DT  C 3 6  ? 19.482  -0.899  -10.192 1.00 98.78  ? 6   DT  C "C5'" 1 
ATOM   633 C  "C4'" . DT  C 3 6  ? 19.229  -1.762  -8.969  1.00 96.20  ? 6   DT  C "C4'" 1 
ATOM   634 O  "O4'" . DT  C 3 6  ? 19.842  -1.172  -7.804  1.00 94.12  ? 6   DT  C "O4'" 1 
ATOM   635 C  "C3'" . DT  C 3 6  ? 17.779  -1.902  -8.555  1.00 92.84  ? 6   DT  C "C3'" 1 
ATOM   636 O  "O3'" . DT  C 3 6  ? 17.072  -2.863  -9.397  1.00 89.83  ? 6   DT  C "O3'" 1 
ATOM   637 C  "C2'" . DT  C 3 6  ? 17.906  -2.361  -7.100  1.00 90.13  ? 6   DT  C "C2'" 1 
ATOM   638 C  "C1'" . DT  C 3 6  ? 19.248  -1.756  -6.658  1.00 91.32  ? 6   DT  C "C1'" 1 
ATOM   639 N  N1    . DT  C 3 6  ? 19.110  -0.728  -5.565  1.00 92.22  ? 6   DT  C N1    1 
ATOM   640 C  C2    . DT  C 3 6  ? 19.255  -1.123  -4.252  1.00 92.46  ? 6   DT  C C2    1 
ATOM   641 O  O2    . DT  C 3 6  ? 19.500  -2.259  -3.926  1.00 94.27  ? 6   DT  C O2    1 
ATOM   642 N  N3    . DT  C 3 6  ? 19.107  -0.132  -3.325  1.00 90.13  ? 6   DT  C N3    1 
ATOM   643 C  C4    . DT  C 3 6  ? 18.828  1.195   -3.560  1.00 92.33  ? 6   DT  C C4    1 
ATOM   644 O  O4    . DT  C 3 6  ? 18.717  2.011   -2.645  1.00 91.13  ? 6   DT  C O4    1 
ATOM   645 C  C5    . DT  C 3 6  ? 18.677  1.557   -4.956  1.00 95.20  ? 6   DT  C C5    1 
ATOM   646 C  C7    . DT  C 3 6  ? 18.367  2.977   -5.333  1.00 101.58 ? 6   DT  C C7    1 
ATOM   647 C  C6    . DT  C 3 6  ? 18.820  0.585   -5.884  1.00 92.69  ? 6   DT  C C6    1 
ATOM   648 P  P     . DT  C 3 7  ? 17.312  -4.456  -9.297  1.00 91.44  ? 7   DT  C P     1 
ATOM   649 O  OP1   . DT  C 3 7  ? 18.760  -4.753  -9.244  1.00 95.68  ? 7   DT  C OP1   1 
ATOM   650 O  OP2   . DT  C 3 7  ? 16.496  -5.064  -10.372 1.00 90.99  ? 7   DT  C OP2   1 
ATOM   651 O  "O5'" . DT  C 3 7  ? 16.657  -4.890  -7.904  1.00 82.93  ? 7   DT  C "O5'" 1 
ATOM   652 C  "C5'" . DT  C 3 7  ? 17.311  -5.866  -7.112  1.00 84.92  ? 7   DT  C "C5'" 1 
ATOM   653 C  "C4'" . DT  C 3 7  ? 16.752  -5.898  -5.706  1.00 81.64  ? 7   DT  C "C4'" 1 
ATOM   654 O  "O4'" . DT  C 3 7  ? 16.864  -4.600  -5.097  1.00 80.27  ? 7   DT  C "O4'" 1 
ATOM   655 C  "C3'" . DT  C 3 7  ? 15.274  -6.265  -5.606  1.00 76.04  ? 7   DT  C "C3'" 1 
ATOM   656 O  "O3'" . DT  C 3 7  ? 15.154  -7.595  -5.158  1.00 70.69  ? 7   DT  C "O3'" 1 
ATOM   657 C  "C2'" . DT  C 3 7  ? 14.697  -5.269  -4.581  1.00 73.48  ? 7   DT  C "C2'" 1 
ATOM   658 C  "C1'" . DT  C 3 7  ? 15.936  -4.555  -4.051  1.00 76.77  ? 7   DT  C "C1'" 1 
ATOM   659 N  N1    . DT  C 3 7  ? 15.698  -3.128  -3.672  1.00 77.35  ? 7   DT  C N1    1 
ATOM   660 C  C2    . DT  C 3 7  ? 15.666  -2.780  -2.339  1.00 78.69  ? 7   DT  C C2    1 
ATOM   661 O  O2    . DT  C 3 7  ? 15.825  -3.579  -1.439  1.00 81.55  ? 7   DT  C O2    1 
ATOM   662 N  N3    . DT  C 3 7  ? 15.443  -1.453  -2.097  1.00 76.94  ? 7   DT  C N3    1 
ATOM   663 C  C4    . DT  C 3 7  ? 15.251  -0.459  -3.031  1.00 80.22  ? 7   DT  C C4    1 
ATOM   664 O  O4    . DT  C 3 7  ? 15.059  0.709   -2.714  1.00 83.42  ? 7   DT  C O4    1 
ATOM   665 C  C5    . DT  C 3 7  ? 15.295  -0.891  -4.409  1.00 80.93  ? 7   DT  C C5    1 
ATOM   666 C  C7    . DT  C 3 7  ? 15.100  0.101   -5.514  1.00 89.09  ? 7   DT  C C7    1 
ATOM   667 C  C6    . DT  C 3 7  ? 15.512  -2.189  -4.659  1.00 77.39  ? 7   DT  C C6    1 
ATOM   668 P  P     . DG  C 3 8  ? 13.704  -8.259  -4.995  1.00 73.20  ? 8   DG  C P     1 
ATOM   669 O  OP1   . DG  C 3 8  ? 13.868  -9.721  -5.174  1.00 68.57  ? 8   DG  C OP1   1 
ATOM   670 O  OP2   . DG  C 3 8  ? 12.770  -7.503  -5.862  1.00 73.99  ? 8   DG  C OP2   1 
ATOM   671 O  "O5'" . DG  C 3 8  ? 13.325  -7.965  -3.470  1.00 62.39  ? 8   DG  C "O5'" 1 
ATOM   672 C  "C5'" . DG  C 3 8  ? 14.102  -8.546  -2.439  1.00 65.39  ? 8   DG  C "C5'" 1 
ATOM   673 C  "C4'" . DG  C 3 8  ? 13.689  -8.022  -1.075  1.00 66.92  ? 8   DG  C "C4'" 1 
ATOM   674 O  "O4'" . DG  C 3 8  ? 13.790  -6.577  -1.051  1.00 71.29  ? 8   DG  C "O4'" 1 
ATOM   675 C  "C3'" . DG  C 3 8  ? 12.257  -8.348  -0.645  1.00 59.56  ? 8   DG  C "C3'" 1 
ATOM   676 O  "O3'" . DG  C 3 8  ? 12.255  -8.711  0.722   1.00 56.84  ? 8   DG  C "O3'" 1 
ATOM   677 C  "C2'" . DG  C 3 8  ? 11.520  -7.028  -0.867  1.00 65.12  ? 8   DG  C "C2'" 1 
ATOM   678 C  "C1'" . DG  C 3 8  ? 12.608  -6.039  -0.504  1.00 65.82  ? 8   DG  C "C1'" 1 
ATOM   679 N  N9    . DG  C 3 8  ? 12.429  -4.700  -1.054  1.00 64.77  ? 8   DG  C N9    1 
ATOM   680 C  C8    . DG  C 3 8  ? 12.384  -4.344  -2.379  1.00 68.70  ? 8   DG  C C8    1 
ATOM   681 N  N7    . DG  C 3 8  ? 12.252  -3.061  -2.566  1.00 71.08  ? 8   DG  C N7    1 
ATOM   682 C  C5    . DG  C 3 8  ? 12.220  -2.534  -1.282  1.00 68.86  ? 8   DG  C C5    1 
ATOM   683 C  C6    . DG  C 3 8  ? 12.090  -1.196  -0.847  1.00 75.07  ? 8   DG  C C6    1 
ATOM   684 O  O6    . DG  C 3 8  ? 11.978  -0.175  -1.534  1.00 81.38  ? 8   DG  C O6    1 
ATOM   685 N  N1    . DG  C 3 8  ? 12.102  -1.100  0.541   1.00 70.30  ? 8   DG  C N1    1 
ATOM   686 C  C2    . DG  C 3 8  ? 12.225  -2.165  1.397   1.00 69.93  ? 8   DG  C C2    1 
ATOM   687 N  N2    . DG  C 3 8  ? 12.215  -1.883  2.705   1.00 75.99  ? 8   DG  C N2    1 
ATOM   688 N  N3    . DG  C 3 8  ? 12.345  -3.422  1.003   1.00 68.13  ? 8   DG  C N3    1 
ATOM   689 C  C4    . DG  C 3 8  ? 12.334  -3.530  -0.343  1.00 65.34  ? 8   DG  C C4    1 
ATOM   690 P  P     . DT  C 3 9  ? 10.929  -9.311  1.397   1.00 59.65  ? 9   DT  C P     1 
ATOM   691 O  OP1   . DT  C 3 9  ? 11.352  -10.394 2.315   1.00 59.35  ? 9   DT  C OP1   1 
ATOM   692 O  OP2   . DT  C 3 9  ? 9.971   -9.612  0.312   1.00 65.54  ? 9   DT  C OP2   1 
ATOM   693 O  "O5'" . DT  C 3 9  ? 10.338  -8.092  2.249   1.00 55.00  ? 9   DT  C "O5'" 1 
ATOM   694 C  "C5'" . DT  C 3 9  ? 10.966  -7.712  3.463   1.00 63.27  ? 9   DT  C "C5'" 1 
ATOM   695 C  "C4'" . DT  C 3 9  ? 10.155  -6.652  4.185   1.00 63.78  ? 9   DT  C "C4'" 1 
ATOM   696 O  "O4'" . DT  C 3 9  ? 10.244  -5.389  3.469   1.00 66.91  ? 9   DT  C "O4'" 1 
ATOM   697 C  "C3'" . DT  C 3 9  ? 8.663   -6.955  4.308   1.00 59.53  ? 9   DT  C "C3'" 1 
ATOM   698 O  "O3'" . DT  C 3 9  ? 8.199   -6.553  5.587   1.00 56.79  ? 9   DT  C "O3'" 1 
ATOM   699 C  "C2'" . DT  C 3 9  ? 8.056   -6.100  3.210   1.00 64.09  ? 9   DT  C "C2'" 1 
ATOM   700 C  "C1'" . DT  C 3 9  ? 8.945   -4.879  3.295   1.00 61.17  ? 9   DT  C "C1'" 1 
ATOM   701 N  N1    . DT  C 3 9  ? 8.913   -4.058  2.076   1.00 64.13  ? 9   DT  C N1    1 
ATOM   702 C  C2    . DT  C 3 9  ? 8.927   -2.694  2.194   1.00 67.37  ? 9   DT  C C2    1 
ATOM   703 O  O2    . DT  C 3 9  ? 8.984   -2.122  3.267   1.00 70.41  ? 9   DT  C O2    1 
ATOM   704 N  N3    . DT  C 3 9  ? 8.881   -2.018  1.004   1.00 67.05  ? 9   DT  C N3    1 
ATOM   705 C  C4    . DT  C 3 9  ? 8.816   -2.567  -0.264  1.00 67.50  ? 9   DT  C C4    1 
ATOM   706 O  O4    . DT  C 3 9  ? 8.776   -1.879  -1.279  1.00 70.49  ? 9   DT  C O4    1 
ATOM   707 C  C5    . DT  C 3 9  ? 8.795   -4.007  -0.312  1.00 65.22  ? 9   DT  C C5    1 
ATOM   708 C  C7    . DT  C 3 9  ? 8.725   -4.715  -1.631  1.00 66.81  ? 9   DT  C C7    1 
ATOM   709 C  C6    . DT  C 3 9  ? 8.842   -4.676  0.848   1.00 64.37  ? 9   DT  C C6    1 
ATOM   710 P  P     . DG  D 4 1  ? -13.979 9.400   -2.381  1.00 79.90  ? 10  DG  D P     1 
ATOM   711 O  OP1   . DG  D 4 1  ? -13.167 9.297   -1.145  1.00 61.64  ? 10  DG  D OP1   1 
ATOM   712 O  OP2   . DG  D 4 1  ? -14.874 10.560  -2.600  1.00 79.54  ? 10  DG  D OP2   1 
ATOM   713 O  "O5'" . DG  D 4 1  ? -13.021 9.292   -3.658  1.00 73.58  ? 10  DG  D "O5'" 1 
ATOM   714 C  "C5'" . DG  D 4 1  ? -11.762 8.648   -3.545  1.00 70.54  ? 10  DG  D "C5'" 1 
ATOM   715 C  "C4'" . DG  D 4 1  ? -11.474 7.783   -4.765  1.00 73.74  ? 10  DG  D "C4'" 1 
ATOM   716 O  "O4'" . DG  D 4 1  ? -10.231 7.071   -4.549  1.00 77.60  ? 10  DG  D "O4'" 1 
ATOM   717 C  "C3'" . DG  D 4 1  ? -12.538 6.725   -5.079  1.00 75.83  ? 10  DG  D "C3'" 1 
ATOM   718 O  "O3'" . DG  D 4 1  ? -13.291 7.115   -6.226  1.00 73.52  ? 10  DG  D "O3'" 1 
ATOM   719 C  "C2'" . DG  D 4 1  ? -11.738 5.452   -5.362  1.00 76.05  ? 10  DG  D "C2'" 1 
ATOM   720 C  "C1'" . DG  D 4 1  ? -10.447 5.679   -4.595  1.00 73.50  ? 10  DG  D "C1'" 1 
ATOM   721 N  N9    . DG  D 4 1  ? -10.464 5.155   -3.230  1.00 70.30  ? 10  DG  D N9    1 
ATOM   722 C  C8    . DG  D 4 1  ? -10.502 5.878   -2.062  1.00 72.07  ? 10  DG  D C8    1 
ATOM   723 N  N7    . DG  D 4 1  ? -10.499 5.136   -0.991  1.00 70.87  ? 10  DG  D N7    1 
ATOM   724 C  C5    . DG  D 4 1  ? -10.453 3.837   -1.478  1.00 74.76  ? 10  DG  D C5    1 
ATOM   725 C  C6    . DG  D 4 1  ? -10.430 2.604   -0.785  1.00 79.30  ? 10  DG  D C6    1 
ATOM   726 O  O6    . DG  D 4 1  ? -10.446 2.414   0.440   1.00 78.83  ? 10  DG  D O6    1 
ATOM   727 N  N1    . DG  D 4 1  ? -10.382 1.520   -1.660  1.00 81.36  ? 10  DG  D N1    1 
ATOM   728 C  C2    . DG  D 4 1  ? -10.360 1.616   -3.033  1.00 81.47  ? 10  DG  D C2    1 
ATOM   729 N  N2    . DG  D 4 1  ? -10.312 0.460   -3.716  1.00 84.30  ? 10  DG  D N2    1 
ATOM   730 N  N3    . DG  D 4 1  ? -10.382 2.767   -3.695  1.00 75.67  ? 10  DG  D N3    1 
ATOM   731 C  C4    . DG  D 4 1  ? -10.429 3.831   -2.856  1.00 73.54  ? 10  DG  D C4    1 
ATOM   732 P  P     . DG  D 4 2  ? -14.814 6.626   -6.402  1.00 82.88  ? 11  DG  D P     1 
ATOM   733 O  OP1   . DG  D 4 2  ? -15.226 6.990   -7.776  1.00 75.36  ? 11  DG  D OP1   1 
ATOM   734 O  OP2   . DG  D 4 2  ? -15.584 7.139   -5.244  1.00 75.37  ? 11  DG  D OP2   1 
ATOM   735 O  "O5'" . DG  D 4 2  ? -14.738 5.027   -6.281  1.00 73.42  ? 11  DG  D "O5'" 1 
ATOM   736 C  "C5'" . DG  D 4 2  ? -14.473 4.230   -7.438  1.00 76.22  ? 11  DG  D "C5'" 1 
ATOM   737 C  "C4'" . DG  D 4 2  ? -14.275 2.768   -7.062  1.00 82.02  ? 11  DG  D "C4'" 1 
ATOM   738 O  "O4'" . DG  D 4 2  ? -13.497 2.694   -5.856  1.00 76.08  ? 11  DG  D "O4'" 1 
ATOM   739 C  "C3'" . DG  D 4 2  ? -15.551 2.002   -6.748  1.00 88.28  ? 11  DG  D "C3'" 1 
ATOM   740 O  "O3'" . DG  D 4 2  ? -16.053 1.386   -7.926  1.00 88.92  ? 11  DG  D "O3'" 1 
ATOM   741 C  "C2'" . DG  D 4 2  ? -15.101 0.943   -5.737  1.00 88.70  ? 11  DG  D "C2'" 1 
ATOM   742 C  "C1'" . DG  D 4 2  ? -13.794 1.495   -5.175  1.00 78.48  ? 11  DG  D "C1'" 1 
ATOM   743 N  N9    . DG  D 4 2  ? -13.836 1.785   -3.750  1.00 75.74  ? 11  DG  D N9    1 
ATOM   744 C  C8    . DG  D 4 2  ? -13.921 3.025   -3.172  1.00 77.83  ? 11  DG  D C8    1 
ATOM   745 N  N7    . DG  D 4 2  ? -13.918 2.993   -1.871  1.00 79.50  ? 11  DG  D N7    1 
ATOM   746 C  C5    . DG  D 4 2  ? -13.822 1.644   -1.564  1.00 82.16  ? 11  DG  D C5    1 
ATOM   747 C  C6    . DG  D 4 2  ? -13.776 1.002   -0.306  1.00 91.39  ? 11  DG  D C6    1 
ATOM   748 O  O6    . DG  D 4 2  ? -13.814 1.521   0.819   1.00 94.75  ? 11  DG  D O6    1 
ATOM   749 N  N1    . DG  D 4 2  ? -13.675 -0.380  -0.436  1.00 92.02  ? 11  DG  D N1    1 
ATOM   750 C  C2    . DG  D 4 2  ? -13.626 -1.058  -1.633  1.00 91.82  ? 11  DG  D C2    1 
ATOM   751 N  N2    . DG  D 4 2  ? -13.531 -2.394  -1.559  1.00 95.65  ? 11  DG  D N2    1 
ATOM   752 N  N3    . DG  D 4 2  ? -13.668 -0.465  -2.825  1.00 84.98  ? 11  DG  D N3    1 
ATOM   753 C  C4    . DG  D 4 2  ? -13.765 0.884   -2.712  1.00 79.78  ? 11  DG  D C4    1 
ATOM   754 P  P     . DT  D 4 3  ? -17.524 0.737   -7.926  1.00 96.57  ? 12  DT  D P     1 
ATOM   755 O  OP1   . DT  D 4 3  ? -17.883 0.455   -9.335  1.00 98.40  ? 12  DT  D OP1   1 
ATOM   756 O  OP2   . DT  D 4 3  ? -18.375 1.624   -7.102  1.00 90.53  ? 12  DT  D OP2   1 
ATOM   757 O  "O5'" . DT  D 4 3  ? -17.362 -0.651  -7.129  1.00 87.11  ? 12  DT  D "O5'" 1 
ATOM   758 C  "C5'" . DT  D 4 3  ? -16.917 -1.827  -7.813  1.00 93.04  ? 12  DT  D "C5'" 1 
ATOM   759 C  "C4'" . DT  D 4 3  ? -16.946 -3.051  -6.902  1.00 98.14  ? 12  DT  D "C4'" 1 
ATOM   760 O  "O4'" . DT  D 4 3  ? -16.437 -2.699  -5.588  1.00 94.89  ? 12  DT  D "O4'" 1 
ATOM   761 C  "C3'" . DT  D 4 3  ? -18.327 -3.665  -6.665  1.00 101.93 ? 12  DT  D "C3'" 1 
ATOM   762 O  "O3'" . DT  D 4 3  ? -18.224 -5.092  -6.592  1.00 106.12 ? 12  DT  D "O3'" 1 
ATOM   763 C  "C2'" . DT  D 4 3  ? -18.741 -3.063  -5.326  1.00 101.32 ? 12  DT  D "C2'" 1 
ATOM   764 C  "C1'" . DT  D 4 3  ? -17.408 -2.981  -4.599  1.00 96.11  ? 12  DT  D "C1'" 1 
ATOM   765 N  N1    . DT  D 4 3  ? -17.361 -1.892  -3.601  1.00 92.90  ? 12  DT  D N1    1 
ATOM   766 C  C2    . DT  D 4 3  ? -17.070 -2.179  -2.284  1.00 96.58  ? 12  DT  D C2    1 
ATOM   767 O  O2    . DT  D 4 3  ? -16.846 -3.306  -1.877  1.00 99.47  ? 12  DT  D O2    1 
ATOM   768 N  N3    . DT  D 4 3  ? -17.048 -1.084  -1.455  1.00 94.93  ? 12  DT  D N3    1 
ATOM   769 C  C4    . DT  D 4 3  ? -17.286 0.233   -1.807  1.00 92.92  ? 12  DT  D C4    1 
ATOM   770 O  O4    . DT  D 4 3  ? -17.247 1.152   -0.993  1.00 89.65  ? 12  DT  D O4    1 
ATOM   771 C  C5    . DT  D 4 3  ? -17.583 0.455   -3.203  1.00 91.63  ? 12  DT  D C5    1 
ATOM   772 C  C7    . DT  D 4 3  ? -17.859 1.839   -3.705  1.00 92.20  ? 12  DT  D C7    1 
ATOM   773 C  C6    . DT  D 4 3  ? -17.607 -0.605  -4.018  1.00 89.52  ? 12  DT  D C6    1 
ATOM   774 P  P     . DC  D 4 4  ? -19.505 -5.987  -6.208  1.00 115.06 ? 13  DC  D P     1 
ATOM   775 O  OP1   . DC  D 4 4  ? -19.244 -7.368  -6.673  1.00 108.98 ? 13  DC  D OP1   1 
ATOM   776 O  OP2   . DC  D 4 4  ? -20.716 -5.275  -6.676  1.00 112.66 ? 13  DC  D OP2   1 
ATOM   777 O  "O5'" . DC  D 4 4  ? -19.512 -5.989  -4.606  1.00 100.56 ? 13  DC  D "O5'" 1 
ATOM   778 C  "C5'" . DC  D 4 4  ? -18.392 -6.497  -3.889  1.00 100.55 ? 13  DC  D "C5'" 1 
ATOM   779 C  "C4'" . DC  D 4 4  ? -18.809 -7.040  -2.531  1.00 104.51 ? 13  DC  D "C4'" 1 
ATOM   780 O  "O4'" . DC  D 4 4  ? -18.736 -5.987  -1.536  1.00 101.87 ? 13  DC  D "O4'" 1 
ATOM   781 C  "C3'" . DC  D 4 4  ? -20.229 -7.580  -2.452  1.00 111.53 ? 13  DC  D "C3'" 1 
ATOM   782 O  "O3'" . DC  D 4 4  ? -20.280 -8.632  -1.497  1.00 120.27 ? 13  DC  D "O3'" 1 
ATOM   783 C  "C2'" . DC  D 4 4  ? -21.013 -6.358  -1.981  1.00 110.89 ? 13  DC  D "C2'" 1 
ATOM   784 C  "C1'" . DC  D 4 4  ? -20.026 -5.729  -1.010  1.00 104.67 ? 13  DC  D "C1'" 1 
ATOM   785 N  N1    . DC  D 4 4  ? -20.175 -4.263  -0.883  1.00 103.37 ? 13  DC  D N1    1 
ATOM   786 C  C2    . DC  D 4 4  ? -19.960 -3.650  0.356   1.00 107.97 ? 13  DC  D C2    1 
ATOM   787 O  O2    . DC  D 4 4  ? -19.660 -4.350  1.329   1.00 109.74 ? 13  DC  D O2    1 
ATOM   788 N  N3    . DC  D 4 4  ? -20.088 -2.304  0.452   1.00 107.39 ? 13  DC  D N3    1 
ATOM   789 C  C4    . DC  D 4 4  ? -20.411 -1.587  -0.625  1.00 106.39 ? 13  DC  D C4    1 
ATOM   790 N  N4    . DC  D 4 4  ? -20.528 -0.260  -0.486  1.00 106.24 ? 13  DC  D N4    1 
ATOM   791 C  C5    . DC  D 4 4  ? -20.630 -2.196  -1.897  1.00 102.15 ? 13  DC  D C5    1 
ATOM   792 C  C6    . DC  D 4 4  ? -20.500 -3.523  -1.980  1.00 101.01 ? 13  DC  D C6    1 
ATOM   793 P  P     . DT  D 4 5  ? -21.573 -9.583  -1.386  1.00 134.40 ? 14  DT  D P     1 
ATOM   794 O  OP1   . DT  D 4 5  ? -21.125 -10.966 -1.662  1.00 131.31 ? 14  DT  D OP1   1 
ATOM   795 O  OP2   . DT  D 4 5  ? -22.660 -9.000  -2.204  1.00 128.63 ? 14  DT  D OP2   1 
ATOM   796 O  "O5'" . DT  D 4 5  ? -21.987 -9.472  0.157   1.00 126.05 ? 14  DT  D "O5'" 1 
ATOM   797 C  "C5'" . DT  D 4 5  ? -21.931 -8.213  0.812   1.00 119.76 ? 14  DT  D "C5'" 1 
ATOM   798 C  "C4'" . DT  D 4 5  ? -22.003 -8.367  2.318   1.00 126.48 ? 14  DT  D "C4'" 1 
ATOM   799 O  "O4'" . DT  D 4 5  ? -21.787 -7.072  2.927   1.00 126.86 ? 14  DT  D "O4'" 1 
ATOM   800 C  "C3'" . DT  D 4 5  ? -23.353 -8.823  2.845   1.00 136.78 ? 14  DT  D "C3'" 1 
ATOM   801 O  "O3'" . DT  D 4 5  ? -23.215 -9.413  4.141   1.00 144.32 ? 14  DT  D "O3'" 1 
ATOM   802 C  "C2'" . DT  D 4 5  ? -24.117 -7.511  2.910   1.00 135.53 ? 14  DT  D "C2'" 1 
ATOM   803 C  "C1'" . DT  D 4 5  ? -23.028 -6.523  3.335   1.00 130.72 ? 14  DT  D "C1'" 1 
ATOM   804 N  N1    . DT  D 4 5  ? -23.188 -5.172  2.715   1.00 125.91 ? 14  DT  D N1    1 
ATOM   805 C  C2    . DT  D 4 5  ? -23.014 -4.044  3.488   1.00 125.20 ? 14  DT  D C2    1 
ATOM   806 O  O2    . DT  D 4 5  ? -22.716 -4.080  4.670   1.00 124.00 ? 14  DT  D O2    1 
ATOM   807 N  N3    . DT  D 4 5  ? -23.196 -2.858  2.818   1.00 122.79 ? 14  DT  D N3    1 
ATOM   808 C  C4    . DT  D 4 5  ? -23.533 -2.698  1.481   1.00 119.30 ? 14  DT  D C4    1 
ATOM   809 O  O4    . DT  D 4 5  ? -23.675 -1.594  0.966   1.00 115.84 ? 14  DT  D O4    1 
ATOM   810 C  C5    . DT  D 4 5  ? -23.706 -3.923  0.735   1.00 117.40 ? 14  DT  D C5    1 
ATOM   811 C  C7    . DT  D 4 5  ? -24.072 -3.877  -0.718  1.00 111.69 ? 14  DT  D C7    1 
ATOM   812 C  C6    . DT  D 4 5  ? -23.531 -5.085  1.381   1.00 120.33 ? 14  DT  D C6    1 
ATOM   813 P  P     . DG  D 4 6  ? -24.329 -10.438 4.692   1.00 153.57 ? 15  DG  D P     1 
ATOM   814 O  OP1   . DG  D 4 6  ? -23.862 -10.963 5.997   1.00 146.19 ? 15  DG  D OP1   1 
ATOM   815 O  OP2   . DG  D 4 6  ? -24.662 -11.368 3.589   1.00 145.92 ? 15  DG  D OP2   1 
ATOM   816 O  "O5'" . DG  D 4 6  ? -25.614 -9.520  4.942   1.00 143.89 ? 15  DG  D "O5'" 1 
ATOM   817 C  "C5'" . DG  D 4 6  ? -26.241 -9.502  6.217   1.00 140.45 ? 15  DG  D "C5'" 1 
ATOM   818 C  "C4'" . DG  D 4 6  ? -25.996 -8.175  6.909   1.00 141.25 ? 15  DG  D "C4'" 1 
ATOM   819 O  "O4'" . DG  D 4 6  ? -25.530 -7.216  5.944   1.00 138.26 ? 15  DG  D "O4'" 1 
ATOM   820 C  "C3'" . DG  D 4 6  ? -27.229 -7.545  7.534   1.00 141.74 ? 15  DG  D "C3'" 1 
ATOM   821 O  "O3'" . DG  D 4 6  ? -27.364 -8.005  8.900   1.00 144.61 ? 15  DG  D "O3'" 1 
ATOM   822 C  "C2'" . DG  D 4 6  ? -26.958 -6.034  7.431   1.00 140.89 ? 15  DG  D "C2'" 1 
ATOM   823 C  "C1'" . DG  D 4 6  ? -25.849 -5.914  6.383   1.00 137.79 ? 15  DG  D "C1'" 1 
ATOM   824 N  N9    . DG  D 4 6  ? -26.210 -5.110  5.214   1.00 132.89 ? 15  DG  D N9    1 
ATOM   825 C  C8    . DG  D 4 6  ? -26.532 -5.582  3.962   1.00 127.35 ? 15  DG  D C8    1 
ATOM   826 N  N7    . DG  D 4 6  ? -26.796 -4.643  3.100   1.00 123.34 ? 15  DG  D N7    1 
ATOM   827 C  C5    . DG  D 4 6  ? -26.639 -3.465  3.821   1.00 127.83 ? 15  DG  D C5    1 
ATOM   828 C  C6    . DG  D 4 6  ? -26.798 -2.121  3.407   1.00 128.36 ? 15  DG  D C6    1 
ATOM   829 O  O6    . DG  D 4 6  ? -27.114 -1.696  2.287   1.00 126.95 ? 15  DG  D O6    1 
ATOM   830 N  N1    . DG  D 4 6  ? -26.544 -1.224  4.446   1.00 129.98 ? 15  DG  D N1    1 
ATOM   831 C  C2    . DG  D 4 6  ? -26.183 -1.578  5.728   1.00 130.00 ? 15  DG  D C2    1 
ATOM   832 N  N2    . DG  D 4 6  ? -25.984 -0.562  6.593   1.00 126.98 ? 15  DG  D N2    1 
ATOM   833 N  N3    . DG  D 4 6  ? -26.030 -2.841  6.133   1.00 130.57 ? 15  DG  D N3    1 
ATOM   834 C  C4    . DG  D 4 6  ? -26.275 -3.729  5.127   1.00 131.06 ? 15  DG  D C4    1 
ATOM   835 P  P     . DC  D 4 7  ? -27.762 -7.018  10.113  1.00 156.47 ? 16  DC  D P     1 
ATOM   836 O  OP1   . DC  D 4 7  ? -26.612 -6.137  10.422  1.00 152.70 ? 16  DC  D OP1   1 
ATOM   837 O  OP2   . DC  D 4 7  ? -28.290 -7.892  11.185  1.00 152.63 ? 16  DC  D OP2   1 
ATOM   838 O  "O5'" . DC  D 4 7  ? -29.004 -6.165  9.562   1.00 146.22 ? 16  DC  D "O5'" 1 
ATOM   839 C  "C5'" . DC  D 4 7  ? -29.556 -5.103  10.348  1.00 141.86 ? 16  DC  D "C5'" 1 
ATOM   840 C  "C4'" . DC  D 4 7  ? -28.854 -3.783  10.060  1.00 140.91 ? 16  DC  D "C4'" 1 
ATOM   841 O  "O4'" . DC  D 4 7  ? -28.547 -3.694  8.642   1.00 137.60 ? 16  DC  D "O4'" 1 
ATOM   842 C  "C3'" . DC  D 4 7  ? -29.671 -2.532  10.391  1.00 135.43 ? 16  DC  D "C3'" 1 
ATOM   843 O  "O3'" . DC  D 4 7  ? -28.825 -1.529  10.946  1.00 137.23 ? 16  DC  D "O3'" 1 
ATOM   844 C  "C2'" . DC  D 4 7  ? -30.211 -2.112  9.027   1.00 130.52 ? 16  DC  D "C2'" 1 
ATOM   845 C  "C1'" . DC  D 4 7  ? -29.042 -2.479  8.133   1.00 130.97 ? 16  DC  D "C1'" 1 
ATOM   846 N  N1    . DC  D 4 7  ? -29.411 -2.674  6.699   1.00 127.00 ? 16  DC  D N1    1 
ATOM   847 C  C2    . DC  D 4 7  ? -29.535 -1.559  5.865   1.00 126.28 ? 16  DC  D C2    1 
ATOM   848 O  O2    . DC  D 4 7  ? -29.343 -0.430  6.336   1.00 124.26 ? 16  DC  D O2    1 
ATOM   849 N  N3    . DC  D 4 7  ? -29.868 -1.748  4.562   1.00 126.10 ? 16  DC  D N3    1 
ATOM   850 C  C4    . DC  D 4 7  ? -30.067 -2.983  4.095   1.00 124.70 ? 16  DC  D C4    1 
ATOM   851 N  N4    . DC  D 4 7  ? -30.388 -3.117  2.803   1.00 124.14 ? 16  DC  D N4    1 
ATOM   852 C  C5    . DC  D 4 7  ? -29.940 -4.133  4.929   1.00 123.23 ? 16  DC  D C5    1 
ATOM   853 C  C6    . DC  D 4 7  ? -29.613 -3.934  6.212   1.00 124.94 ? 16  DC  D C6    1 
HETATM 854 AS AS    . CAC E 5 .  ? -27.918 -2.723  -1.189  1.00 206.63 ? 101 CAC A AS    1 
HETATM 855 AS AS    . CAC F 5 .  ? -1.578  -4.290  0.382   1.00 230.32 ? 101 CAC B AS    1 
HETATM 856 AS AS    . CAC G 5 .  ? -8.708  6.143   4.253   1.00 266.93 ? 102 CAC B AS    1 
HETATM 857 MG MG    . MG  H 6 .  ? 0.776   7.088   -1.363  1.00 71.99  ? 103 MG  B MG    1 
HETATM 858 C  C1    . HT1 I 7 .  ? 24.466  -1.437  -8.642  1.00 115.92 ? 101 HT1 C C1    1 
HETATM 859 O  O1    . HT1 I 7 .  ? 25.232  -0.567  -9.434  1.00 116.43 ? 101 HT1 C O1    1 
HETATM 860 C  C2    . HT1 I 7 .  ? 24.596  -2.814  -8.779  1.00 117.36 ? 101 HT1 C C2    1 
HETATM 861 C  C3    . HT1 I 7 .  ? 23.841  -3.680  -7.998  1.00 113.55 ? 101 HT1 C C3    1 
HETATM 862 C  C4    . HT1 I 7 .  ? 22.950  -3.161  -7.072  1.00 109.57 ? 101 HT1 C C4    1 
HETATM 863 C  C5    . HT1 I 7 .  ? 22.824  -1.783  -6.936  1.00 108.85 ? 101 HT1 C C5    1 
HETATM 864 C  C6    . HT1 I 7 .  ? 23.575  -0.919  -7.715  1.00 110.39 ? 101 HT1 C C6    1 
HETATM 865 C  C7    . HT1 I 7 .  ? 22.160  -3.964  -6.253  1.00 107.43 ? 101 HT1 C C7    1 
HETATM 866 N  N1    . HT1 I 7 .  ? 21.570  -3.687  -5.084  1.00 107.89 ? 101 HT1 C N1    1 
HETATM 867 C  C8    . HT1 I 7 .  ? 20.908  -4.765  -4.687  1.00 102.41 ? 101 HT1 C C8    1 
HETATM 868 C  C9    . HT1 I 7 .  ? 21.065  -5.744  -5.604  1.00 102.41 ? 101 HT1 C C9    1 
HETATM 869 N  N2    . HT1 I 7 .  ? 21.846  -5.244  -6.583  1.00 103.78 ? 101 HT1 C N2    1 
HETATM 870 C  C10   . HT1 I 7 .  ? 20.430  -6.993  -5.366  1.00 98.14  ? 101 HT1 C C10   1 
HETATM 871 C  C11   . HT1 I 7 .  ? 19.662  -7.204  -4.215  1.00 94.25  ? 101 HT1 C C11   1 
HETATM 872 C  C12   . HT1 I 7 .  ? 19.529  -6.179  -3.290  1.00 91.75  ? 101 HT1 C C12   1 
HETATM 873 C  C13   . HT1 I 7 .  ? 20.144  -4.983  -3.537  1.00 94.53  ? 101 HT1 C C13   1 
HETATM 874 C  C14   . HT1 I 7 .  ? 18.738  -6.452  -2.186  1.00 88.29  ? 101 HT1 C C14   1 
HETATM 875 N  N3    . HT1 I 7 .  ? 17.946  -5.626  -1.487  1.00 86.26  ? 101 HT1 C N3    1 
HETATM 876 C  C15   . HT1 I 7 .  ? 17.381  -6.300  -0.502  1.00 80.50  ? 101 HT1 C C15   1 
HETATM 877 C  C16   . HT1 I 7 .  ? 17.820  -7.577  -0.565  1.00 81.93  ? 101 HT1 C C16   1 
HETATM 878 N  N4    . HT1 I 7 .  ? 18.666  -7.672  -1.609  1.00 85.89  ? 101 HT1 C N4    1 
HETATM 879 C  C17   . HT1 I 7 .  ? 17.347  -8.494  0.401   1.00 80.76  ? 101 HT1 C C17   1 
HETATM 880 C  C18   . HT1 I 7 .  ? 16.452  -8.086  1.386   1.00 78.85  ? 101 HT1 C C18   1 
HETATM 881 C  C19   . HT1 I 7 .  ? 16.018  -6.770  1.434   1.00 78.24  ? 101 HT1 C C19   1 
HETATM 882 C  C20   . HT1 I 7 .  ? 16.481  -5.884  0.489   1.00 77.81  ? 101 HT1 C C20   1 
HETATM 883 N  N5    . HT1 I 7 .  ? 15.088  -6.566  2.534   1.00 79.45  ? 101 HT1 C N5    1 
HETATM 884 C  C21   . HT1 I 7 .  ? 15.508  -7.197  3.770   1.00 76.42  ? 101 HT1 C C21   1 
HETATM 885 C  C22   . HT1 I 7 .  ? 14.505  -6.906  4.890   1.00 74.31  ? 101 HT1 C C22   1 
HETATM 886 N  N6    . HT1 I 7 .  ? 14.268  -5.484  5.083   1.00 77.59  ? 101 HT1 C N6    1 
HETATM 887 C  C23   . HT1 I 7 .  ? 13.933  -4.802  3.843   1.00 80.44  ? 101 HT1 C C23   1 
HETATM 888 C  C24   . HT1 I 7 .  ? 14.923  -5.132  2.723   1.00 80.22  ? 101 HT1 C C24   1 
HETATM 889 C  C25   . HT1 I 7 .  ? 13.218  -5.279  6.067   1.00 77.06  ? 101 HT1 C C25   1 
HETATM 890 C  C26   . HT1 I 7 .  ? 24.480  0.324   -10.214 1.00 108.32 ? 101 HT1 C C26   1 
HETATM 891 C  C27   . HT1 I 7 .  ? 24.187  -0.298  -11.580 1.00 100.90 ? 101 HT1 C C27   1 
HETATM 892 AS AS    . CAC J 5 .  ? 11.281  -13.069 5.646   1.00 153.99 ? 102 CAC C AS    1 
HETATM 893 O  O     . HOH K 8 .  ? -6.128  2.380   -7.916  1.00 72.57  ? 201 HOH A O     1 
HETATM 894 O  O     . HOH L 8 .  ? 9.873   -2.252  6.140   1.00 57.96  ? 201 HOH C O     1 
HETATM 895 O  O     . HOH L 8 .  ? 11.000  -4.506  -6.715  1.00 54.93  ? 202 HOH C O     1 
# 
loop_
_pdbx_poly_seq_scheme.asym_id 
_pdbx_poly_seq_scheme.entity_id 
_pdbx_poly_seq_scheme.seq_id 
_pdbx_poly_seq_scheme.mon_id 
_pdbx_poly_seq_scheme.ndb_seq_num 
_pdbx_poly_seq_scheme.pdb_seq_num 
_pdbx_poly_seq_scheme.auth_seq_num 
_pdbx_poly_seq_scheme.pdb_mon_id 
_pdbx_poly_seq_scheme.auth_mon_id 
_pdbx_poly_seq_scheme.pdb_strand_id 
_pdbx_poly_seq_scheme.pdb_ins_code 
_pdbx_poly_seq_scheme.hetero 
A 1 1  DG 1  1  1  DG DG A . n 
A 1 2  DA 2  2  2  DA DA A . n 
A 1 3  DG 3  3  3  DG DG A . n 
A 1 4  DC 4  4  4  DC DC A . n 
A 1 5  DA 5  5  5  DA DA A . n 
A 1 6  DG 6  6  6  DG DG A . n 
A 1 7  DA 7  7  7  DA DA A . n 
A 1 8  DC 8  8  8  DC DC A . n 
A 1 9  DC 9  9  9  DC DC A . n 
A 1 10 DT 10 10 10 DT DT A . n 
A 1 11 DG 11 11 11 DG DG A . n 
A 1 12 DA 12 12 12 DA DA A . n 
A 1 13 DC 13 13 13 DC DC A . n 
A 1 14 DG 14 14 14 DG DG A . n 
A 1 15 DA 15 15 15 DA DA A . n 
A 1 16 DC 16 16 16 DC DC A . n 
A 1 17 DA 17 17 17 DA DA A . n 
A 1 18 DA 18 18 18 DA DA A . n 
A 1 19 DT 19 19 19 DT DT A . n 
A 1 20 DT 20 20 20 DT DT A . n 
A 1 21 DA 21 21 21 DA DA A . n 
B 2 1  DC 1  1  1  DC DC B . n 
B 2 2  DG 2  2  2  DG DG B . n 
B 2 3  DT 3  3  3  DT DT B . n 
B 2 4  DC 4  4  4  DC DC B . n 
B 2 5  DA 5  5  5  DA DA B . n 
C 3 1  DT 1  1  1  DT DT C . n 
C 3 2  DC 2  2  2  DC DC C . n 
C 3 3  DT 3  3  3  DT DT C . n 
C 3 4  DA 4  4  4  DA DA C . n 
C 3 5  DA 5  5  5  DA DA C . n 
C 3 6  DT 6  6  6  DT DT C . n 
C 3 7  DT 7  7  7  DT DT C . n 
C 3 8  DG 8  8  8  DG DG C . n 
C 3 9  DT 9  9  9  DT DT C . n 
D 4 1  DG 1  10 10 DG DG D . n 
D 4 2  DG 2  11 11 DG DG D . n 
D 4 3  DT 3  12 12 DT DT D . n 
D 4 4  DC 4  13 13 DC DC D . n 
D 4 5  DT 5  14 14 DT DT D . n 
D 4 6  DG 6  15 15 DG DG D . n 
D 4 7  DC 7  16 16 DC DC D . n 
# 
_pdbx_contact_author.id                 2 
_pdbx_contact_author.email              hao.yan@asu.edu 
_pdbx_contact_author.name_first         Hao 
_pdbx_contact_author.name_last          Yan 
_pdbx_contact_author.name_mi            ? 
_pdbx_contact_author.role               'principal investigator/group leader' 
_pdbx_contact_author.identifier_ORCID   0000-0001-7397-9852 
# 
loop_
_pdbx_nonpoly_scheme.asym_id 
_pdbx_nonpoly_scheme.entity_id 
_pdbx_nonpoly_scheme.mon_id 
_pdbx_nonpoly_scheme.ndb_seq_num 
_pdbx_nonpoly_scheme.pdb_seq_num 
_pdbx_nonpoly_scheme.auth_seq_num 
_pdbx_nonpoly_scheme.pdb_mon_id 
_pdbx_nonpoly_scheme.auth_mon_id 
_pdbx_nonpoly_scheme.pdb_strand_id 
_pdbx_nonpoly_scheme.pdb_ins_code 
E 5 CAC 1 101 3   CAC AS  A . 
F 5 CAC 1 101 2   CAC AS  B . 
G 5 CAC 1 102 4   CAC AS  B . 
H 6 MG  1 103 1   MG  MG  B . 
I 7 HT1 1 101 101 HT1 HT1 C . 
J 5 CAC 1 102 1   CAC AS  C . 
K 8 HOH 1 201 4   HOH HOH A . 
L 8 HOH 1 201 2   HOH HOH C . 
L 8 HOH 2 202 3   HOH HOH C . 
# 
_pdbx_struct_assembly.id                   1 
_pdbx_struct_assembly.details              author_defined_assembly 
_pdbx_struct_assembly.method_details       ? 
_pdbx_struct_assembly.oligomeric_details   tetrameric 
_pdbx_struct_assembly.oligomeric_count     4 
# 
_pdbx_struct_assembly_gen.assembly_id       1 
_pdbx_struct_assembly_gen.oper_expression   1 
_pdbx_struct_assembly_gen.asym_id_list      A,B,C,D,E,F,G,H,I,J,K,L 
# 
_pdbx_struct_oper_list.id                   1 
_pdbx_struct_oper_list.type                 'identity operation' 
_pdbx_struct_oper_list.name                 1_555 
_pdbx_struct_oper_list.symmetry_operation   x,y,z 
_pdbx_struct_oper_list.matrix[1][1]         1.0000000000 
_pdbx_struct_oper_list.matrix[1][2]         0.0000000000 
_pdbx_struct_oper_list.matrix[1][3]         0.0000000000 
_pdbx_struct_oper_list.vector[1]            0.0000000000 
_pdbx_struct_oper_list.matrix[2][1]         0.0000000000 
_pdbx_struct_oper_list.matrix[2][2]         1.0000000000 
_pdbx_struct_oper_list.matrix[2][3]         0.0000000000 
_pdbx_struct_oper_list.vector[2]            0.0000000000 
_pdbx_struct_oper_list.matrix[3][1]         0.0000000000 
_pdbx_struct_oper_list.matrix[3][2]         0.0000000000 
_pdbx_struct_oper_list.matrix[3][3]         1.0000000000 
_pdbx_struct_oper_list.vector[3]            0.0000000000 
# 
_pdbx_audit_revision_history.ordinal             1 
_pdbx_audit_revision_history.data_content_type   'Structure model' 
_pdbx_audit_revision_history.major_revision      1 
_pdbx_audit_revision_history.minor_revision      0 
_pdbx_audit_revision_history.revision_date       2023-12-20 
# 
_pdbx_audit_revision_details.ordinal             1 
_pdbx_audit_revision_details.revision_ordinal    1 
_pdbx_audit_revision_details.data_content_type   'Structure model' 
_pdbx_audit_revision_details.provider            repository 
_pdbx_audit_revision_details.type                'Initial release' 
_pdbx_audit_revision_details.description         ? 
_pdbx_audit_revision_details.details             ? 
# 
loop_
_software.citation_id 
_software.classification 
_software.compiler_name 
_software.compiler_version 
_software.contact_author 
_software.contact_author_email 
_software.date 
_software.description 
_software.dependencies 
_software.hardware 
_software.language 
_software.location 
_software.mods 
_software.name 
_software.os 
_software.os_version 
_software.type 
_software.version 
_software.pdbx_ordinal 
? refinement       ? ? ? ? ? ? ? ? ? ? ? PHENIX   ? ? ? '(1.19.2_4158: ???)' 1 
? 'data scaling'   ? ? ? ? ? ? ? ? ? ? ? HKL-2000 ? ? ? .                    2 
? 'data reduction' ? ? ? ? ? ? ? ? ? ? ? HKL-2000 ? ? ? .                    3 
? phasing          ? ? ? ? ? ? ? ? ? ? ? PHASER   ? ? ? .                    4 
# 
_pdbx_entry_details.entry_id                 8TBD 
_pdbx_entry_details.has_ligand_of_interest   N 
_pdbx_entry_details.compound_details         ? 
_pdbx_entry_details.source_details           ? 
_pdbx_entry_details.nonpolymer_details       ? 
_pdbx_entry_details.sequence_details         ? 
# 
loop_
_pdbx_validate_rmsd_angle.id 
_pdbx_validate_rmsd_angle.PDB_model_num 
_pdbx_validate_rmsd_angle.auth_atom_id_1 
_pdbx_validate_rmsd_angle.auth_asym_id_1 
_pdbx_validate_rmsd_angle.auth_comp_id_1 
_pdbx_validate_rmsd_angle.auth_seq_id_1 
_pdbx_validate_rmsd_angle.PDB_ins_code_1 
_pdbx_validate_rmsd_angle.label_alt_id_1 
_pdbx_validate_rmsd_angle.auth_atom_id_2 
_pdbx_validate_rmsd_angle.auth_asym_id_2 
_pdbx_validate_rmsd_angle.auth_comp_id_2 
_pdbx_validate_rmsd_angle.auth_seq_id_2 
_pdbx_validate_rmsd_angle.PDB_ins_code_2 
_pdbx_validate_rmsd_angle.label_alt_id_2 
_pdbx_validate_rmsd_angle.auth_atom_id_3 
_pdbx_validate_rmsd_angle.auth_asym_id_3 
_pdbx_validate_rmsd_angle.auth_comp_id_3 
_pdbx_validate_rmsd_angle.auth_seq_id_3 
_pdbx_validate_rmsd_angle.PDB_ins_code_3 
_pdbx_validate_rmsd_angle.label_alt_id_3 
_pdbx_validate_rmsd_angle.angle_value 
_pdbx_validate_rmsd_angle.angle_target_value 
_pdbx_validate_rmsd_angle.angle_deviation 
_pdbx_validate_rmsd_angle.angle_standard_deviation 
_pdbx_validate_rmsd_angle.linker_flag 
1 1 "O4'" B DA 5 ? ? "C1'" B DA 5 ? ? N9 B DA 5 ? ? 110.25 108.30 1.95 0.30 N 
2 1 "O4'" C DT 6 ? ? "C1'" C DT 6 ? ? N1 C DT 6 ? ? 110.11 108.30 1.81 0.30 N 
# 
loop_
_pdbx_unobs_or_zero_occ_atoms.id 
_pdbx_unobs_or_zero_occ_atoms.PDB_model_num 
_pdbx_unobs_or_zero_occ_atoms.polymer_flag 
_pdbx_unobs_or_zero_occ_atoms.occupancy_flag 
_pdbx_unobs_or_zero_occ_atoms.auth_asym_id 
_pdbx_unobs_or_zero_occ_atoms.auth_comp_id 
_pdbx_unobs_or_zero_occ_atoms.auth_seq_id 
_pdbx_unobs_or_zero_occ_atoms.PDB_ins_code 
_pdbx_unobs_or_zero_occ_atoms.auth_atom_id 
_pdbx_unobs_or_zero_occ_atoms.label_alt_id 
_pdbx_unobs_or_zero_occ_atoms.label_asym_id 
_pdbx_unobs_or_zero_occ_atoms.label_comp_id 
_pdbx_unobs_or_zero_occ_atoms.label_seq_id 
_pdbx_unobs_or_zero_occ_atoms.label_atom_id 
1  1 Y 1 A DG  1   ? "O5'" ? A DG  1 "O5'" 
2  1 Y 1 C DT  1   ? "O5'" ? C DT  1 "O5'" 
3  1 N 1 A CAC 101 ? O1    ? E CAC 1 O1    
4  1 N 1 A CAC 101 ? O2    ? E CAC 1 O2    
5  1 N 1 A CAC 101 ? C1    ? E CAC 1 C1    
6  1 N 1 A CAC 101 ? C2    ? E CAC 1 C2    
7  1 N 1 B CAC 101 ? O1    ? F CAC 1 O1    
8  1 N 1 B CAC 101 ? O2    ? F CAC 1 O2    
9  1 N 1 B CAC 101 ? C1    ? F CAC 1 C1    
10 1 N 1 B CAC 101 ? C2    ? F CAC 1 C2    
11 1 N 1 B CAC 102 ? O1    ? G CAC 1 O1    
12 1 N 1 B CAC 102 ? O2    ? G CAC 1 O2    
13 1 N 1 B CAC 102 ? C1    ? G CAC 1 C1    
14 1 N 1 B CAC 102 ? C2    ? G CAC 1 C2    
15 1 N 1 C CAC 102 ? O1    ? J CAC 1 O1    
16 1 N 1 C CAC 102 ? O2    ? J CAC 1 O2    
17 1 N 1 C CAC 102 ? C1    ? J CAC 1 C1    
18 1 N 1 C CAC 102 ? C2    ? J CAC 1 C2    
# 
loop_
_chem_comp_atom.comp_id 
_chem_comp_atom.atom_id 
_chem_comp_atom.type_symbol 
_chem_comp_atom.pdbx_aromatic_flag 
_chem_comp_atom.pdbx_stereo_config 
_chem_comp_atom.pdbx_ordinal 
CAC AS     AS N N 1   
CAC O1     O  N N 2   
CAC O2     O  N N 3   
CAC C1     C  N N 4   
CAC C2     C  N N 5   
CAC H11    H  N N 6   
CAC H12    H  N N 7   
CAC H13    H  N N 8   
CAC H21    H  N N 9   
CAC H22    H  N N 10  
CAC H23    H  N N 11  
DA  OP3    O  N N 12  
DA  P      P  N N 13  
DA  OP1    O  N N 14  
DA  OP2    O  N N 15  
DA  "O5'"  O  N N 16  
DA  "C5'"  C  N N 17  
DA  "C4'"  C  N R 18  
DA  "O4'"  O  N N 19  
DA  "C3'"  C  N S 20  
DA  "O3'"  O  N N 21  
DA  "C2'"  C  N N 22  
DA  "C1'"  C  N R 23  
DA  N9     N  Y N 24  
DA  C8     C  Y N 25  
DA  N7     N  Y N 26  
DA  C5     C  Y N 27  
DA  C6     C  Y N 28  
DA  N6     N  N N 29  
DA  N1     N  Y N 30  
DA  C2     C  Y N 31  
DA  N3     N  Y N 32  
DA  C4     C  Y N 33  
DA  HOP3   H  N N 34  
DA  HOP2   H  N N 35  
DA  "H5'"  H  N N 36  
DA  "H5''" H  N N 37  
DA  "H4'"  H  N N 38  
DA  "H3'"  H  N N 39  
DA  "HO3'" H  N N 40  
DA  "H2'"  H  N N 41  
DA  "H2''" H  N N 42  
DA  "H1'"  H  N N 43  
DA  H8     H  N N 44  
DA  H61    H  N N 45  
DA  H62    H  N N 46  
DA  H2     H  N N 47  
DC  OP3    O  N N 48  
DC  P      P  N N 49  
DC  OP1    O  N N 50  
DC  OP2    O  N N 51  
DC  "O5'"  O  N N 52  
DC  "C5'"  C  N N 53  
DC  "C4'"  C  N R 54  
DC  "O4'"  O  N N 55  
DC  "C3'"  C  N S 56  
DC  "O3'"  O  N N 57  
DC  "C2'"  C  N N 58  
DC  "C1'"  C  N R 59  
DC  N1     N  N N 60  
DC  C2     C  N N 61  
DC  O2     O  N N 62  
DC  N3     N  N N 63  
DC  C4     C  N N 64  
DC  N4     N  N N 65  
DC  C5     C  N N 66  
DC  C6     C  N N 67  
DC  HOP3   H  N N 68  
DC  HOP2   H  N N 69  
DC  "H5'"  H  N N 70  
DC  "H5''" H  N N 71  
DC  "H4'"  H  N N 72  
DC  "H3'"  H  N N 73  
DC  "HO3'" H  N N 74  
DC  "H2'"  H  N N 75  
DC  "H2''" H  N N 76  
DC  "H1'"  H  N N 77  
DC  H41    H  N N 78  
DC  H42    H  N N 79  
DC  H5     H  N N 80  
DC  H6     H  N N 81  
DG  OP3    O  N N 82  
DG  P      P  N N 83  
DG  OP1    O  N N 84  
DG  OP2    O  N N 85  
DG  "O5'"  O  N N 86  
DG  "C5'"  C  N N 87  
DG  "C4'"  C  N R 88  
DG  "O4'"  O  N N 89  
DG  "C3'"  C  N S 90  
DG  "O3'"  O  N N 91  
DG  "C2'"  C  N N 92  
DG  "C1'"  C  N R 93  
DG  N9     N  Y N 94  
DG  C8     C  Y N 95  
DG  N7     N  Y N 96  
DG  C5     C  Y N 97  
DG  C6     C  N N 98  
DG  O6     O  N N 99  
DG  N1     N  N N 100 
DG  C2     C  N N 101 
DG  N2     N  N N 102 
DG  N3     N  N N 103 
DG  C4     C  Y N 104 
DG  HOP3   H  N N 105 
DG  HOP2   H  N N 106 
DG  "H5'"  H  N N 107 
DG  "H5''" H  N N 108 
DG  "H4'"  H  N N 109 
DG  "H3'"  H  N N 110 
DG  "HO3'" H  N N 111 
DG  "H2'"  H  N N 112 
DG  "H2''" H  N N 113 
DG  "H1'"  H  N N 114 
DG  H8     H  N N 115 
DG  H1     H  N N 116 
DG  H21    H  N N 117 
DG  H22    H  N N 118 
DT  OP3    O  N N 119 
DT  P      P  N N 120 
DT  OP1    O  N N 121 
DT  OP2    O  N N 122 
DT  "O5'"  O  N N 123 
DT  "C5'"  C  N N 124 
DT  "C4'"  C  N R 125 
DT  "O4'"  O  N N 126 
DT  "C3'"  C  N S 127 
DT  "O3'"  O  N N 128 
DT  "C2'"  C  N N 129 
DT  "C1'"  C  N R 130 
DT  N1     N  N N 131 
DT  C2     C  N N 132 
DT  O2     O  N N 133 
DT  N3     N  N N 134 
DT  C4     C  N N 135 
DT  O4     O  N N 136 
DT  C5     C  N N 137 
DT  C7     C  N N 138 
DT  C6     C  N N 139 
DT  HOP3   H  N N 140 
DT  HOP2   H  N N 141 
DT  "H5'"  H  N N 142 
DT  "H5''" H  N N 143 
DT  "H4'"  H  N N 144 
DT  "H3'"  H  N N 145 
DT  "HO3'" H  N N 146 
DT  "H2'"  H  N N 147 
DT  "H2''" H  N N 148 
DT  "H1'"  H  N N 149 
DT  H3     H  N N 150 
DT  H71    H  N N 151 
DT  H72    H  N N 152 
DT  H73    H  N N 153 
DT  H6     H  N N 154 
HOH O      O  N N 155 
HOH H1     H  N N 156 
HOH H2     H  N N 157 
HT1 C1     C  Y N 158 
HT1 O1     O  N N 159 
HT1 C2     C  Y N 160 
HT1 C3     C  Y N 161 
HT1 C4     C  Y N 162 
HT1 C5     C  Y N 163 
HT1 C6     C  Y N 164 
HT1 C7     C  Y N 165 
HT1 N1     N  Y N 166 
HT1 C8     C  Y N 167 
HT1 C9     C  Y N 168 
HT1 N2     N  Y N 169 
HT1 C10    C  Y N 170 
HT1 C11    C  Y N 171 
HT1 C12    C  Y N 172 
HT1 C13    C  Y N 173 
HT1 C14    C  Y N 174 
HT1 N3     N  Y N 175 
HT1 C15    C  Y N 176 
HT1 C16    C  Y N 177 
HT1 N4     N  Y N 178 
HT1 C17    C  Y N 179 
HT1 C18    C  Y N 180 
HT1 C19    C  Y N 181 
HT1 C20    C  Y N 182 
HT1 N5     N  N N 183 
HT1 C21    C  N N 184 
HT1 C22    C  N N 185 
HT1 N6     N  N N 186 
HT1 C23    C  N N 187 
HT1 C24    C  N N 188 
HT1 C25    C  N N 189 
HT1 C26    C  N N 190 
HT1 C27    C  N N 191 
HT1 H2     H  N N 192 
HT1 H3     H  N N 193 
HT1 H5     H  N N 194 
HT1 H6     H  N N 195 
HT1 HN1    H  N N 196 
HT1 H10    H  N N 197 
HT1 H11    H  N N 198 
HT1 H13    H  N N 199 
HT1 HN3    H  N N 200 
HT1 H17    H  N N 201 
HT1 H18    H  N N 202 
HT1 H20    H  N N 203 
HT1 H211   H  N N 204 
HT1 H212   H  N N 205 
HT1 H221   H  N N 206 
HT1 H222   H  N N 207 
HT1 H231   H  N N 208 
HT1 H232   H  N N 209 
HT1 H241   H  N N 210 
HT1 H242   H  N N 211 
HT1 H251   H  N N 212 
HT1 H252   H  N N 213 
HT1 H253   H  N N 214 
HT1 H261   H  N N 215 
HT1 H262   H  N N 216 
HT1 H271   H  N N 217 
HT1 H272   H  N N 218 
HT1 H273   H  N N 219 
MG  MG     MG N N 220 
# 
loop_
_chem_comp_bond.comp_id 
_chem_comp_bond.atom_id_1 
_chem_comp_bond.atom_id_2 
_chem_comp_bond.value_order 
_chem_comp_bond.pdbx_aromatic_flag 
_chem_comp_bond.pdbx_stereo_config 
_chem_comp_bond.pdbx_ordinal 
CAC AS    O1     doub N N 1   
CAC AS    O2     sing N N 2   
CAC AS    C1     sing N N 3   
CAC AS    C2     sing N N 4   
CAC C1    H11    sing N N 5   
CAC C1    H12    sing N N 6   
CAC C1    H13    sing N N 7   
CAC C2    H21    sing N N 8   
CAC C2    H22    sing N N 9   
CAC C2    H23    sing N N 10  
DA  OP3   P      sing N N 11  
DA  OP3   HOP3   sing N N 12  
DA  P     OP1    doub N N 13  
DA  P     OP2    sing N N 14  
DA  P     "O5'"  sing N N 15  
DA  OP2   HOP2   sing N N 16  
DA  "O5'" "C5'"  sing N N 17  
DA  "C5'" "C4'"  sing N N 18  
DA  "C5'" "H5'"  sing N N 19  
DA  "C5'" "H5''" sing N N 20  
DA  "C4'" "O4'"  sing N N 21  
DA  "C4'" "C3'"  sing N N 22  
DA  "C4'" "H4'"  sing N N 23  
DA  "O4'" "C1'"  sing N N 24  
DA  "C3'" "O3'"  sing N N 25  
DA  "C3'" "C2'"  sing N N 26  
DA  "C3'" "H3'"  sing N N 27  
DA  "O3'" "HO3'" sing N N 28  
DA  "C2'" "C1'"  sing N N 29  
DA  "C2'" "H2'"  sing N N 30  
DA  "C2'" "H2''" sing N N 31  
DA  "C1'" N9     sing N N 32  
DA  "C1'" "H1'"  sing N N 33  
DA  N9    C8     sing Y N 34  
DA  N9    C4     sing Y N 35  
DA  C8    N7     doub Y N 36  
DA  C8    H8     sing N N 37  
DA  N7    C5     sing Y N 38  
DA  C5    C6     sing Y N 39  
DA  C5    C4     doub Y N 40  
DA  C6    N6     sing N N 41  
DA  C6    N1     doub Y N 42  
DA  N6    H61    sing N N 43  
DA  N6    H62    sing N N 44  
DA  N1    C2     sing Y N 45  
DA  C2    N3     doub Y N 46  
DA  C2    H2     sing N N 47  
DA  N3    C4     sing Y N 48  
DC  OP3   P      sing N N 49  
DC  OP3   HOP3   sing N N 50  
DC  P     OP1    doub N N 51  
DC  P     OP2    sing N N 52  
DC  P     "O5'"  sing N N 53  
DC  OP2   HOP2   sing N N 54  
DC  "O5'" "C5'"  sing N N 55  
DC  "C5'" "C4'"  sing N N 56  
DC  "C5'" "H5'"  sing N N 57  
DC  "C5'" "H5''" sing N N 58  
DC  "C4'" "O4'"  sing N N 59  
DC  "C4'" "C3'"  sing N N 60  
DC  "C4'" "H4'"  sing N N 61  
DC  "O4'" "C1'"  sing N N 62  
DC  "C3'" "O3'"  sing N N 63  
DC  "C3'" "C2'"  sing N N 64  
DC  "C3'" "H3'"  sing N N 65  
DC  "O3'" "HO3'" sing N N 66  
DC  "C2'" "C1'"  sing N N 67  
DC  "C2'" "H2'"  sing N N 68  
DC  "C2'" "H2''" sing N N 69  
DC  "C1'" N1     sing N N 70  
DC  "C1'" "H1'"  sing N N 71  
DC  N1    C2     sing N N 72  
DC  N1    C6     sing N N 73  
DC  C2    O2     doub N N 74  
DC  C2    N3     sing N N 75  
DC  N3    C4     doub N N 76  
DC  C4    N4     sing N N 77  
DC  C4    C5     sing N N 78  
DC  N4    H41    sing N N 79  
DC  N4    H42    sing N N 80  
DC  C5    C6     doub N N 81  
DC  C5    H5     sing N N 82  
DC  C6    H6     sing N N 83  
DG  OP3   P      sing N N 84  
DG  OP3   HOP3   sing N N 85  
DG  P     OP1    doub N N 86  
DG  P     OP2    sing N N 87  
DG  P     "O5'"  sing N N 88  
DG  OP2   HOP2   sing N N 89  
DG  "O5'" "C5'"  sing N N 90  
DG  "C5'" "C4'"  sing N N 91  
DG  "C5'" "H5'"  sing N N 92  
DG  "C5'" "H5''" sing N N 93  
DG  "C4'" "O4'"  sing N N 94  
DG  "C4'" "C3'"  sing N N 95  
DG  "C4'" "H4'"  sing N N 96  
DG  "O4'" "C1'"  sing N N 97  
DG  "C3'" "O3'"  sing N N 98  
DG  "C3'" "C2'"  sing N N 99  
DG  "C3'" "H3'"  sing N N 100 
DG  "O3'" "HO3'" sing N N 101 
DG  "C2'" "C1'"  sing N N 102 
DG  "C2'" "H2'"  sing N N 103 
DG  "C2'" "H2''" sing N N 104 
DG  "C1'" N9     sing N N 105 
DG  "C1'" "H1'"  sing N N 106 
DG  N9    C8     sing Y N 107 
DG  N9    C4     sing Y N 108 
DG  C8    N7     doub Y N 109 
DG  C8    H8     sing N N 110 
DG  N7    C5     sing Y N 111 
DG  C5    C6     sing N N 112 
DG  C5    C4     doub Y N 113 
DG  C6    O6     doub N N 114 
DG  C6    N1     sing N N 115 
DG  N1    C2     sing N N 116 
DG  N1    H1     sing N N 117 
DG  C2    N2     sing N N 118 
DG  C2    N3     doub N N 119 
DG  N2    H21    sing N N 120 
DG  N2    H22    sing N N 121 
DG  N3    C4     sing N N 122 
DT  OP3   P      sing N N 123 
DT  OP3   HOP3   sing N N 124 
DT  P     OP1    doub N N 125 
DT  P     OP2    sing N N 126 
DT  P     "O5'"  sing N N 127 
DT  OP2   HOP2   sing N N 128 
DT  "O5'" "C5'"  sing N N 129 
DT  "C5'" "C4'"  sing N N 130 
DT  "C5'" "H5'"  sing N N 131 
DT  "C5'" "H5''" sing N N 132 
DT  "C4'" "O4'"  sing N N 133 
DT  "C4'" "C3'"  sing N N 134 
DT  "C4'" "H4'"  sing N N 135 
DT  "O4'" "C1'"  sing N N 136 
DT  "C3'" "O3'"  sing N N 137 
DT  "C3'" "C2'"  sing N N 138 
DT  "C3'" "H3'"  sing N N 139 
DT  "O3'" "HO3'" sing N N 140 
DT  "C2'" "C1'"  sing N N 141 
DT  "C2'" "H2'"  sing N N 142 
DT  "C2'" "H2''" sing N N 143 
DT  "C1'" N1     sing N N 144 
DT  "C1'" "H1'"  sing N N 145 
DT  N1    C2     sing N N 146 
DT  N1    C6     sing N N 147 
DT  C2    O2     doub N N 148 
DT  C2    N3     sing N N 149 
DT  N3    C4     sing N N 150 
DT  N3    H3     sing N N 151 
DT  C4    O4     doub N N 152 
DT  C4    C5     sing N N 153 
DT  C5    C7     sing N N 154 
DT  C5    C6     doub N N 155 
DT  C7    H71    sing N N 156 
DT  C7    H72    sing N N 157 
DT  C7    H73    sing N N 158 
DT  C6    H6     sing N N 159 
HOH O     H1     sing N N 160 
HOH O     H2     sing N N 161 
HT1 C1    O1     sing N N 162 
HT1 C1    C2     doub Y N 163 
HT1 C1    C6     sing Y N 164 
HT1 O1    C26    sing N N 165 
HT1 C2    C3     sing Y N 166 
HT1 C2    H2     sing N N 167 
HT1 C3    C4     doub Y N 168 
HT1 C3    H3     sing N N 169 
HT1 C4    C5     sing Y N 170 
HT1 C4    C7     sing Y N 171 
HT1 C5    C6     doub Y N 172 
HT1 C5    H5     sing N N 173 
HT1 C6    H6     sing N N 174 
HT1 C7    N1     sing Y N 175 
HT1 C7    N2     doub Y N 176 
HT1 N1    C8     sing Y N 177 
HT1 N1    HN1    sing N N 178 
HT1 C8    C9     doub Y N 179 
HT1 C8    C13    sing Y N 180 
HT1 C9    N2     sing Y N 181 
HT1 C9    C10    sing Y N 182 
HT1 C10   C11    doub Y N 183 
HT1 C10   H10    sing N N 184 
HT1 C11   C12    sing Y N 185 
HT1 C11   H11    sing N N 186 
HT1 C12   C13    doub Y N 187 
HT1 C12   C14    sing Y N 188 
HT1 C13   H13    sing N N 189 
HT1 C14   N3     sing Y N 190 
HT1 C14   N4     doub Y N 191 
HT1 N3    C15    sing Y N 192 
HT1 N3    HN3    sing N N 193 
HT1 C15   C16    doub Y N 194 
HT1 C15   C20    sing Y N 195 
HT1 C16   N4     sing Y N 196 
HT1 C16   C17    sing Y N 197 
HT1 C17   C18    doub Y N 198 
HT1 C17   H17    sing N N 199 
HT1 C18   C19    sing Y N 200 
HT1 C18   H18    sing N N 201 
HT1 C19   C20    doub Y N 202 
HT1 C19   N5     sing N N 203 
HT1 C20   H20    sing N N 204 
HT1 N5    C21    sing N N 205 
HT1 N5    C24    sing N N 206 
HT1 C21   C22    sing N N 207 
HT1 C21   H211   sing N N 208 
HT1 C21   H212   sing N N 209 
HT1 C22   N6     sing N N 210 
HT1 C22   H221   sing N N 211 
HT1 C22   H222   sing N N 212 
HT1 N6    C23    sing N N 213 
HT1 N6    C25    sing N N 214 
HT1 C23   C24    sing N N 215 
HT1 C23   H231   sing N N 216 
HT1 C23   H232   sing N N 217 
HT1 C24   H241   sing N N 218 
HT1 C24   H242   sing N N 219 
HT1 C25   H251   sing N N 220 
HT1 C25   H252   sing N N 221 
HT1 C25   H253   sing N N 222 
HT1 C26   C27    sing N N 223 
HT1 C26   H261   sing N N 224 
HT1 C26   H262   sing N N 225 
HT1 C27   H271   sing N N 226 
HT1 C27   H272   sing N N 227 
HT1 C27   H273   sing N N 228 
# 
loop_
_ndb_struct_conf_na.entry_id 
_ndb_struct_conf_na.feature 
8TBD 'double helix'        
8TBD 'a-form double helix' 
8TBD 'b-form double helix' 
# 
loop_
_ndb_struct_na_base_pair.model_number 
_ndb_struct_na_base_pair.i_label_asym_id 
_ndb_struct_na_base_pair.i_label_comp_id 
_ndb_struct_na_base_pair.i_label_seq_id 
_ndb_struct_na_base_pair.i_symmetry 
_ndb_struct_na_base_pair.j_label_asym_id 
_ndb_struct_na_base_pair.j_label_comp_id 
_ndb_struct_na_base_pair.j_label_seq_id 
_ndb_struct_na_base_pair.j_symmetry 
_ndb_struct_na_base_pair.shear 
_ndb_struct_na_base_pair.stretch 
_ndb_struct_na_base_pair.stagger 
_ndb_struct_na_base_pair.buckle 
_ndb_struct_na_base_pair.propeller 
_ndb_struct_na_base_pair.opening 
_ndb_struct_na_base_pair.pair_number 
_ndb_struct_na_base_pair.pair_name 
_ndb_struct_na_base_pair.i_auth_asym_id 
_ndb_struct_na_base_pair.i_auth_seq_id 
_ndb_struct_na_base_pair.i_PDB_ins_code 
_ndb_struct_na_base_pair.j_auth_asym_id 
_ndb_struct_na_base_pair.j_auth_seq_id 
_ndb_struct_na_base_pair.j_PDB_ins_code 
_ndb_struct_na_base_pair.hbond_type_28 
_ndb_struct_na_base_pair.hbond_type_12 
1 A DG 3  1_555 D DC 7 1_555 -0.162 -0.184 0.646  -0.133 -12.651 -1.711 1  A_DG3:DC16_D A 3  ? D 16 ? 19 1 
1 A DC 4  1_555 D DG 6 1_555 0.046  -0.168 0.764  -6.675 -12.363 -6.223 2  A_DC4:DG15_D A 4  ? D 15 ? 19 1 
1 A DA 5  1_555 D DT 5 1_555 0.036  -0.045 -0.076 -3.221 -8.988  -3.291 3  A_DA5:DT14_D A 5  ? D 14 ? 20 1 
1 A DG 6  1_555 D DC 4 1_555 -0.217 -0.114 -0.149 -4.304 -8.328  1.029  4  A_DG6:DC13_D A 6  ? D 13 ? 19 1 
1 A DA 7  1_555 D DT 3 1_555 0.166  -0.120 -0.419 -5.693 -2.948  -2.009 5  A_DA7:DT12_D A 7  ? D 12 ? 20 1 
1 A DC 8  1_555 D DG 2 1_555 0.221  -0.139 -0.205 3.990  -3.015  -0.574 6  A_DC8:DG11_D A 8  ? D 11 ? 19 1 
1 A DC 9  1_555 D DG 1 1_555 0.175  -0.115 0.080  -3.954 -5.866  0.221  7  A_DC9:DG10_D A 9  ? D 10 ? 19 1 
1 A DT 10 1_555 B DA 5 1_555 -0.227 -0.105 0.287  -7.715 1.869   -4.735 8  A_DT10:DA5_B A 10 ? B 5  ? 20 1 
1 A DG 11 1_555 B DC 4 1_555 -0.164 -0.182 0.514  3.976  -0.612  0.126  9  A_DG11:DC4_B A 11 ? B 4  ? 19 1 
1 A DA 12 1_555 B DT 3 1_555 0.151  -0.139 0.212  2.591  -1.144  1.400  10 A_DA12:DT3_B A 12 ? B 3  ? 20 1 
1 A DC 13 1_555 B DG 2 1_555 0.215  -0.121 -0.110 1.335  -3.457  -0.534 11 A_DC13:DG2_B A 13 ? B 2  ? 19 1 
1 A DG 14 1_555 B DC 1 1_555 -0.176 -0.179 0.279  -4.790 -7.518  -1.159 12 A_DG14:DC1_B A 14 ? B 1  ? 19 1 
1 A DA 15 1_555 C DT 9 1_555 -0.222 0.239  0.591  -6.393 -1.318  8.622  13 A_DA15:DT9_C A 15 ? C 9  ? 20 1 
1 A DC 16 1_555 C DG 8 1_555 0.182  -0.241 0.735  2.345  0.861   1.511  14 A_DC16:DG8_C A 16 ? C 8  ? 19 1 
1 A DA 17 1_555 C DT 7 1_555 0.143  -0.128 0.459  3.916  -10.099 0.416  15 A_DA17:DT7_C A 17 ? C 7  ? 20 1 
1 A DA 18 1_555 C DT 6 1_555 0.028  -0.091 -0.326 -7.101 -12.835 3.750  16 A_DA18:DT6_C A 18 ? C 6  ? 20 1 
1 A DT 19 1_555 C DA 5 1_555 -0.237 -0.020 -0.032 -9.780 -11.966 0.238  17 A_DT19:DA5_C A 19 ? C 5  ? 20 1 
1 A DT 20 1_555 C DA 4 1_555 -0.194 -0.015 0.038  -6.310 -11.401 -5.133 18 A_DT20:DA4_C A 20 ? C 4  ? 20 1 
1 A DA 21 1_555 C DT 3 1_555 0.054  -0.092 -0.056 -4.120 -12.765 -1.051 19 A_DA21:DT3_C A 21 ? C 3  ? 20 1 
# 
loop_
_ndb_struct_na_base_pair_step.model_number 
_ndb_struct_na_base_pair_step.i_label_asym_id_1 
_ndb_struct_na_base_pair_step.i_label_comp_id_1 
_ndb_struct_na_base_pair_step.i_label_seq_id_1 
_ndb_struct_na_base_pair_step.i_symmetry_1 
_ndb_struct_na_base_pair_step.j_label_asym_id_1 
_ndb_struct_na_base_pair_step.j_label_comp_id_1 
_ndb_struct_na_base_pair_step.j_label_seq_id_1 
_ndb_struct_na_base_pair_step.j_symmetry_1 
_ndb_struct_na_base_pair_step.i_label_asym_id_2 
_ndb_struct_na_base_pair_step.i_label_comp_id_2 
_ndb_struct_na_base_pair_step.i_label_seq_id_2 
_ndb_struct_na_base_pair_step.i_symmetry_2 
_ndb_struct_na_base_pair_step.j_label_asym_id_2 
_ndb_struct_na_base_pair_step.j_label_comp_id_2 
_ndb_struct_na_base_pair_step.j_label_seq_id_2 
_ndb_struct_na_base_pair_step.j_symmetry_2 
_ndb_struct_na_base_pair_step.shift 
_ndb_struct_na_base_pair_step.slide 
_ndb_struct_na_base_pair_step.rise 
_ndb_struct_na_base_pair_step.tilt 
_ndb_struct_na_base_pair_step.roll 
_ndb_struct_na_base_pair_step.twist 
_ndb_struct_na_base_pair_step.x_displacement 
_ndb_struct_na_base_pair_step.y_displacement 
_ndb_struct_na_base_pair_step.helical_rise 
_ndb_struct_na_base_pair_step.inclination 
_ndb_struct_na_base_pair_step.tip 
_ndb_struct_na_base_pair_step.helical_twist 
_ndb_struct_na_base_pair_step.step_number 
_ndb_struct_na_base_pair_step.step_name 
_ndb_struct_na_base_pair_step.i_auth_asym_id_1 
_ndb_struct_na_base_pair_step.i_auth_seq_id_1 
_ndb_struct_na_base_pair_step.i_PDB_ins_code_1 
_ndb_struct_na_base_pair_step.j_auth_asym_id_1 
_ndb_struct_na_base_pair_step.j_auth_seq_id_1 
_ndb_struct_na_base_pair_step.j_PDB_ins_code_1 
_ndb_struct_na_base_pair_step.i_auth_asym_id_2 
_ndb_struct_na_base_pair_step.i_auth_seq_id_2 
_ndb_struct_na_base_pair_step.i_PDB_ins_code_2 
_ndb_struct_na_base_pair_step.j_auth_asym_id_2 
_ndb_struct_na_base_pair_step.j_auth_seq_id_2 
_ndb_struct_na_base_pair_step.j_PDB_ins_code_2 
1 A DG 3  1_555 D DC 7 1_555 A DC 4  1_555 D DG 6 1_555 -1.124 -1.108 3.303 -4.547 -2.118 39.656 -1.369 1.103  3.458 -3.107 6.671  
39.959 1  AA_DG3DC4:DG15DC16_DD A 3  ? D 16 ? A 4  ? D 15 ? 
1 A DC 4  1_555 D DG 6 1_555 A DA 5  1_555 D DT 5 1_555 -0.509 -0.008 3.275 5.517  -1.023 32.138 0.162  1.855  3.145 -1.830 -9.871 
32.612 2  AA_DC4DA5:DT14DG15_DD A 4  ? D 15 ? A 5  ? D 14 ? 
1 A DA 5  1_555 D DT 5 1_555 A DG 6  1_555 D DC 4 1_555 0.488  -0.853 3.292 -3.256 1.829  30.764 -1.947 -1.536 3.170 3.431  6.108  
30.985 3  AA_DA5DG6:DC13DT14_DD A 5  ? D 14 ? A 6  ? D 13 ? 
1 A DG 6  1_555 D DC 4 1_555 A DA 7  1_555 D DT 3 1_555 -0.154 -0.887 3.256 -0.811 1.480  37.042 -1.592 0.134  3.221 2.327  1.276  
37.079 4  AA_DG6DA7:DT12DC13_DD A 6  ? D 13 ? A 7  ? D 12 ? 
1 A DA 7  1_555 D DT 3 1_555 A DC 8  1_555 D DG 2 1_555 0.406  -0.264 3.106 -5.675 1.096  37.044 -0.545 -1.330 3.005 1.712  8.866  
37.477 5  AA_DA7DC8:DG11DT12_DD A 7  ? D 12 ? A 8  ? D 11 ? 
1 A DC 8  1_555 D DG 2 1_555 A DC 9  1_555 D DG 1 1_555 -0.352 -1.653 3.530 -5.125 -1.773 33.982 -2.490 -0.284 3.622 -3.010 8.700  
34.400 6  AA_DC8DC9:DG10DG11_DD A 8  ? D 11 ? A 9  ? D 10 ? 
1 A DC 9  1_555 D DG 1 1_555 A DT 10 1_555 B DA 5 1_555 -1.231 -1.737 3.460 0.391  0.119  27.384 -3.699 2.702  3.435 0.252  -0.826 
27.387 7  AA_DC9DT10:DA5DG10_BD A 9  ? D 10 ? A 10 ? B 5  ? 
1 A DT 10 1_555 B DA 5 1_555 A DG 11 1_555 B DC 4 1_555 0.067  0.575  3.063 -2.844 5.151  26.956 0.010  -0.800 3.094 10.887 6.010  
27.579 8  AA_DT10DG11:DC4DA5_BB A 10 ? B 5  ? A 11 ? B 4  ? 
1 A DG 11 1_555 B DC 4 1_555 A DA 12 1_555 B DT 3 1_555 -0.067 -0.135 3.285 2.102  1.924  40.252 -0.413 0.334  3.268 2.792  -3.049 
40.349 9  AA_DG11DA12:DT3DC4_BB A 11 ? B 4  ? A 12 ? B 3  ? 
1 A DA 12 1_555 B DT 3 1_555 A DC 13 1_555 B DG 2 1_555 0.387  -0.970 3.365 -0.544 -0.442 33.435 -1.611 -0.766 3.371 -0.768 0.946  
33.442 10 AA_DA12DC13:DG2DT3_BB A 12 ? B 3  ? A 13 ? B 2  ? 
1 A DC 13 1_555 B DG 2 1_555 A DG 14 1_555 B DC 1 1_555 -0.155 -0.620 3.448 -6.508 1.676  34.868 -1.277 -0.750 3.389 2.765  10.736 
35.490 11 AA_DC13DG14:DC1DG2_BB A 13 ? B 2  ? A 14 ? B 1  ? 
1 A DG 14 1_555 B DC 1 1_555 A DA 15 1_555 C DT 9 1_555 -0.876 -0.303 3.121 -4.989 -0.936 33.490 -0.373 0.720  3.222 -1.613 8.597  
33.861 12 AA_DG14DA15:DT9DC1_CB A 14 ? B 1  ? A 15 ? C 9  ? 
1 A DA 15 1_555 C DT 9 1_555 A DC 16 1_555 C DG 8 1_555 0.157  -1.012 3.159 -2.290 0.644  31.206 -1.992 -0.706 3.118 1.194  4.248  
31.295 13 AA_DA15DC16:DG8DT9_CC A 15 ? C 9  ? A 16 ? C 8  ? 
1 A DC 16 1_555 C DG 8 1_555 A DA 17 1_555 C DT 7 1_555 -0.135 -0.268 3.130 -0.190 -0.855 35.056 -0.322 0.197  3.136 -1.419 0.315  
35.066 14 AA_DC16DA17:DT7DG8_CC A 16 ? C 8  ? A 17 ? C 7  ? 
1 A DA 17 1_555 C DT 7 1_555 A DA 18 1_555 C DT 6 1_555 -0.226 -0.834 3.592 -0.223 0.006  34.165 -1.420 0.346  3.593 0.010  0.379  
34.166 15 AA_DA17DA18:DT6DT7_CC A 17 ? C 7  ? A 18 ? C 6  ? 
1 A DA 18 1_555 C DT 6 1_555 A DT 19 1_555 C DA 5 1_555 -0.041 -0.609 3.373 -3.148 -0.906 35.779 -0.854 -0.398 3.378 -1.472 5.111  
35.923 16 AA_DA18DT19:DA5DT6_CC A 18 ? C 6  ? A 19 ? C 5  ? 
1 A DT 19 1_555 C DA 5 1_555 A DT 20 1_555 C DA 4 1_555 -0.391 -0.385 3.179 -2.856 3.014  36.107 -1.026 0.240  3.158 4.844  4.589  
36.337 17 AA_DT19DT20:DA4DA5_CC A 19 ? C 5  ? A 20 ? C 4  ? 
1 A DT 20 1_555 C DA 4 1_555 A DA 21 1_555 C DT 3 1_555 -0.432 0.683  3.306 -4.871 4.740  34.853 0.402  -0.028 3.394 7.821  8.037  
35.489 18 AA_DT20DA21:DT3DA4_CC A 20 ? C 4  ? A 21 ? C 3  ? 
# 
loop_
_pdbx_audit_support.funding_organization 
_pdbx_audit_support.country 
_pdbx_audit_support.grant_number 
_pdbx_audit_support.ordinal 
'National Science Foundation (NSF, United States)'                                         'United States' 1360635     1 
'National Institutes of Health/National Institute of General Medical Sciences (NIH/NIGMS)' 'United States' R01GM104960 2 
'National Science Foundation (NSF, United States)'                                         'United States' NSF2004250  3 
# 
loop_
_pdbx_entity_nonpoly.entity_id 
_pdbx_entity_nonpoly.name 
_pdbx_entity_nonpoly.comp_id 
5 'CACODYLATE ION'                                                       CAC 
6 'MAGNESIUM ION'                                                        MG  
7 "2'-(4-ETHOXYPHENYL)-5-(4-METHYL-1-PIPERAZINYL)-2,5'-BI-BENZIMIDAZOLE" HT1 
8 water                                                                  HOH 
# 
_pdbx_initial_refinement_model.id               1 
_pdbx_initial_refinement_model.entity_id_list   ? 
_pdbx_initial_refinement_model.type             'experimental model' 
_pdbx_initial_refinement_model.source_name      PDB 
_pdbx_initial_refinement_model.accession_code   5KEK 
_pdbx_initial_refinement_model.details          ? 
# 
